data_7RPX
#
_entry.id   7RPX
#
_cell.length_a   1.00
_cell.length_b   1.00
_cell.length_c   1.00
_cell.angle_alpha   90.00
_cell.angle_beta   90.00
_cell.angle_gamma   90.00
#
_symmetry.space_group_name_H-M   'P 1'
#
loop_
_entity.id
_entity.type
_entity.pdbx_description
1 polymer 'DNA polymerase sliding clamp 1'
2 polymer 'DNA polymerase sliding clamp 2'
3 polymer 'DNA polymerase sliding clamp 3'
4 polymer 'End-joined DNA'
5 polymer 'Template strand DNA'
6 polymer 'DNA ligase'
7 non-polymer 'MANGANESE (II) ION'
#
loop_
_entity_poly.entity_id
_entity_poly.type
_entity_poly.pdbx_seq_one_letter_code
_entity_poly.pdbx_strand_id
1 'polypeptide(L)'
;MAFKIVYPNAKDFFSFINSITNVTDSIILNFTEDGIFSRHLTEDKVLMAIMRIPKDVLSEYSIDSPTSVKLDVSSVKKIL
SKASSKKATIELTETDSGLKIIIRDEKSGAKSTIYIKAEKGQVEQLTEPKVNLAVNFTTDESVLNVIAADVTLVGEEMRI
STEEDKIKIEAGEEGKRYVAFLMKDKPLKELSIDTSASSSYSAEMFKDAVKGLRGFSAPTMVSFGENLPMKIDVEAVSGG
HMIFWIAPRLLEHHHHHH
;
A
2 'polypeptide(L)'
;MKAKVIDAVSFSYILRTVGDFLSEANFIVTKEGIRVSGIDPSRVVFLDIFLPSSYFEGFEVSQEKEIIGFKLEDVNDILK
RVLKDDTLILSSNESKLTLTFDGEFTRSFELPLIQVESTQPPSVNLEFPFKAQLLTITFADIIDELSDLGEVLNIHSKEN
KLYFEVIGDLSTAKVELSTDNGTLLEASGADVSSSYGMEYVANTTKMRRASDSMELYFGSQIPLKLRFKLPQEGYGDFYI
APRAD
;
B
3 'polypeptide(L)'
;MKVVYDDVRVLKDIIQALARLVDEAVLKFKQDSVELVALDRAHISLISVNLPREMFKEYDVNDEFKFGFNTQYLMKILKV
AKRKEAIEIASESPDSVIINIIGSTNREFNVRNLEVSEQEIPEINLQFDISATISSDGFKSAISEVSTVTDNVVVEGHED
RILIKAEGESEVEVEFSKDTGGLQDLEFSKESKNSYSAEYLDDVLSLTKLSDYVKISFGNQKPLQLFFNMEGGGKVTYLL
APKVLEHHHHHH
;
C
4 'polydeoxyribonucleotide'
;(DG)(DT)(DA)(DT)(DC)(DC)(DT)(DC)(DG)(DT)(DA)(DG)(DT)(DG)(DC)(DA)(DG)(DA)(DT)(DG)
(DC)(DG)(DT)(DC)(DG)(DT)(DC)(DG)(DG)(DA)(DC)(DT)(DG)(DA)(DT)(DT)(DC)(DG)(DG)(DT)
(DA)(DG)(DA)(DT)(DC)(DT)(DG)
;
X
5 'polydeoxyribonucleotide'
;(DC)(DA)(DG)(DA)(DT)(DC)(DT)(DA)(DC)(DC)(DG)(DA)(DA)(DT)(DC)(DA)(DG)(DT)(DC)(DC)
(DG)(DA)(DC)(DG)(DA)(DC)(DG)(DC)(DA)(DT)(DC)(DT)(DG)(DC)(DA)(DC)(DT)(DA)(DC)(DG)
(DA)(DG)(DG)(DA)(DT)(DA)(DC)
;
Z
6 'polypeptide(L)'
;MGSSHHHHHHSSGLVPRGSHMEFKVIAEYFDKLEKISSRLQLTALLADLLSKSDKTIIDKVVYIIQGKLWPDFLGYPELG
IGEKFLIKAISIATNTDENSVENLYKTIGDLGEVARRLKSKQQSTGILGFLGTTSKESLTVDEVYSTLSKVALTTGEGSR
DLKIRLLAGLLKKADPLEAKFLVRFVEGRLRVGIGDATVLDAMAIAFGGGQSASEIIERAYNLRADLGNIAKIIVEKGIE
ALKTLKPQVGIPIRPMLAERLSNPEEILKKMGGNAIVDYKYDGERAQIHKKEDKIFIFSRRLENITSQYPDVVDYVSKYI
EGKEFIIEGEIVAIDPESGEMRPFQELMHRKRKSDIYEAIKEYPVNVFLFDLMYYEDVDYTTKPLEARRKLLESIVKPND
YVKIAHHIQANNVEDLKSFFYRAISEGGEGVMVKAIGKDAIYQAGARGWLWIKLKRDYQSEMADTVDLVVVGGFYGKGKR
GGKISSLLMAAYNPKTDSFESVCKVASGFSDEQLDELQKKLMEIKRDVKHPRVNSKMEPDIWVEPVYVAEIIGSEITISP
LHTCCQDVVEKDAGLSIRFPRFIRWRDDKSPEDATTTDEILEMYNKQPKKKIESPAVDESV
;
E
#
loop_
_chem_comp.id
_chem_comp.type
_chem_comp.name
_chem_comp.formula
DA DNA linking 2'-DEOXYADENOSINE-5'-MONOPHOSPHATE 'C10 H14 N5 O6 P'
DC DNA linking 2'-DEOXYCYTIDINE-5'-MONOPHOSPHATE 'C9 H14 N3 O7 P'
DG DNA linking 2'-DEOXYGUANOSINE-5'-MONOPHOSPHATE 'C10 H14 N5 O7 P'
DT DNA linking THYMIDINE-5'-MONOPHOSPHATE 'C10 H15 N2 O8 P'
MN non-polymer 'MANGANESE (II) ION' 'Mn 2'
#
# COMPACT_ATOMS: atom_id res chain seq x y z
N ALA A 2 -46.19 -1.35 -14.64
CA ALA A 2 -46.58 -0.33 -13.66
C ALA A 2 -47.20 -0.96 -12.43
N PHE A 3 -46.38 -1.14 -11.39
CA PHE A 3 -46.84 -1.73 -10.14
C PHE A 3 -46.31 -0.90 -8.98
N LYS A 4 -46.80 -1.21 -7.78
CA LYS A 4 -46.41 -0.49 -6.57
C LYS A 4 -46.46 -1.46 -5.40
N ILE A 5 -45.30 -2.03 -5.07
CA ILE A 5 -45.18 -3.00 -3.99
C ILE A 5 -44.16 -2.48 -2.98
N VAL A 6 -44.56 -2.38 -1.72
CA VAL A 6 -43.72 -1.84 -0.66
C VAL A 6 -43.21 -3.00 0.18
N TYR A 7 -41.90 -3.00 0.44
CA TYR A 7 -41.28 -3.94 1.36
C TYR A 7 -40.99 -3.21 2.65
N PRO A 8 -41.66 -3.54 3.77
CA PRO A 8 -41.50 -2.74 4.99
C PRO A 8 -40.10 -2.79 5.59
N ASN A 9 -39.26 -3.74 5.19
CA ASN A 9 -37.90 -3.86 5.70
C ASN A 9 -36.92 -3.55 4.57
N ALA A 10 -36.20 -2.44 4.71
CA ALA A 10 -35.17 -2.11 3.70
C ALA A 10 -33.95 -2.99 3.85
N LYS A 11 -33.51 -3.23 5.10
CA LYS A 11 -32.35 -4.08 5.31
C LYS A 11 -32.60 -5.49 4.81
N ASP A 12 -33.85 -5.94 4.84
CA ASP A 12 -34.17 -7.23 4.22
C ASP A 12 -33.91 -7.21 2.73
N PHE A 13 -34.31 -6.13 2.05
CA PHE A 13 -34.03 -6.01 0.63
C PHE A 13 -32.53 -5.98 0.36
N PHE A 14 -31.79 -5.26 1.20
CA PHE A 14 -30.34 -5.21 1.06
C PHE A 14 -29.73 -6.59 1.25
N SER A 15 -30.21 -7.35 2.23
CA SER A 15 -29.72 -8.69 2.44
C SER A 15 -30.02 -9.59 1.25
N PHE A 16 -31.22 -9.45 0.67
CA PHE A 16 -31.56 -10.28 -0.48
C PHE A 16 -30.69 -9.95 -1.68
N ILE A 17 -30.46 -8.67 -1.95
CA ILE A 17 -29.63 -8.33 -3.10
C ILE A 17 -28.18 -8.75 -2.86
N ASN A 18 -27.70 -8.67 -1.62
CA ASN A 18 -26.37 -9.17 -1.32
C ASN A 18 -26.30 -10.69 -1.54
N SER A 19 -27.33 -11.41 -1.09
CA SER A 19 -27.33 -12.86 -1.23
C SER A 19 -27.35 -13.27 -2.68
N ILE A 20 -28.09 -12.55 -3.52
CA ILE A 20 -28.10 -12.89 -4.94
C ILE A 20 -26.87 -12.37 -5.67
N THR A 21 -26.17 -11.38 -5.10
CA THR A 21 -25.00 -10.84 -5.77
C THR A 21 -23.82 -11.80 -5.74
N ASN A 22 -23.74 -12.64 -4.73
CA ASN A 22 -22.58 -13.52 -4.59
C ASN A 22 -22.50 -14.60 -5.64
N VAL A 23 -23.36 -14.60 -6.66
CA VAL A 23 -23.34 -15.66 -7.67
C VAL A 23 -23.04 -15.05 -9.04
N THR A 24 -23.36 -13.78 -9.23
CA THR A 24 -23.18 -13.13 -10.53
C THR A 24 -23.02 -11.63 -10.32
N ASP A 25 -23.12 -10.88 -11.43
CA ASP A 25 -23.06 -9.42 -11.38
C ASP A 25 -24.35 -8.75 -11.80
N SER A 26 -25.15 -9.37 -12.66
CA SER A 26 -26.43 -8.83 -13.09
C SER A 26 -27.53 -9.79 -12.68
N ILE A 27 -28.62 -9.25 -12.13
CA ILE A 27 -29.67 -10.08 -11.57
C ILE A 27 -31.02 -9.75 -12.22
N ILE A 28 -32.07 -10.44 -11.78
CA ILE A 28 -33.42 -10.23 -12.27
C ILE A 28 -34.36 -10.14 -11.08
N LEU A 29 -35.54 -9.58 -11.34
CA LEU A 29 -36.62 -9.52 -10.35
C LEU A 29 -37.91 -9.86 -11.10
N ASN A 30 -38.24 -11.15 -11.15
CA ASN A 30 -39.40 -11.62 -11.90
C ASN A 30 -40.65 -11.30 -11.10
N PHE A 31 -41.46 -10.37 -11.60
CA PHE A 31 -42.71 -9.99 -10.97
C PHE A 31 -43.84 -10.80 -11.59
N THR A 32 -44.49 -11.63 -10.79
CA THR A 32 -45.64 -12.39 -11.22
C THR A 32 -46.83 -12.04 -10.34
N GLU A 33 -48.02 -12.43 -10.80
CA GLU A 33 -49.21 -12.22 -9.99
C GLU A 33 -49.24 -13.09 -8.75
N ASP A 34 -48.35 -14.08 -8.66
CA ASP A 34 -48.27 -14.96 -7.51
C ASP A 34 -47.19 -14.57 -6.53
N GLY A 35 -46.48 -13.47 -6.76
CA GLY A 35 -45.44 -13.04 -5.85
C GLY A 35 -44.34 -12.31 -6.60
N ILE A 36 -43.22 -12.14 -5.92
CA ILE A 36 -42.01 -11.57 -6.51
C ILE A 36 -40.88 -12.57 -6.29
N PHE A 37 -40.25 -13.00 -7.38
CA PHE A 37 -39.26 -14.07 -7.29
C PHE A 37 -38.17 -13.82 -8.32
N SER A 38 -37.01 -14.45 -8.09
CA SER A 38 -35.89 -14.37 -9.01
C SER A 38 -35.15 -15.70 -9.02
N ARG A 39 -34.28 -15.86 -10.02
CA ARG A 39 -33.56 -17.11 -10.20
C ARG A 39 -32.27 -16.84 -10.96
N HIS A 40 -31.22 -17.57 -10.60
CA HIS A 40 -29.94 -17.45 -11.28
C HIS A 40 -29.15 -18.73 -11.04
N LEU A 41 -28.03 -18.84 -11.76
CA LEU A 41 -27.13 -19.98 -11.61
C LEU A 41 -25.74 -19.57 -12.04
N THR A 42 -24.75 -20.37 -11.63
CA THR A 42 -23.37 -20.11 -11.95
C THR A 42 -23.02 -20.62 -13.35
N GLU A 43 -21.82 -20.25 -13.81
CA GLU A 43 -21.31 -20.75 -15.07
C GLU A 43 -20.88 -22.20 -14.98
N ASP A 44 -20.34 -22.63 -13.84
CA ASP A 44 -19.89 -24.00 -13.65
C ASP A 44 -20.94 -24.88 -12.98
N LYS A 45 -22.13 -24.33 -12.70
CA LYS A 45 -23.23 -25.09 -12.12
C LYS A 45 -22.82 -25.75 -10.81
N VAL A 46 -22.28 -24.95 -9.90
CA VAL A 46 -21.86 -25.44 -8.59
C VAL A 46 -22.62 -24.79 -7.45
N LEU A 47 -23.11 -23.57 -7.62
CA LEU A 47 -23.79 -22.83 -6.56
C LEU A 47 -24.74 -21.82 -7.18
N MET A 48 -25.88 -21.61 -6.54
CA MET A 48 -26.82 -20.60 -7.02
C MET A 48 -27.77 -20.21 -5.91
N ALA A 49 -28.36 -19.02 -6.05
CA ALA A 49 -29.29 -18.48 -5.07
C ALA A 49 -30.63 -18.16 -5.75
N ILE A 50 -31.72 -18.49 -5.07
CA ILE A 50 -33.06 -18.20 -5.54
C ILE A 50 -33.79 -17.40 -4.46
N MET A 51 -34.32 -16.24 -4.84
CA MET A 51 -35.07 -15.40 -3.93
C MET A 51 -36.50 -15.26 -4.43
N ARG A 52 -37.46 -15.49 -3.53
CA ARG A 52 -38.87 -15.37 -3.87
C ARG A 52 -39.62 -14.72 -2.72
N ILE A 53 -40.72 -14.07 -3.05
CA ILE A 53 -41.55 -13.37 -2.06
C ILE A 53 -42.99 -13.84 -2.21
N PRO A 54 -43.48 -14.74 -1.35
CA PRO A 54 -44.89 -15.13 -1.42
C PRO A 54 -45.81 -13.94 -1.21
N LYS A 55 -46.94 -13.94 -1.93
CA LYS A 55 -47.83 -12.79 -1.95
C LYS A 55 -48.77 -12.77 -0.75
N ASP A 56 -48.20 -12.84 0.46
CA ASP A 56 -49.01 -12.79 1.67
C ASP A 56 -48.45 -11.78 2.66
N VAL A 57 -47.16 -11.48 2.55
CA VAL A 57 -46.49 -10.62 3.51
C VAL A 57 -46.33 -9.18 3.01
N LEU A 58 -46.57 -8.93 1.72
CA LEU A 58 -46.41 -7.58 1.19
C LEU A 58 -47.50 -6.66 1.73
N SER A 59 -47.09 -5.42 2.04
CA SER A 59 -48.05 -4.42 2.50
C SER A 59 -49.09 -4.13 1.43
N GLU A 60 -48.64 -3.94 0.19
CA GLU A 60 -49.53 -3.85 -0.95
C GLU A 60 -48.91 -4.61 -2.12
N TYR A 61 -49.77 -5.15 -2.98
CA TYR A 61 -49.33 -6.04 -4.04
C TYR A 61 -50.33 -5.94 -5.18
N SER A 62 -49.98 -5.19 -6.23
CA SER A 62 -50.90 -4.96 -7.34
C SER A 62 -50.09 -4.95 -8.64
N ILE A 63 -50.26 -5.99 -9.44
CA ILE A 63 -49.57 -6.11 -10.72
C ILE A 63 -50.55 -6.65 -11.74
N ASP A 64 -50.52 -6.10 -12.95
CA ASP A 64 -51.49 -6.49 -13.97
C ASP A 64 -51.04 -7.75 -14.72
N SER A 65 -49.79 -7.80 -15.16
CA SER A 65 -49.29 -8.89 -15.99
C SER A 65 -47.97 -9.40 -15.42
N PRO A 66 -47.64 -10.66 -15.66
CA PRO A 66 -46.32 -11.16 -15.24
C PRO A 66 -45.20 -10.45 -15.98
N THR A 67 -44.31 -9.81 -15.23
CA THR A 67 -43.24 -9.01 -15.79
C THR A 67 -41.90 -9.43 -15.20
N SER A 68 -40.88 -9.47 -16.04
CA SER A 68 -39.52 -9.79 -15.63
C SER A 68 -38.56 -8.75 -16.18
N VAL A 69 -37.58 -8.37 -15.38
CA VAL A 69 -36.62 -7.33 -15.75
C VAL A 69 -35.22 -7.78 -15.34
N LYS A 70 -34.24 -7.51 -16.20
CA LYS A 70 -32.84 -7.83 -15.95
C LYS A 70 -32.11 -6.58 -15.51
N LEU A 71 -31.41 -6.67 -14.38
CA LEU A 71 -30.69 -5.53 -13.84
C LEU A 71 -29.32 -5.97 -13.34
N ASP A 72 -28.39 -5.02 -13.32
CA ASP A 72 -27.05 -5.23 -12.81
C ASP A 72 -26.87 -4.49 -11.49
N VAL A 73 -26.06 -5.06 -10.61
CA VAL A 73 -25.83 -4.47 -9.30
C VAL A 73 -24.40 -3.93 -9.22
N SER A 74 -23.86 -3.53 -10.36
CA SER A 74 -22.54 -2.91 -10.37
C SER A 74 -22.54 -1.63 -9.55
N SER A 75 -23.59 -0.82 -9.68
CA SER A 75 -23.77 0.37 -8.85
C SER A 75 -24.88 0.22 -7.83
N VAL A 76 -25.87 -0.62 -8.11
CA VAL A 76 -27.02 -0.76 -7.21
C VAL A 76 -26.59 -1.33 -5.87
N LYS A 77 -25.61 -2.24 -5.89
CA LYS A 77 -25.12 -2.82 -4.64
C LYS A 77 -24.62 -1.75 -3.69
N LYS A 78 -23.72 -0.88 -4.18
CA LYS A 78 -23.11 0.11 -3.30
C LYS A 78 -24.07 1.25 -2.97
N ILE A 79 -24.84 1.73 -3.95
CA ILE A 79 -25.79 2.79 -3.64
C ILE A 79 -26.88 2.30 -2.69
N LEU A 80 -27.07 0.99 -2.61
CA LEU A 80 -27.94 0.40 -1.60
C LEU A 80 -27.16 -0.23 -0.45
N SER A 81 -25.83 -0.13 -0.47
CA SER A 81 -25.03 -0.70 0.60
C SER A 81 -25.21 0.02 1.93
N LYS A 82 -25.77 1.22 1.92
CA LYS A 82 -26.00 2.00 3.13
C LYS A 82 -27.50 2.22 3.28
N ALA A 83 -28.08 1.65 4.34
CA ALA A 83 -29.46 1.94 4.72
C ALA A 83 -29.50 1.83 6.24
N SER A 84 -29.29 2.95 6.92
CA SER A 84 -29.14 2.96 8.38
C SER A 84 -30.48 3.04 9.08
N SER A 85 -31.38 2.12 8.77
CA SER A 85 -32.67 2.04 9.44
C SER A 85 -33.20 0.63 9.31
N LYS A 86 -33.18 -0.12 10.41
CA LYS A 86 -33.80 -1.44 10.41
C LYS A 86 -35.31 -1.34 10.24
N LYS A 87 -35.90 -0.18 10.52
CA LYS A 87 -37.33 0.05 10.39
C LYS A 87 -37.66 0.80 9.11
N ALA A 88 -36.85 0.65 8.07
CA ALA A 88 -37.05 1.38 6.82
C ALA A 88 -37.82 0.53 5.83
N THR A 89 -38.86 1.10 5.23
CA THR A 89 -39.66 0.44 4.22
C THR A 89 -39.15 0.81 2.83
N ILE A 90 -39.04 -0.18 1.95
CA ILE A 90 -38.54 0.02 0.60
C ILE A 90 -39.64 -0.38 -0.39
N GLU A 91 -39.88 0.48 -1.37
CA GLU A 91 -40.89 0.21 -2.39
C GLU A 91 -40.27 0.38 -3.76
N LEU A 92 -40.78 -0.39 -4.72
CA LEU A 92 -40.28 -0.41 -6.08
C LEU A 92 -41.43 -0.15 -7.04
N THR A 93 -41.22 0.76 -7.99
CA THR A 93 -42.24 1.11 -8.98
C THR A 93 -41.59 1.32 -10.33
N GLU A 94 -42.13 0.68 -11.36
CA GLU A 94 -41.62 0.86 -12.71
C GLU A 94 -41.86 2.28 -13.20
N THR A 95 -40.96 2.75 -14.06
CA THR A 95 -41.08 4.03 -14.72
C THR A 95 -41.24 3.81 -16.22
N ASP A 96 -41.26 4.91 -16.97
CA ASP A 96 -41.48 4.84 -18.41
C ASP A 96 -40.38 4.06 -19.10
N SER A 97 -39.13 4.29 -18.71
CA SER A 97 -37.98 3.67 -19.37
C SER A 97 -37.17 2.75 -18.48
N GLY A 98 -36.87 3.15 -17.25
CA GLY A 98 -35.98 2.40 -16.39
C GLY A 98 -36.72 1.78 -15.22
N LEU A 99 -35.97 1.57 -14.13
CA LEU A 99 -36.50 1.00 -12.90
C LEU A 99 -36.30 1.99 -11.77
N LYS A 100 -37.34 2.16 -10.96
CA LYS A 100 -37.31 3.15 -9.87
C LYS A 100 -37.67 2.48 -8.55
N ILE A 101 -36.78 2.60 -7.57
CA ILE A 101 -36.99 2.04 -6.24
C ILE A 101 -36.91 3.17 -5.23
N ILE A 102 -37.68 3.04 -4.15
CA ILE A 102 -37.73 4.05 -3.11
C ILE A 102 -37.56 3.39 -1.76
N ILE A 103 -36.97 4.13 -0.81
CA ILE A 103 -36.81 3.68 0.57
C ILE A 103 -37.27 4.81 1.49
N ARG A 104 -38.04 4.45 2.51
CA ARG A 104 -38.58 5.41 3.46
C ARG A 104 -38.15 5.04 4.88
N ASP A 105 -37.70 6.04 5.63
CA ASP A 105 -37.32 5.87 7.03
C ASP A 105 -38.02 6.93 7.86
N GLU A 106 -38.68 6.49 8.94
CA GLU A 106 -39.39 7.41 9.82
C GLU A 106 -38.51 7.87 10.98
N LYS A 107 -37.31 8.35 10.65
CA LYS A 107 -36.39 8.85 11.66
C LYS A 107 -35.89 10.24 11.29
N SER A 108 -35.65 10.47 10.00
CA SER A 108 -35.12 11.75 9.54
C SER A 108 -35.78 12.23 8.25
N GLY A 109 -36.80 11.53 7.75
CA GLY A 109 -37.38 11.90 6.48
C GLY A 109 -36.44 11.76 5.31
N ALA A 110 -35.38 10.96 5.45
CA ALA A 110 -34.36 10.83 4.41
C ALA A 110 -34.80 9.79 3.39
N LYS A 111 -35.80 10.16 2.60
CA LYS A 111 -36.23 9.31 1.51
C LYS A 111 -35.20 9.35 0.38
N SER A 112 -34.76 8.19 -0.07
CA SER A 112 -33.75 8.09 -1.12
C SER A 112 -34.37 7.46 -2.36
N THR A 113 -34.16 8.10 -3.51
CA THR A 113 -34.69 7.62 -4.78
C THR A 113 -33.65 6.78 -5.48
N ILE A 114 -34.07 5.64 -6.02
CA ILE A 114 -33.19 4.73 -6.74
C ILE A 114 -33.70 4.60 -8.17
N TYR A 115 -32.81 4.81 -9.14
CA TYR A 115 -33.12 4.66 -10.55
C TYR A 115 -32.20 3.61 -11.14
N ILE A 116 -32.78 2.69 -11.91
CA ILE A 116 -32.02 1.66 -12.61
C ILE A 116 -32.45 1.64 -14.06
N LYS A 117 -31.48 1.67 -14.97
CA LYS A 117 -31.77 1.72 -16.41
C LYS A 117 -32.03 0.30 -16.89
N ALA A 118 -33.29 -0.09 -16.94
CA ALA A 118 -33.66 -1.42 -17.41
C ALA A 118 -35.11 -1.41 -17.85
N GLU A 119 -35.47 -2.39 -18.68
CA GLU A 119 -36.82 -2.55 -19.20
C GLU A 119 -37.30 -3.98 -18.98
N LYS A 120 -38.61 -4.15 -19.02
CA LYS A 120 -39.21 -5.46 -18.77
C LYS A 120 -38.86 -6.43 -19.90
N GLY A 121 -38.91 -7.72 -19.56
CA GLY A 121 -38.67 -8.76 -20.53
C GLY A 121 -39.61 -9.93 -20.29
N GLN A 122 -39.57 -10.89 -21.22
CA GLN A 122 -40.42 -12.07 -21.11
C GLN A 122 -40.08 -12.87 -19.86
N VAL A 123 -41.11 -13.30 -19.14
CA VAL A 123 -40.95 -13.99 -17.86
C VAL A 123 -40.55 -15.44 -18.09
N GLU A 124 -40.12 -16.10 -17.03
CA GLU A 124 -39.79 -17.52 -17.07
C GLU A 124 -40.57 -18.23 -15.97
N GLN A 125 -41.10 -19.41 -16.30
CA GLN A 125 -41.96 -20.13 -15.39
C GLN A 125 -41.19 -20.57 -14.14
N LEU A 126 -41.82 -20.41 -12.98
CA LEU A 126 -41.17 -20.74 -11.72
C LEU A 126 -40.89 -22.23 -11.65
N THR A 127 -39.60 -22.59 -11.66
CA THR A 127 -39.18 -23.99 -11.67
C THR A 127 -38.04 -24.17 -10.69
N GLU A 128 -38.26 -24.99 -9.66
CA GLU A 128 -37.31 -25.31 -8.62
C GLU A 128 -36.96 -26.79 -8.65
N PRO A 129 -35.68 -27.15 -8.48
CA PRO A 129 -35.31 -28.57 -8.47
C PRO A 129 -36.08 -29.35 -7.42
N LYS A 130 -36.93 -30.26 -7.89
CA LYS A 130 -37.81 -31.04 -7.02
C LYS A 130 -37.02 -32.23 -6.49
N VAL A 131 -36.46 -32.08 -5.29
CA VAL A 131 -35.68 -33.13 -4.66
C VAL A 131 -36.07 -33.20 -3.18
N ASN A 132 -35.83 -34.37 -2.58
CA ASN A 132 -36.07 -34.58 -1.16
C ASN A 132 -34.75 -34.86 -0.45
N LEU A 133 -34.52 -34.17 0.65
CA LEU A 133 -33.27 -34.29 1.41
C LEU A 133 -33.53 -35.02 2.71
N ALA A 134 -32.73 -36.04 2.97
CA ALA A 134 -32.94 -36.87 4.15
C ALA A 134 -32.58 -36.12 5.42
N VAL A 135 -31.33 -35.72 5.57
CA VAL A 135 -30.89 -35.03 6.77
C VAL A 135 -31.37 -33.58 6.72
N ASN A 136 -32.05 -33.16 7.78
CA ASN A 136 -32.62 -31.83 7.84
C ASN A 136 -32.47 -31.31 9.27
N PHE A 137 -32.08 -30.04 9.40
CA PHE A 137 -31.88 -29.47 10.72
C PHE A 137 -31.93 -27.95 10.62
N THR A 138 -32.11 -27.32 11.78
CA THR A 138 -32.13 -25.88 11.89
C THR A 138 -30.94 -25.42 12.71
N THR A 139 -30.51 -24.19 12.45
CA THR A 139 -29.33 -23.67 13.14
C THR A 139 -29.37 -22.15 13.12
N ASP A 140 -28.38 -21.56 13.77
CA ASP A 140 -28.26 -20.11 13.87
C ASP A 140 -27.46 -19.59 12.67
N GLU A 141 -27.14 -18.29 12.69
CA GLU A 141 -26.31 -17.70 11.66
C GLU A 141 -24.83 -17.67 12.01
N SER A 142 -24.46 -18.25 13.15
CA SER A 142 -23.05 -18.31 13.56
C SER A 142 -22.55 -19.75 13.66
N VAL A 143 -23.24 -20.69 13.02
CA VAL A 143 -22.75 -22.04 12.86
C VAL A 143 -22.28 -22.29 11.44
N LEU A 144 -23.10 -21.92 10.45
CA LEU A 144 -22.68 -22.00 9.06
C LEU A 144 -21.47 -21.12 8.82
N ASN A 145 -21.49 -19.88 9.33
CA ASN A 145 -20.35 -19.00 9.16
C ASN A 145 -19.12 -19.54 9.87
N VAL A 146 -19.32 -20.15 11.04
CA VAL A 146 -18.19 -20.75 11.75
C VAL A 146 -17.57 -21.86 10.92
N ILE A 147 -18.41 -22.73 10.32
CA ILE A 147 -17.87 -23.79 9.50
C ILE A 147 -17.14 -23.21 8.30
N ALA A 148 -17.73 -22.20 7.66
CA ALA A 148 -17.10 -21.59 6.49
C ALA A 148 -15.75 -21.00 6.83
N ALA A 149 -15.69 -20.17 7.88
CA ALA A 149 -14.44 -19.51 8.26
C ALA A 149 -13.40 -20.51 8.72
N ASP A 150 -13.80 -21.53 9.48
CA ASP A 150 -12.87 -22.56 9.90
C ASP A 150 -12.26 -23.28 8.70
N VAL A 151 -13.10 -23.66 7.72
CA VAL A 151 -12.60 -24.44 6.60
C VAL A 151 -11.84 -23.57 5.58
N THR A 152 -12.11 -22.27 5.54
CA THR A 152 -11.52 -21.38 4.54
C THR A 152 -9.99 -21.41 4.54
N LEU A 153 -9.39 -22.02 5.55
CA LEU A 153 -7.93 -22.03 5.66
C LEU A 153 -7.32 -23.39 5.38
N VAL A 154 -7.85 -24.45 5.98
CA VAL A 154 -7.16 -25.74 6.01
C VAL A 154 -7.54 -26.60 4.82
N GLY A 155 -8.22 -26.01 3.84
CA GLY A 155 -8.50 -26.73 2.62
C GLY A 155 -9.66 -26.11 1.87
N GLU A 156 -9.93 -26.70 0.70
CA GLU A 156 -11.04 -26.30 -0.14
C GLU A 156 -12.07 -27.40 -0.36
N GLU A 157 -11.78 -28.63 0.07
CA GLU A 157 -12.70 -29.76 -0.05
C GLU A 157 -13.24 -30.08 1.33
N MET A 158 -14.48 -29.70 1.59
CA MET A 158 -15.14 -29.94 2.87
C MET A 158 -16.18 -31.04 2.71
N ARG A 159 -16.19 -31.98 3.65
CA ARG A 159 -17.17 -33.06 3.66
C ARG A 159 -17.96 -33.00 4.96
N ILE A 160 -19.29 -32.93 4.83
CA ILE A 160 -20.19 -32.91 5.97
C ILE A 160 -20.72 -34.32 6.16
N SER A 161 -20.28 -34.99 7.23
CA SER A 161 -20.66 -36.35 7.51
C SER A 161 -21.69 -36.40 8.62
N THR A 162 -22.78 -37.12 8.40
CA THR A 162 -23.86 -37.24 9.36
C THR A 162 -23.97 -38.69 9.82
N GLU A 163 -23.92 -38.89 11.13
CA GLU A 163 -24.11 -40.20 11.72
C GLU A 163 -25.52 -40.29 12.29
N GLU A 164 -25.81 -41.37 13.01
CA GLU A 164 -27.12 -41.57 13.62
C GLU A 164 -27.29 -40.52 14.72
N ASP A 165 -28.10 -39.50 14.44
CA ASP A 165 -28.30 -38.38 15.36
C ASP A 165 -27.00 -37.67 15.69
N LYS A 166 -26.03 -37.74 14.79
CA LYS A 166 -24.73 -37.11 14.99
C LYS A 166 -24.26 -36.50 13.69
N ILE A 167 -23.45 -35.46 13.80
CA ILE A 167 -22.89 -34.75 12.65
C ILE A 167 -21.38 -34.66 12.83
N LYS A 168 -20.64 -35.04 11.79
CA LYS A 168 -19.17 -35.03 11.80
C LYS A 168 -18.66 -34.19 10.64
N ILE A 169 -17.63 -33.40 10.90
CA ILE A 169 -16.96 -32.61 9.88
C ILE A 169 -15.54 -33.12 9.71
N GLU A 170 -15.17 -33.38 8.47
CA GLU A 170 -13.80 -33.75 8.11
C GLU A 170 -13.47 -33.10 6.77
N ALA A 171 -12.40 -32.32 6.73
CA ALA A 171 -12.10 -31.52 5.55
C ALA A 171 -10.59 -31.40 5.39
N GLY A 172 -10.19 -30.73 4.31
CA GLY A 172 -8.79 -30.52 4.02
C GLY A 172 -8.10 -31.79 3.53
N GLU A 173 -6.78 -31.78 3.64
CA GLU A 173 -5.93 -32.90 3.26
C GLU A 173 -5.29 -33.50 4.51
N GLU A 174 -4.47 -34.52 4.30
CA GLU A 174 -3.90 -35.27 5.43
C GLU A 174 -3.01 -34.39 6.30
N GLY A 175 -2.37 -33.38 5.71
CA GLY A 175 -1.50 -32.52 6.49
C GLY A 175 -2.24 -31.70 7.53
N LYS A 176 -3.39 -31.13 7.15
CA LYS A 176 -4.17 -30.30 8.05
C LYS A 176 -5.64 -30.60 7.87
N ARG A 177 -6.33 -30.93 8.97
CA ARG A 177 -7.74 -31.24 8.93
C ARG A 177 -8.50 -30.41 9.96
N TYR A 178 -9.78 -30.75 10.17
CA TYR A 178 -10.61 -30.02 11.12
C TYR A 178 -11.62 -30.99 11.70
N VAL A 179 -11.65 -31.09 13.03
CA VAL A 179 -12.49 -32.07 13.74
C VAL A 179 -13.50 -31.30 14.57
N ALA A 180 -14.79 -31.62 14.37
CA ALA A 180 -15.86 -31.03 15.15
C ALA A 180 -17.07 -31.94 15.12
N PHE A 181 -17.98 -31.72 16.06
CA PHE A 181 -19.20 -32.53 16.14
C PHE A 181 -20.38 -31.63 16.46
N LEU A 182 -21.57 -32.10 16.08
CA LEU A 182 -22.83 -31.41 16.38
C LEU A 182 -23.71 -32.38 17.14
N MET A 183 -23.53 -32.48 18.46
CA MET A 183 -24.36 -33.43 19.26
C MET A 183 -25.75 -32.83 19.40
N LYS A 184 -26.77 -33.70 19.49
CA LYS A 184 -28.22 -33.34 19.60
C LYS A 184 -28.39 -32.07 20.43
N ASP A 185 -28.80 -30.97 19.79
CA ASP A 185 -29.07 -29.69 20.52
C ASP A 185 -27.77 -28.91 20.74
N LYS A 186 -26.84 -28.96 19.78
CA LYS A 186 -25.58 -28.18 19.89
C LYS A 186 -25.85 -26.77 19.36
N PRO A 187 -25.30 -26.39 18.18
CA PRO A 187 -25.57 -25.09 17.58
C PRO A 187 -26.63 -25.28 16.49
N LEU A 188 -27.71 -26.00 16.81
CA LEU A 188 -28.78 -26.29 15.82
C LEU A 188 -30.15 -25.82 16.31
N LYS A 189 -30.89 -26.68 17.02
CA LYS A 189 -32.24 -26.34 17.46
C LYS A 189 -33.26 -27.41 17.12
N GLU A 190 -33.36 -27.78 15.85
CA GLU A 190 -34.27 -28.82 15.41
C GLU A 190 -33.54 -29.72 14.43
N LEU A 191 -33.92 -31.00 14.41
CA LEU A 191 -33.26 -31.99 13.56
C LEU A 191 -34.32 -32.87 12.90
N SER A 192 -34.13 -33.14 11.61
CA SER A 192 -35.01 -34.03 10.86
C SER A 192 -34.18 -34.97 10.00
N ILE A 193 -33.14 -35.55 10.60
CA ILE A 193 -32.28 -36.50 9.89
C ILE A 193 -33.08 -37.75 9.57
N ASP A 194 -33.00 -38.21 8.33
CA ASP A 194 -33.67 -39.42 7.88
C ASP A 194 -32.69 -40.58 7.65
N THR A 195 -31.58 -40.33 6.96
CA THR A 195 -30.58 -41.36 6.69
C THR A 195 -29.19 -40.79 6.89
N SER A 196 -28.34 -41.54 7.59
CA SER A 196 -26.96 -41.13 7.82
C SER A 196 -26.20 -41.13 6.49
N ALA A 197 -25.87 -39.95 5.99
CA ALA A 197 -25.25 -39.80 4.69
C ALA A 197 -24.13 -38.78 4.75
N SER A 198 -23.22 -38.88 3.79
CA SER A 198 -22.11 -37.95 3.63
C SER A 198 -22.13 -37.35 2.22
N SER A 199 -21.42 -36.25 2.06
CA SER A 199 -21.38 -35.53 0.80
C SER A 199 -20.20 -34.57 0.84
N SER A 200 -20.12 -33.69 -0.16
CA SER A 200 -19.07 -32.68 -0.21
C SER A 200 -19.55 -31.52 -1.07
N TYR A 201 -18.90 -30.38 -0.89
CA TYR A 201 -19.24 -29.17 -1.63
C TYR A 201 -17.96 -28.37 -1.84
N SER A 202 -18.10 -27.10 -2.16
CA SER A 202 -16.97 -26.23 -2.45
C SER A 202 -16.77 -25.29 -1.28
N ALA A 203 -15.67 -25.50 -0.54
CA ALA A 203 -15.47 -24.77 0.72
C ALA A 203 -15.40 -23.27 0.49
N GLU A 204 -14.61 -22.84 -0.49
CA GLU A 204 -14.58 -21.41 -0.82
C GLU A 204 -15.94 -20.93 -1.25
N MET A 205 -16.63 -21.68 -2.11
CA MET A 205 -18.00 -21.32 -2.46
C MET A 205 -18.97 -21.54 -1.32
N PHE A 206 -18.65 -22.44 -0.39
CA PHE A 206 -19.45 -22.55 0.84
C PHE A 206 -19.44 -21.24 1.61
N LYS A 207 -18.24 -20.69 1.85
CA LYS A 207 -18.15 -19.40 2.50
C LYS A 207 -18.76 -18.30 1.65
N ASP A 208 -18.62 -18.37 0.33
CA ASP A 208 -19.20 -17.37 -0.55
C ASP A 208 -20.72 -17.37 -0.43
N ALA A 209 -21.32 -18.56 -0.36
CA ALA A 209 -22.76 -18.64 -0.14
C ALA A 209 -23.14 -18.15 1.25
N VAL A 210 -22.34 -18.47 2.26
CA VAL A 210 -22.71 -18.13 3.63
C VAL A 210 -22.61 -16.63 3.85
N LYS A 211 -21.61 -15.97 3.28
CA LYS A 211 -21.34 -14.58 3.61
C LYS A 211 -22.44 -13.64 3.14
N GLY A 212 -23.34 -14.11 2.29
CA GLY A 212 -24.48 -13.29 1.89
C GLY A 212 -25.70 -13.56 2.74
N LEU A 213 -25.49 -13.90 4.02
CA LEU A 213 -26.57 -14.30 4.89
C LEU A 213 -26.60 -13.54 6.21
N ARG A 214 -25.61 -12.71 6.51
CA ARG A 214 -25.60 -11.99 7.78
C ARG A 214 -26.76 -10.99 7.82
N GLY A 215 -27.44 -10.94 8.95
CA GLY A 215 -28.64 -10.14 9.12
C GLY A 215 -29.91 -10.95 9.31
N PHE A 216 -29.88 -12.25 9.01
CA PHE A 216 -31.04 -13.12 9.19
C PHE A 216 -31.24 -13.36 10.68
N SER A 217 -32.10 -12.56 11.30
CA SER A 217 -32.36 -12.70 12.72
C SER A 217 -33.08 -14.01 13.07
N ALA A 218 -33.60 -14.72 12.08
CA ALA A 218 -34.32 -15.96 12.29
C ALA A 218 -33.40 -17.16 12.11
N PRO A 219 -33.73 -18.29 12.75
CA PRO A 219 -32.89 -19.48 12.60
C PRO A 219 -32.89 -19.98 11.16
N THR A 220 -31.78 -20.59 10.78
CA THR A 220 -31.58 -21.10 9.42
C THR A 220 -31.79 -22.60 9.40
N MET A 221 -32.61 -23.08 8.46
CA MET A 221 -32.85 -24.49 8.27
C MET A 221 -31.92 -24.99 7.17
N VAL A 222 -31.09 -25.98 7.49
CA VAL A 222 -30.08 -26.48 6.58
C VAL A 222 -30.34 -27.97 6.35
N SER A 223 -30.32 -28.38 5.08
CA SER A 223 -30.53 -29.78 4.73
C SER A 223 -29.68 -30.12 3.53
N PHE A 224 -29.41 -31.41 3.38
CA PHE A 224 -28.64 -31.95 2.27
C PHE A 224 -28.93 -33.46 2.22
N GLY A 225 -28.14 -34.18 1.43
CA GLY A 225 -28.28 -35.62 1.36
C GLY A 225 -27.02 -36.33 0.91
N GLU A 226 -27.14 -37.60 0.51
CA GLU A 226 -26.02 -38.35 -0.01
C GLU A 226 -25.70 -37.83 -1.41
N ASN A 227 -24.70 -36.95 -1.49
CA ASN A 227 -24.32 -36.30 -2.75
C ASN A 227 -25.50 -35.50 -3.33
N LEU A 228 -26.31 -34.93 -2.44
CA LEU A 228 -27.44 -34.10 -2.83
C LEU A 228 -27.13 -32.63 -2.63
N PRO A 229 -27.50 -31.78 -3.59
CA PRO A 229 -27.21 -30.34 -3.45
C PRO A 229 -27.84 -29.78 -2.19
N MET A 230 -27.04 -29.09 -1.40
CA MET A 230 -27.45 -28.68 -0.06
C MET A 230 -28.49 -27.56 -0.12
N LYS A 231 -29.41 -27.60 0.85
CA LYS A 231 -30.37 -26.54 1.05
C LYS A 231 -29.96 -25.72 2.26
N ILE A 232 -29.95 -24.40 2.10
CA ILE A 232 -29.71 -23.46 3.20
C ILE A 232 -30.90 -22.53 3.24
N ASP A 233 -31.82 -22.78 4.16
CA ASP A 233 -33.11 -22.11 4.17
C ASP A 233 -33.22 -21.23 5.41
N VAL A 234 -33.58 -19.97 5.19
CA VAL A 234 -33.83 -19.03 6.28
C VAL A 234 -34.61 -17.85 5.72
N GLU A 235 -35.58 -17.37 6.49
CA GLU A 235 -36.40 -16.23 6.11
C GLU A 235 -36.19 -15.09 7.10
N ALA A 236 -36.32 -13.86 6.62
CA ALA A 236 -36.07 -12.69 7.43
C ALA A 236 -37.27 -12.37 8.31
N VAL A 237 -37.16 -11.27 9.05
CA VAL A 237 -38.20 -10.91 10.00
C VAL A 237 -39.46 -10.45 9.28
N SER A 238 -39.30 -9.71 8.19
CA SER A 238 -40.43 -9.07 7.50
C SER A 238 -40.80 -9.81 6.22
N GLY A 239 -40.72 -11.13 6.21
CA GLY A 239 -41.17 -11.86 5.03
C GLY A 239 -40.06 -12.02 4.01
N GLY A 240 -40.23 -13.03 3.15
CA GLY A 240 -39.24 -13.35 2.15
C GLY A 240 -38.49 -14.63 2.48
N HIS A 241 -38.61 -15.63 1.60
CA HIS A 241 -37.99 -16.94 1.83
C HIS A 241 -36.84 -17.12 0.86
N MET A 242 -35.67 -17.46 1.39
CA MET A 242 -34.46 -17.65 0.60
C MET A 242 -34.15 -19.14 0.51
N ILE A 243 -33.83 -19.60 -0.69
CA ILE A 243 -33.44 -20.98 -0.93
C ILE A 243 -32.13 -20.98 -1.70
N PHE A 244 -31.10 -21.57 -1.12
CA PHE A 244 -29.76 -21.55 -1.68
C PHE A 244 -29.39 -22.94 -2.20
N TRP A 245 -28.90 -22.99 -3.44
CA TRP A 245 -28.52 -24.23 -4.08
C TRP A 245 -27.01 -24.24 -4.31
N ILE A 246 -26.36 -25.32 -3.93
CA ILE A 246 -24.95 -25.54 -4.25
C ILE A 246 -24.81 -26.94 -4.82
N ALA A 247 -24.10 -27.06 -5.88
CA ALA A 247 -24.11 -28.41 -6.42
C ALA A 247 -22.95 -29.24 -5.87
N PRO A 248 -23.19 -30.53 -5.61
CA PRO A 248 -22.13 -31.40 -5.08
C PRO A 248 -21.10 -31.70 -6.15
N ARG A 249 -19.84 -31.36 -5.87
CA ARG A 249 -18.74 -31.65 -6.79
C ARG A 249 -18.32 -33.10 -6.58
N LEU A 250 -18.88 -33.99 -7.39
CA LEU A 250 -18.62 -35.42 -7.28
C LEU A 250 -17.23 -35.71 -7.84
N LEU A 251 -16.23 -35.55 -6.98
CA LEU A 251 -14.82 -35.82 -7.28
C LEU A 251 -14.27 -34.82 -8.28
N GLU A 252 -12.94 -34.67 -8.31
CA GLU A 252 -12.29 -33.75 -9.23
C GLU A 252 -11.13 -34.43 -9.95
N MET B 1 0.67 -36.33 24.28
CA MET B 1 0.44 -35.85 25.63
C MET B 1 -0.78 -34.96 25.68
N LYS B 2 -1.36 -34.78 26.86
CA LYS B 2 -2.58 -34.02 27.05
C LYS B 2 -2.26 -32.68 27.69
N ALA B 3 -2.72 -31.59 27.09
CA ALA B 3 -2.54 -30.25 27.62
C ALA B 3 -3.86 -29.50 27.53
N LYS B 4 -4.08 -28.60 28.49
CA LYS B 4 -5.32 -27.85 28.56
C LYS B 4 -5.10 -26.62 29.42
N VAL B 5 -5.72 -25.50 29.02
CA VAL B 5 -5.68 -24.27 29.80
C VAL B 5 -7.13 -23.81 30.00
N ILE B 6 -7.32 -22.98 31.03
CA ILE B 6 -8.65 -22.51 31.36
C ILE B 6 -9.09 -21.31 30.53
N ASP B 7 -8.21 -20.77 29.69
CA ASP B 7 -8.53 -19.57 28.92
C ASP B 7 -7.92 -19.72 27.53
N ALA B 8 -8.76 -20.15 26.58
CA ALA B 8 -8.32 -20.32 25.20
C ALA B 8 -7.85 -19.01 24.59
N VAL B 9 -8.33 -17.88 25.11
CA VAL B 9 -7.86 -16.58 24.64
C VAL B 9 -6.62 -16.09 25.39
N SER B 10 -6.19 -16.79 26.44
CA SER B 10 -5.04 -16.34 27.21
C SER B 10 -3.73 -16.97 26.74
N PHE B 11 -3.64 -18.31 26.80
CA PHE B 11 -2.42 -18.96 26.37
C PHE B 11 -2.11 -18.64 24.92
N SER B 12 -3.13 -18.65 24.08
CA SER B 12 -2.98 -18.24 22.69
C SER B 12 -2.57 -16.80 22.56
N TYR B 13 -2.86 -15.95 23.55
CA TYR B 13 -2.40 -14.57 23.50
C TYR B 13 -0.95 -14.41 23.94
N ILE B 14 -0.55 -15.16 24.96
CA ILE B 14 0.85 -15.18 25.36
C ILE B 14 1.72 -15.69 24.21
N LEU B 15 1.25 -16.74 23.53
CA LEU B 15 1.99 -17.24 22.38
C LEU B 15 1.92 -16.31 21.19
N ARG B 16 0.82 -15.60 21.01
CA ARG B 16 0.73 -14.61 19.93
C ARG B 16 1.65 -13.43 20.16
N THR B 17 1.93 -13.08 21.41
CA THR B 17 2.91 -12.06 21.70
C THR B 17 4.33 -12.48 21.33
N VAL B 18 4.56 -13.77 21.11
CA VAL B 18 5.84 -14.27 20.64
C VAL B 18 5.89 -14.31 19.11
N GLY B 19 4.81 -13.92 18.44
CA GLY B 19 4.75 -13.88 16.99
C GLY B 19 5.23 -12.60 16.36
N ASP B 20 5.80 -11.69 17.15
CA ASP B 20 6.39 -10.46 16.62
C ASP B 20 7.88 -10.33 16.91
N PHE B 21 8.37 -10.94 17.99
CA PHE B 21 9.81 -10.96 18.26
C PHE B 21 10.45 -12.22 17.71
N LEU B 22 10.02 -13.37 18.19
CA LEU B 22 10.54 -14.64 17.69
C LEU B 22 9.92 -14.97 16.34
N SER B 23 10.76 -15.17 15.35
CA SER B 23 10.31 -15.73 14.08
C SER B 23 10.29 -17.25 14.10
N GLU B 24 10.68 -17.85 15.22
CA GLU B 24 10.66 -19.29 15.42
C GLU B 24 10.88 -19.57 16.89
N ALA B 25 10.40 -20.72 17.35
CA ALA B 25 10.61 -21.14 18.72
C ALA B 25 10.38 -22.65 18.80
N ASN B 26 10.81 -23.23 19.91
CA ASN B 26 10.67 -24.66 20.15
C ASN B 26 10.01 -24.90 21.50
N PHE B 27 9.26 -26.00 21.59
CA PHE B 27 8.54 -26.35 22.82
C PHE B 27 9.15 -27.62 23.41
N ILE B 28 9.35 -27.60 24.72
CA ILE B 28 9.73 -28.78 25.49
C ILE B 28 8.90 -28.79 26.77
N VAL B 29 8.75 -29.97 27.36
CA VAL B 29 7.96 -30.15 28.57
C VAL B 29 8.87 -30.69 29.66
N THR B 30 8.94 -29.98 30.78
CA THR B 30 9.70 -30.39 31.95
C THR B 30 8.82 -31.22 32.86
N LYS B 31 9.33 -31.50 34.07
CA LYS B 31 8.52 -32.20 35.06
C LYS B 31 7.30 -31.37 35.47
N GLU B 32 7.50 -30.06 35.67
CA GLU B 32 6.44 -29.20 36.17
C GLU B 32 6.42 -27.85 35.47
N GLY B 33 6.77 -27.81 34.19
CA GLY B 33 6.75 -26.56 33.45
C GLY B 33 6.94 -26.79 31.97
N ILE B 34 6.53 -25.81 31.17
CA ILE B 34 6.67 -25.83 29.72
C ILE B 34 7.51 -24.64 29.32
N ARG B 35 8.55 -24.88 28.52
CA ARG B 35 9.54 -23.85 28.20
C ARG B 35 9.22 -23.23 26.85
N VAL B 36 9.05 -21.91 26.83
CA VAL B 36 8.91 -21.15 25.61
C VAL B 36 10.10 -20.19 25.58
N SER B 37 11.18 -20.62 24.90
CA SER B 37 12.40 -19.83 24.83
C SER B 37 13.05 -19.94 23.46
N GLY B 38 14.29 -19.49 23.35
CA GLY B 38 15.01 -19.53 22.10
C GLY B 38 15.54 -18.14 21.74
N ILE B 39 16.72 -18.12 21.13
CA ILE B 39 17.36 -16.87 20.75
C ILE B 39 16.86 -16.45 19.38
N ASP B 40 16.46 -15.19 19.26
CA ASP B 40 15.88 -14.72 18.01
C ASP B 40 16.94 -14.64 16.92
N PRO B 41 16.55 -14.79 15.65
CA PRO B 41 17.51 -14.53 14.57
C PRO B 41 18.00 -13.11 14.52
N SER B 42 17.26 -12.16 15.11
CA SER B 42 17.70 -10.77 15.17
C SER B 42 18.95 -10.57 16.01
N ARG B 43 19.35 -11.57 16.81
CA ARG B 43 20.55 -11.54 17.62
C ARG B 43 20.56 -10.41 18.65
N VAL B 44 19.39 -9.91 19.02
CA VAL B 44 19.30 -8.82 19.99
C VAL B 44 18.37 -9.21 21.14
N VAL B 45 17.14 -9.57 20.81
CA VAL B 45 16.10 -9.81 21.81
C VAL B 45 16.18 -11.26 22.29
N PHE B 46 16.19 -11.44 23.60
CA PHE B 46 16.19 -12.77 24.20
C PHE B 46 14.83 -13.02 24.84
N LEU B 47 14.22 -14.15 24.49
CA LEU B 47 12.90 -14.51 24.97
C LEU B 47 12.94 -15.87 25.65
N ASP B 48 12.38 -15.94 26.85
CA ASP B 48 12.28 -17.19 27.60
C ASP B 48 11.08 -17.06 28.54
N ILE B 49 9.97 -17.68 28.18
CA ILE B 49 8.73 -17.60 28.94
C ILE B 49 8.47 -18.95 29.60
N PHE B 50 8.26 -18.93 30.91
CA PHE B 50 8.04 -20.12 31.70
C PHE B 50 6.55 -20.23 32.05
N LEU B 51 5.94 -21.34 31.64
CA LEU B 51 4.58 -21.62 32.03
C LEU B 51 4.58 -22.26 33.42
N PRO B 52 3.84 -21.71 34.37
CA PRO B 52 3.80 -22.32 35.71
C PRO B 52 3.14 -23.69 35.67
N SER B 53 3.48 -24.49 36.68
CA SER B 53 2.83 -25.78 36.85
C SER B 53 1.34 -25.64 37.15
N SER B 54 0.89 -24.45 37.56
CA SER B 54 -0.52 -24.17 37.78
C SER B 54 -0.98 -23.17 36.73
N TYR B 55 -1.30 -23.68 35.55
CA TYR B 55 -2.08 -22.97 34.55
C TYR B 55 -3.07 -23.90 33.86
N PHE B 56 -3.04 -25.18 34.19
CA PHE B 56 -3.69 -26.24 33.43
C PHE B 56 -4.84 -26.83 34.24
N GLU B 57 -5.47 -27.85 33.67
CA GLU B 57 -6.62 -28.51 34.27
C GLU B 57 -6.49 -30.02 34.20
N GLY B 58 -5.33 -30.54 34.61
CA GLY B 58 -5.11 -31.98 34.52
C GLY B 58 -3.93 -32.37 33.64
N PHE B 59 -2.89 -31.54 33.66
CA PHE B 59 -1.68 -31.83 32.89
C PHE B 59 -1.11 -33.19 33.28
N GLU B 60 -0.69 -33.95 32.28
CA GLU B 60 -0.12 -35.28 32.49
C GLU B 60 1.22 -35.39 31.77
N VAL B 61 2.03 -36.34 32.24
CA VAL B 61 3.31 -36.66 31.64
C VAL B 61 3.36 -38.17 31.40
N SER B 62 3.82 -38.57 30.21
CA SER B 62 3.78 -39.98 29.85
C SER B 62 5.07 -40.71 30.19
N GLN B 63 6.17 -40.33 29.54
CA GLN B 63 7.43 -41.04 29.73
C GLN B 63 8.53 -40.18 30.33
N GLU B 64 8.90 -39.08 29.68
CA GLU B 64 10.06 -38.29 30.09
C GLU B 64 10.00 -36.96 29.34
N LYS B 65 11.09 -36.19 29.41
CA LYS B 65 11.18 -34.93 28.70
C LYS B 65 10.95 -35.12 27.21
N GLU B 66 10.09 -34.28 26.64
CA GLU B 66 9.70 -34.37 25.24
C GLU B 66 9.74 -32.98 24.61
N ILE B 67 10.19 -32.92 23.37
CA ILE B 67 10.27 -31.66 22.62
C ILE B 67 9.03 -31.53 21.76
N ILE B 68 8.37 -30.38 21.83
CA ILE B 68 7.15 -30.16 21.07
C ILE B 68 7.34 -28.95 20.16
N GLY B 69 8.56 -28.78 19.63
CA GLY B 69 8.87 -27.70 18.73
C GLY B 69 7.83 -27.48 17.63
N PHE B 70 7.57 -26.23 17.30
CA PHE B 70 6.46 -25.85 16.44
C PHE B 70 6.93 -24.90 15.35
N LYS B 71 6.01 -24.56 14.45
CA LYS B 71 6.22 -23.52 13.46
C LYS B 71 5.37 -22.32 13.85
N LEU B 72 5.96 -21.13 13.79
CA LEU B 72 5.30 -19.94 14.33
C LEU B 72 3.96 -19.69 13.66
N GLU B 73 3.95 -19.65 12.32
CA GLU B 73 2.81 -19.13 11.60
C GLU B 73 1.56 -19.98 11.81
N ASP B 74 1.72 -21.30 11.82
CA ASP B 74 0.56 -22.17 11.98
C ASP B 74 -0.06 -22.03 13.37
N VAL B 75 0.71 -22.36 14.41
CA VAL B 75 0.19 -22.35 15.77
C VAL B 75 -0.08 -20.92 16.22
N ASN B 76 0.19 -19.94 15.36
CA ASN B 76 -0.22 -18.57 15.63
C ASN B 76 -1.50 -18.17 14.92
N ASP B 77 -1.66 -18.54 13.64
CA ASP B 77 -2.79 -18.08 12.84
C ASP B 77 -3.98 -19.03 12.87
N ILE B 78 -3.75 -20.34 12.98
CA ILE B 78 -4.87 -21.25 13.16
C ILE B 78 -5.51 -21.02 14.51
N LEU B 79 -4.72 -20.68 15.53
CA LEU B 79 -5.24 -20.32 16.85
C LEU B 79 -5.65 -18.86 16.95
N LYS B 80 -5.64 -18.15 15.82
CA LYS B 80 -6.34 -16.86 15.75
C LYS B 80 -7.85 -17.06 15.83
N ARG B 81 -8.32 -18.28 15.57
CA ARG B 81 -9.75 -18.61 15.61
C ARG B 81 -10.12 -18.99 17.04
N VAL B 82 -10.35 -17.97 17.85
CA VAL B 82 -10.74 -18.15 19.24
C VAL B 82 -12.04 -17.40 19.46
N LEU B 83 -12.98 -18.03 20.16
CA LEU B 83 -14.22 -17.37 20.51
C LEU B 83 -14.02 -16.43 21.68
N LYS B 84 -15.10 -15.75 22.07
CA LYS B 84 -15.00 -14.77 23.13
C LYS B 84 -14.58 -15.42 24.45
N ASP B 85 -15.15 -16.59 24.76
CA ASP B 85 -14.83 -17.28 26.01
C ASP B 85 -14.92 -18.78 25.72
N ASP B 86 -13.77 -19.38 25.41
CA ASP B 86 -13.73 -20.81 25.16
C ASP B 86 -12.65 -21.49 25.99
N THR B 87 -12.46 -22.78 25.77
CA THR B 87 -11.40 -23.57 26.40
C THR B 87 -10.59 -24.22 25.29
N LEU B 88 -9.26 -24.20 25.46
CA LEU B 88 -8.34 -24.75 24.46
C LEU B 88 -7.59 -25.93 25.08
N ILE B 89 -7.76 -27.10 24.49
CA ILE B 89 -7.02 -28.28 24.92
C ILE B 89 -6.04 -28.67 23.80
N LEU B 90 -4.85 -29.10 24.20
CA LEU B 90 -3.80 -29.48 23.26
C LEU B 90 -3.48 -30.95 23.42
N SER B 91 -3.45 -31.67 22.31
CA SER B 91 -3.07 -33.08 22.29
C SER B 91 -2.00 -33.30 21.24
N SER B 92 -0.89 -33.90 21.66
CA SER B 92 0.23 -34.17 20.75
C SER B 92 0.93 -35.42 21.27
N ASN B 93 0.65 -36.56 20.63
CA ASN B 93 1.19 -37.83 21.12
C ASN B 93 2.63 -38.02 20.66
N GLU B 94 2.84 -38.12 19.35
CA GLU B 94 4.20 -38.28 18.83
C GLU B 94 4.53 -37.38 17.64
N SER B 95 3.58 -37.07 16.76
CA SER B 95 3.88 -36.30 15.56
C SER B 95 2.90 -35.19 15.25
N LYS B 96 1.67 -35.21 15.78
CA LYS B 96 0.64 -34.27 15.41
C LYS B 96 0.21 -33.46 16.63
N LEU B 97 0.30 -32.14 16.53
CA LEU B 97 -0.19 -31.23 17.55
C LEU B 97 -1.62 -30.86 17.19
N THR B 98 -2.59 -31.36 17.96
CA THR B 98 -4.00 -31.18 17.67
C THR B 98 -4.56 -30.12 18.62
N LEU B 99 -4.54 -28.87 18.16
CA LEU B 99 -5.14 -27.77 18.92
C LEU B 99 -6.65 -27.93 18.89
N THR B 100 -7.22 -28.37 20.01
CA THR B 100 -8.64 -28.69 20.10
C THR B 100 -9.33 -27.72 21.04
N PHE B 101 -10.34 -27.01 20.53
CA PHE B 101 -11.20 -26.17 21.33
C PHE B 101 -12.33 -27.00 21.94
N ASP B 102 -12.94 -26.47 22.99
CA ASP B 102 -14.13 -27.07 23.56
C ASP B 102 -14.98 -25.97 24.20
N GLY B 103 -16.27 -26.26 24.36
CA GLY B 103 -17.19 -25.28 24.89
C GLY B 103 -18.39 -25.04 24.00
N GLU B 104 -18.49 -23.83 23.44
CA GLU B 104 -19.62 -23.50 22.57
C GLU B 104 -19.66 -24.42 21.35
N PHE B 105 -18.50 -24.73 20.78
CA PHE B 105 -18.40 -25.65 19.67
C PHE B 105 -17.13 -26.48 19.87
N THR B 106 -17.28 -27.78 20.01
CA THR B 106 -16.14 -28.68 20.14
C THR B 106 -15.45 -28.78 18.78
N ARG B 107 -14.39 -28.01 18.60
CA ARG B 107 -13.65 -28.00 17.34
C ARG B 107 -12.18 -28.30 17.60
N SER B 108 -11.46 -28.61 16.52
CA SER B 108 -10.07 -28.99 16.63
C SER B 108 -9.31 -28.53 15.40
N PHE B 109 -8.00 -28.39 15.56
CA PHE B 109 -7.09 -28.10 14.46
C PHE B 109 -5.95 -29.11 14.50
N GLU B 110 -5.27 -29.26 13.36
CA GLU B 110 -4.23 -30.27 13.22
C GLU B 110 -2.97 -29.66 12.64
N LEU B 111 -1.82 -30.18 13.08
CA LEU B 111 -0.52 -29.72 12.60
C LEU B 111 0.57 -30.72 12.93
N PRO B 112 1.38 -31.13 11.95
CA PRO B 112 2.50 -32.02 12.23
C PRO B 112 3.56 -31.34 13.09
N LEU B 113 4.27 -32.16 13.86
CA LEU B 113 5.33 -31.65 14.72
C LEU B 113 6.57 -31.36 13.86
N ILE B 114 6.82 -30.08 13.60
CA ILE B 114 7.97 -29.67 12.81
C ILE B 114 9.19 -29.58 13.71
N GLN B 115 10.31 -30.15 13.24
CA GLN B 115 11.53 -30.27 14.04
C GLN B 115 12.56 -29.26 13.54
N VAL B 116 12.64 -28.11 14.21
CA VAL B 116 13.69 -27.13 13.97
C VAL B 116 13.75 -26.22 15.20
N GLU B 117 14.97 -25.91 15.63
CA GLU B 117 15.13 -25.22 16.90
C GLU B 117 16.46 -24.49 16.94
N SER B 118 16.58 -23.58 17.91
CA SER B 118 17.82 -22.87 18.22
C SER B 118 17.87 -22.75 19.75
N THR B 119 18.51 -23.74 20.38
CA THR B 119 18.51 -23.86 21.84
C THR B 119 19.82 -23.32 22.38
N GLN B 120 19.87 -22.01 22.62
CA GLN B 120 21.00 -21.37 23.28
C GLN B 120 20.52 -20.80 24.60
N PRO B 121 20.80 -21.46 25.72
CA PRO B 121 20.42 -20.94 27.04
C PRO B 121 21.53 -20.11 27.67
N PRO B 122 21.67 -18.84 27.31
CA PRO B 122 22.76 -18.04 27.89
C PRO B 122 22.53 -17.80 29.38
N SER B 123 23.63 -17.64 30.10
CA SER B 123 23.56 -17.39 31.53
C SER B 123 23.03 -15.99 31.80
N VAL B 124 22.10 -15.87 32.74
CA VAL B 124 21.49 -14.59 33.11
C VAL B 124 21.67 -14.45 34.62
N ASN B 125 22.75 -13.78 35.03
CA ASN B 125 23.01 -13.57 36.45
C ASN B 125 23.55 -12.17 36.74
N LEU B 126 23.64 -11.30 35.75
CA LEU B 126 24.14 -9.95 35.99
C LEU B 126 23.15 -9.17 36.85
N GLU B 127 23.70 -8.43 37.82
CA GLU B 127 22.87 -7.66 38.74
C GLU B 127 22.40 -6.36 38.09
N PHE B 128 21.41 -5.74 38.72
CA PHE B 128 20.85 -4.49 38.24
C PHE B 128 20.73 -3.50 39.38
N PRO B 129 20.81 -2.21 39.09
CA PRO B 129 20.70 -1.21 40.15
C PRO B 129 19.27 -0.87 40.53
N PHE B 130 18.36 -0.96 39.56
CA PHE B 130 17.02 -0.41 39.70
C PHE B 130 15.99 -1.53 39.78
N LYS B 131 14.86 -1.21 40.41
CA LYS B 131 13.79 -2.16 40.63
C LYS B 131 12.48 -1.39 40.76
N ALA B 132 11.40 -1.96 40.21
CA ALA B 132 10.10 -1.31 40.24
C ALA B 132 9.01 -2.36 40.09
N GLN B 133 7.79 -1.96 40.44
CA GLN B 133 6.63 -2.85 40.34
C GLN B 133 5.43 -2.06 39.84
N LEU B 134 4.92 -2.43 38.67
CA LEU B 134 3.80 -1.75 38.03
C LEU B 134 2.80 -2.79 37.56
N LEU B 135 1.52 -2.42 37.60
CA LEU B 135 0.46 -3.32 37.17
C LEU B 135 0.46 -3.45 35.65
N THR B 136 -0.10 -4.58 35.18
CA THR B 136 -0.08 -4.89 33.75
C THR B 136 -0.97 -3.99 32.92
N ILE B 137 -1.85 -3.20 33.54
CA ILE B 137 -2.87 -2.46 32.81
C ILE B 137 -2.50 -1.01 32.58
N THR B 138 -1.40 -0.52 33.16
CA THR B 138 -0.95 0.85 32.95
C THR B 138 0.28 0.94 32.07
N PHE B 139 1.20 -0.02 32.18
CA PHE B 139 2.39 -0.04 31.33
C PHE B 139 2.01 -0.05 29.86
N ALA B 140 1.06 -0.92 29.48
CA ALA B 140 0.62 -0.98 28.09
C ALA B 140 -0.07 0.32 27.69
N ASP B 141 -0.96 0.82 28.55
CA ASP B 141 -1.67 2.06 28.25
C ASP B 141 -0.72 3.23 28.05
N ILE B 142 0.47 3.17 28.62
CA ILE B 142 1.47 4.20 28.39
C ILE B 142 2.28 3.92 27.13
N ILE B 143 2.82 2.72 27.00
CA ILE B 143 3.78 2.44 25.93
C ILE B 143 3.11 2.44 24.57
N ASP B 144 1.86 1.94 24.47
CA ASP B 144 1.19 1.91 23.18
C ASP B 144 1.00 3.30 22.62
N GLU B 145 0.58 4.25 23.47
CA GLU B 145 0.52 5.64 23.06
C GLU B 145 1.90 6.27 22.97
N LEU B 146 2.92 5.62 23.53
CA LEU B 146 4.31 6.01 23.32
C LEU B 146 4.97 5.23 22.20
N SER B 147 4.24 4.32 21.56
CA SER B 147 4.80 3.45 20.53
C SER B 147 4.78 4.08 19.15
N ASP B 148 4.29 5.31 19.02
CA ASP B 148 4.19 5.96 17.74
C ASP B 148 5.07 7.19 17.61
N LEU B 149 5.57 7.73 18.71
CA LEU B 149 6.36 8.96 18.67
C LEU B 149 7.86 8.65 18.60
N GLY B 150 8.24 7.92 17.55
CA GLY B 150 9.62 7.62 17.27
C GLY B 150 9.86 6.13 17.28
N GLU B 151 11.12 5.74 17.48
CA GLU B 151 11.45 4.33 17.63
C GLU B 151 12.50 4.06 18.71
N VAL B 152 12.93 5.08 19.46
CA VAL B 152 13.94 4.91 20.50
C VAL B 152 13.50 5.65 21.75
N LEU B 153 13.68 5.02 22.90
CA LEU B 153 13.32 5.58 24.20
C LEU B 153 14.56 5.76 25.05
N ASN B 154 14.38 6.42 26.19
CA ASN B 154 15.45 6.61 27.16
C ASN B 154 14.87 6.55 28.56
N ILE B 155 15.58 5.88 29.45
CA ILE B 155 15.15 5.70 30.83
C ILE B 155 16.24 6.25 31.75
N HIS B 156 15.84 7.11 32.68
CA HIS B 156 16.74 7.69 33.66
C HIS B 156 16.01 7.83 34.98
N SER B 157 16.70 7.54 36.08
CA SER B 157 16.10 7.58 37.40
C SER B 157 16.88 8.53 38.31
N LYS B 158 16.15 9.22 39.18
CA LYS B 158 16.74 10.08 40.18
C LYS B 158 15.76 10.21 41.34
N GLU B 159 16.30 10.23 42.56
CA GLU B 159 15.50 10.35 43.78
C GLU B 159 14.44 9.25 43.88
N ASN B 160 14.79 8.04 43.44
CA ASN B 160 13.93 6.87 43.56
C ASN B 160 12.59 7.07 42.85
N LYS B 161 12.67 7.27 41.54
CA LYS B 161 11.48 7.32 40.70
C LYS B 161 11.86 6.96 39.28
N LEU B 162 10.93 6.31 38.57
CA LEU B 162 11.17 5.86 37.20
C LEU B 162 10.56 6.85 36.21
N TYR B 163 11.39 7.38 35.32
CA TYR B 163 10.96 8.34 34.32
C TYR B 163 11.01 7.70 32.94
N PHE B 164 9.83 7.47 32.35
CA PHE B 164 9.74 6.97 30.98
C PHE B 164 9.71 8.17 30.05
N GLU B 165 10.78 8.36 29.30
CA GLU B 165 10.92 9.47 28.38
C GLU B 165 11.21 8.95 26.99
N VAL B 166 10.55 9.54 25.99
CA VAL B 166 10.71 9.17 24.59
C VAL B 166 11.31 10.35 23.86
N ILE B 167 12.42 10.11 23.15
CA ILE B 167 13.12 11.15 22.42
C ILE B 167 13.26 10.73 20.97
N GLY B 168 13.47 11.71 20.11
CA GLY B 168 13.56 11.48 18.68
C GLY B 168 12.93 12.62 17.91
N ASP B 169 13.31 12.77 16.64
CA ASP B 169 12.83 13.85 15.79
C ASP B 169 13.03 15.21 16.45
N LEU B 170 11.93 15.88 16.79
CA LEU B 170 11.99 17.20 17.40
C LEU B 170 11.11 17.37 18.62
N SER B 171 10.25 16.39 18.93
CA SER B 171 9.32 16.50 20.05
C SER B 171 9.43 15.26 20.93
N THR B 172 9.38 15.47 22.24
CA THR B 172 9.64 14.42 23.22
C THR B 172 8.42 14.17 24.09
N ALA B 173 8.28 12.93 24.52
CA ALA B 173 7.21 12.52 25.42
C ALA B 173 7.79 12.17 26.78
N LYS B 174 7.09 12.56 27.84
CA LYS B 174 7.54 12.33 29.20
C LYS B 174 6.47 11.58 29.99
N VAL B 175 6.91 10.60 30.77
CA VAL B 175 6.05 9.86 31.68
C VAL B 175 6.73 9.81 33.03
N GLU B 176 5.94 9.93 34.10
CA GLU B 176 6.50 10.16 35.43
C GLU B 176 6.03 9.11 36.43
N LEU B 177 6.15 7.83 36.08
CA LEU B 177 5.73 6.76 36.97
C LEU B 177 6.37 6.90 38.34
N SER B 178 5.55 6.81 39.39
CA SER B 178 6.04 7.03 40.74
C SER B 178 5.14 6.31 41.73
N THR B 179 5.74 5.94 42.87
CA THR B 179 4.97 5.29 43.94
C THR B 179 3.94 6.24 44.52
N ASP B 180 4.33 7.50 44.77
CA ASP B 180 3.40 8.46 45.36
C ASP B 180 2.24 8.72 44.42
N ASN B 181 2.50 8.78 43.11
CA ASN B 181 1.42 8.95 42.14
C ASN B 181 0.46 7.77 42.16
N GLY B 182 0.87 6.65 42.73
CA GLY B 182 0.05 5.46 42.78
C GLY B 182 0.23 4.53 41.61
N THR B 183 0.96 4.95 40.58
CA THR B 183 1.20 4.10 39.43
C THR B 183 2.42 3.20 39.67
N LEU B 184 2.47 2.57 40.84
CA LEU B 184 3.55 1.68 41.22
C LEU B 184 3.09 0.82 42.38
N LEU B 185 3.83 -0.25 42.63
CA LEU B 185 3.60 -1.09 43.81
C LEU B 185 4.79 -1.07 44.76
N GLU B 186 5.99 -1.39 44.28
CA GLU B 186 7.20 -1.28 45.07
C GLU B 186 8.37 -1.03 44.12
N ALA B 187 9.42 -0.41 44.65
CA ALA B 187 10.55 -0.01 43.83
C ALA B 187 11.76 0.24 44.73
N SER B 188 12.80 0.84 44.18
CA SER B 188 14.01 1.16 44.92
C SER B 188 14.66 2.37 44.28
N GLY B 189 15.70 2.88 44.95
CA GLY B 189 16.38 4.07 44.47
C GLY B 189 17.76 3.83 43.91
N ALA B 190 17.97 4.23 42.66
CA ALA B 190 19.27 4.11 42.01
C ALA B 190 19.30 5.03 40.80
N ASP B 191 20.30 5.89 40.73
CA ASP B 191 20.43 6.87 39.64
C ASP B 191 21.37 6.30 38.58
N VAL B 192 20.81 5.83 37.48
CA VAL B 192 21.54 5.26 36.37
C VAL B 192 20.90 5.73 35.07
N SER B 193 21.44 5.29 33.94
CA SER B 193 20.92 5.67 32.64
C SER B 193 21.15 4.54 31.64
N SER B 194 20.36 4.58 30.57
CA SER B 194 20.45 3.64 29.46
C SER B 194 19.59 4.19 28.33
N SER B 195 19.44 3.40 27.27
CA SER B 195 18.62 3.78 26.13
C SER B 195 18.14 2.52 25.43
N TYR B 196 16.88 2.53 25.00
CA TYR B 196 16.28 1.36 24.38
C TYR B 196 15.41 1.77 23.21
N GLY B 197 15.29 0.88 22.24
CA GLY B 197 14.45 1.10 21.08
C GLY B 197 12.99 0.82 21.38
N MET B 198 12.16 1.09 20.38
CA MET B 198 10.71 0.93 20.52
C MET B 198 10.22 -0.41 20.00
N GLU B 199 10.63 -0.79 18.79
CA GLU B 199 10.19 -2.06 18.23
C GLU B 199 10.52 -3.22 19.16
N TYR B 200 11.58 -3.08 19.96
CA TYR B 200 11.92 -4.09 20.94
C TYR B 200 11.12 -3.96 22.23
N VAL B 201 10.27 -2.94 22.36
CA VAL B 201 9.48 -2.77 23.59
C VAL B 201 8.02 -2.53 23.22
N ALA B 202 7.75 -2.22 21.95
CA ALA B 202 6.38 -2.02 21.51
C ALA B 202 5.73 -3.29 20.95
N ASN B 203 6.53 -4.22 20.44
CA ASN B 203 5.99 -5.50 19.98
C ASN B 203 5.55 -6.40 21.11
N THR B 204 5.98 -6.12 22.34
CA THR B 204 5.68 -6.99 23.48
C THR B 204 4.50 -6.51 24.31
N THR B 205 3.82 -5.44 23.91
CA THR B 205 2.68 -4.97 24.67
C THR B 205 1.46 -5.86 24.49
N LYS B 206 1.45 -6.71 23.47
CA LYS B 206 0.27 -7.51 23.18
C LYS B 206 -0.09 -8.44 24.32
N MET B 207 0.87 -8.79 25.18
CA MET B 207 0.58 -9.62 26.34
C MET B 207 0.08 -8.76 27.50
N ARG B 208 -1.03 -8.06 27.23
CA ARG B 208 -1.69 -7.23 28.22
C ARG B 208 -2.83 -7.96 28.91
N ARG B 209 -3.81 -8.44 28.13
CA ARG B 209 -4.91 -9.18 28.72
C ARG B 209 -4.54 -10.64 28.88
N ALA B 210 -3.39 -10.91 29.49
CA ALA B 210 -3.03 -12.25 29.88
C ALA B 210 -2.29 -12.32 31.20
N SER B 211 -2.00 -11.19 31.84
CA SER B 211 -1.17 -11.12 33.02
C SER B 211 -1.88 -10.38 34.15
N ASP B 212 -1.33 -10.52 35.34
CA ASP B 212 -1.87 -9.86 36.53
C ASP B 212 -1.08 -8.63 36.92
N SER B 213 0.25 -8.76 37.02
CA SER B 213 1.12 -7.63 37.36
C SER B 213 2.33 -7.67 36.44
N MET B 214 3.34 -6.88 36.75
CA MET B 214 4.51 -6.79 35.90
C MET B 214 5.72 -6.38 36.74
N GLU B 215 6.85 -7.02 36.50
CA GLU B 215 8.11 -6.71 37.14
C GLU B 215 9.07 -6.19 36.09
N LEU B 216 9.58 -4.99 36.29
CA LEU B 216 10.61 -4.43 35.41
C LEU B 216 11.89 -4.24 36.22
N TYR B 217 12.99 -4.80 35.71
CA TYR B 217 14.31 -4.60 36.29
C TYR B 217 15.13 -3.80 35.29
N PHE B 218 15.00 -2.48 35.34
CA PHE B 218 15.82 -1.61 34.51
C PHE B 218 17.24 -1.58 35.05
N GLY B 219 18.19 -1.33 34.16
CA GLY B 219 19.58 -1.27 34.56
C GLY B 219 20.43 -0.34 33.71
N SER B 220 21.72 -0.24 34.06
CA SER B 220 22.66 0.61 33.35
C SER B 220 23.62 -0.27 32.56
N GLN B 221 23.64 -0.07 31.24
CA GLN B 221 24.54 -0.82 30.36
C GLN B 221 24.39 -2.33 30.55
N ILE B 222 23.17 -2.75 30.88
CA ILE B 222 22.87 -4.17 31.10
C ILE B 222 21.52 -4.47 30.46
N PRO B 223 21.26 -5.74 30.15
CA PRO B 223 20.00 -6.08 29.49
C PRO B 223 18.78 -5.66 30.30
N LEU B 224 17.76 -5.16 29.61
CA LEU B 224 16.52 -4.77 30.26
C LEU B 224 15.74 -6.01 30.65
N LYS B 225 15.27 -6.06 31.89
CA LYS B 225 14.61 -7.22 32.45
C LYS B 225 13.16 -6.87 32.75
N LEU B 226 12.29 -7.11 31.76
CA LEU B 226 10.85 -6.95 31.92
C LEU B 226 10.24 -8.32 32.22
N ARG B 227 9.61 -8.44 33.38
CA ARG B 227 9.01 -9.68 33.84
C ARG B 227 7.50 -9.51 33.90
N PHE B 228 6.77 -10.40 33.22
CA PHE B 228 5.31 -10.36 33.21
C PHE B 228 4.78 -11.29 34.29
N LYS B 229 4.27 -10.71 35.37
CA LYS B 229 3.72 -11.51 36.45
C LYS B 229 2.56 -12.35 35.94
N LEU B 230 2.61 -13.66 36.21
CA LEU B 230 1.63 -14.58 35.68
C LEU B 230 0.66 -15.04 36.76
N PRO B 231 -0.60 -15.30 36.41
CA PRO B 231 -1.52 -15.89 37.38
C PRO B 231 -1.02 -17.25 37.84
N GLN B 232 -1.17 -17.51 39.13
CA GLN B 232 -0.76 -18.77 39.75
C GLN B 232 0.74 -19.04 39.54
N GLU B 233 1.56 -18.09 40.01
CA GLU B 233 3.00 -18.29 40.24
C GLU B 233 3.73 -18.72 38.96
N GLY B 234 3.74 -17.80 37.99
CA GLY B 234 4.43 -18.02 36.73
C GLY B 234 5.53 -17.00 36.48
N TYR B 235 6.31 -17.27 35.43
CA TYR B 235 7.43 -16.40 35.03
C TYR B 235 7.15 -15.78 33.68
N GLY B 236 7.33 -14.46 33.58
CA GLY B 236 7.06 -13.73 32.37
C GLY B 236 8.19 -12.85 31.89
N ASP B 237 9.42 -13.34 31.99
CA ASP B 237 10.59 -12.53 31.69
C ASP B 237 10.73 -12.25 30.20
N PHE B 238 11.15 -11.03 29.89
CA PHE B 238 11.38 -10.55 28.52
C PHE B 238 12.69 -9.78 28.53
N TYR B 239 13.80 -10.47 28.28
CA TYR B 239 15.10 -9.84 28.25
C TYR B 239 15.27 -9.00 26.99
N ILE B 240 15.90 -7.84 27.13
CA ILE B 240 16.12 -6.93 26.01
C ILE B 240 17.56 -6.46 26.04
N ALA B 241 18.26 -6.60 24.92
CA ALA B 241 19.63 -6.13 24.82
C ALA B 241 19.65 -4.59 24.81
N PRO B 242 20.72 -3.98 25.30
CA PRO B 242 20.78 -2.52 25.34
C PRO B 242 20.92 -1.91 23.96
N ARG B 243 20.96 -0.58 23.90
CA ARG B 243 21.07 0.13 22.63
C ARG B 243 22.40 -0.16 21.94
N MET C 1 0.86 31.02 30.73
CA MET C 1 -0.20 30.62 29.82
C MET C 1 -0.68 29.21 30.15
N LYS C 2 -1.48 29.10 31.20
CA LYS C 2 -2.00 27.81 31.65
C LYS C 2 -3.46 27.70 31.26
N VAL C 3 -3.81 26.59 30.61
CA VAL C 3 -5.19 26.31 30.22
C VAL C 3 -5.52 24.87 30.57
N VAL C 4 -6.77 24.64 30.98
CA VAL C 4 -7.28 23.32 31.31
C VAL C 4 -8.60 23.11 30.58
N TYR C 5 -8.72 21.99 29.88
CA TYR C 5 -9.94 21.62 29.17
C TYR C 5 -10.48 20.33 29.74
N ASP C 6 -11.77 20.32 30.09
CA ASP C 6 -12.38 19.15 30.70
C ASP C 6 -12.47 17.98 29.73
N ASP C 7 -12.87 18.23 28.50
CA ASP C 7 -13.19 17.17 27.55
C ASP C 7 -12.03 16.92 26.59
N VAL C 8 -11.98 15.69 26.07
CA VAL C 8 -11.02 15.34 25.04
C VAL C 8 -11.69 15.01 23.71
N ARG C 9 -12.98 14.65 23.73
CA ARG C 9 -13.69 14.36 22.48
C ARG C 9 -13.74 15.59 21.59
N VAL C 10 -13.96 16.76 22.17
CA VAL C 10 -13.87 18.00 21.42
C VAL C 10 -12.49 18.16 20.82
N LEU C 11 -11.45 17.71 21.52
CA LEU C 11 -10.09 17.75 21.03
C LEU C 11 -9.70 16.49 20.27
N LYS C 12 -10.62 15.54 20.10
CA LYS C 12 -10.40 14.35 19.30
C LYS C 12 -11.24 14.35 18.02
N ASP C 13 -12.10 15.33 17.85
CA ASP C 13 -12.96 15.37 16.68
C ASP C 13 -12.85 16.64 15.86
N ILE C 14 -12.63 17.80 16.50
CA ILE C 14 -12.60 19.06 15.77
C ILE C 14 -11.49 19.04 14.73
N ILE C 15 -10.37 18.38 15.04
CA ILE C 15 -9.23 18.38 14.12
C ILE C 15 -9.43 17.42 12.95
N GLN C 16 -10.49 16.62 12.95
CA GLN C 16 -10.73 15.73 11.82
C GLN C 16 -11.03 16.52 10.55
N ALA C 17 -11.76 17.63 10.67
CA ALA C 17 -11.88 18.57 9.58
C ALA C 17 -10.60 19.35 9.32
N LEU C 18 -9.62 19.25 10.23
CA LEU C 18 -8.34 19.94 10.11
C LEU C 18 -7.18 19.01 9.82
N ALA C 19 -7.33 17.72 10.11
CA ALA C 19 -6.22 16.79 9.98
C ALA C 19 -5.71 16.70 8.55
N ARG C 20 -6.62 16.60 7.58
CA ARG C 20 -6.25 16.34 6.20
C ARG C 20 -6.63 17.48 5.26
N LEU C 21 -7.25 18.54 5.76
CA LEU C 21 -7.66 19.64 4.89
C LEU C 21 -6.47 20.55 4.59
N VAL C 22 -5.94 21.19 5.62
CA VAL C 22 -4.71 21.95 5.51
C VAL C 22 -3.75 21.45 6.59
N ASP C 23 -2.53 21.09 6.19
CA ASP C 23 -1.60 20.47 7.12
C ASP C 23 -1.04 21.45 8.14
N GLU C 24 -1.28 22.76 7.98
CA GLU C 24 -0.77 23.76 8.91
C GLU C 24 -1.91 24.68 9.34
N ALA C 25 -1.97 24.97 10.63
CA ALA C 25 -2.96 25.88 11.18
C ALA C 25 -2.36 26.61 12.36
N VAL C 26 -3.02 27.69 12.77
CA VAL C 26 -2.54 28.54 13.86
C VAL C 26 -3.54 28.44 14.99
N LEU C 27 -3.28 27.54 15.94
CA LEU C 27 -4.10 27.45 17.14
C LEU C 27 -3.94 28.74 17.93
N LYS C 28 -4.97 29.57 17.89
CA LYS C 28 -4.89 30.95 18.39
C LYS C 28 -5.72 31.06 19.66
N PHE C 29 -5.08 30.84 20.80
CA PHE C 29 -5.70 31.11 22.09
C PHE C 29 -5.65 32.61 22.34
N LYS C 30 -6.82 33.24 22.36
CA LYS C 30 -6.92 34.69 22.48
C LYS C 30 -6.82 35.11 23.94
N GLN C 31 -6.70 36.42 24.17
CA GLN C 31 -6.67 36.98 25.52
C GLN C 31 -8.00 36.87 26.23
N ASP C 32 -9.07 36.51 25.52
CA ASP C 32 -10.39 36.38 26.12
C ASP C 32 -11.13 35.11 25.70
N SER C 33 -10.68 34.41 24.68
CA SER C 33 -11.32 33.19 24.19
C SER C 33 -10.29 32.39 23.42
N VAL C 34 -10.75 31.41 22.64
CA VAL C 34 -9.91 30.69 21.70
C VAL C 34 -10.64 30.63 20.36
N GLU C 35 -10.02 31.16 19.32
CA GLU C 35 -10.61 31.22 17.99
C GLU C 35 -9.60 30.71 16.97
N LEU C 36 -10.07 29.91 16.02
CA LEU C 36 -9.20 29.24 15.06
C LEU C 36 -9.74 29.44 13.65
N VAL C 37 -9.03 30.22 12.84
CA VAL C 37 -9.29 30.34 11.41
C VAL C 37 -7.96 30.21 10.68
N ALA C 38 -7.86 29.25 9.77
CA ALA C 38 -6.63 29.00 9.04
C ALA C 38 -6.95 28.66 7.59
N LEU C 39 -6.18 29.23 6.66
CA LEU C 39 -6.40 28.99 5.24
C LEU C 39 -5.96 27.57 4.89
N ASP C 40 -6.10 27.23 3.61
CA ASP C 40 -5.73 25.91 3.10
C ASP C 40 -4.92 26.06 1.82
N ARG C 41 -4.01 25.12 1.60
CA ARG C 41 -3.15 25.18 0.43
C ARG C 41 -3.92 24.96 -0.86
N ALA C 42 -4.98 24.14 -0.82
CA ALA C 42 -5.77 23.91 -2.01
C ALA C 42 -6.53 25.16 -2.45
N HIS C 43 -6.68 26.15 -1.57
CA HIS C 43 -7.47 27.34 -1.85
C HIS C 43 -8.89 26.98 -2.26
N ILE C 44 -9.46 25.94 -1.62
CA ILE C 44 -10.79 25.46 -1.92
C ILE C 44 -11.67 25.46 -0.67
N SER C 45 -11.23 24.77 0.38
CA SER C 45 -11.99 24.61 1.61
C SER C 45 -11.29 25.32 2.76
N LEU C 46 -12.07 25.62 3.80
CA LEU C 46 -11.55 26.34 4.96
C LEU C 46 -12.51 26.22 6.15
N ILE C 47 -12.02 25.75 7.28
CA ILE C 47 -12.86 25.56 8.46
C ILE C 47 -12.49 26.59 9.51
N SER C 48 -13.47 26.93 10.36
CA SER C 48 -13.28 27.85 11.46
C SER C 48 -13.97 27.30 12.70
N VAL C 49 -13.39 27.59 13.86
CA VAL C 49 -13.93 27.15 15.14
C VAL C 49 -14.00 28.35 16.08
N ASN C 50 -15.13 28.50 16.75
CA ASN C 50 -15.32 29.58 17.73
C ASN C 50 -15.56 28.95 19.09
N LEU C 51 -14.74 29.34 20.07
CA LEU C 51 -14.86 28.79 21.42
C LEU C 51 -14.57 29.87 22.45
N PRO C 52 -15.57 30.29 23.24
CA PRO C 52 -15.32 31.28 24.29
C PRO C 52 -14.92 30.63 25.61
N ARG C 53 -14.75 31.45 26.65
CA ARG C 53 -14.34 30.96 27.98
C ARG C 53 -15.56 30.41 28.72
N GLU C 54 -16.03 29.25 28.26
CA GLU C 54 -17.13 28.57 28.91
C GLU C 54 -16.87 27.09 29.19
N MET C 55 -15.88 26.47 28.53
CA MET C 55 -15.61 25.05 28.71
C MET C 55 -14.20 24.80 29.23
N PHE C 56 -13.51 25.82 29.72
CA PHE C 56 -12.16 25.68 30.24
C PHE C 56 -12.18 25.74 31.76
N LYS C 57 -11.62 24.72 32.41
CA LYS C 57 -11.55 24.71 33.86
C LYS C 57 -10.69 25.87 34.37
N GLU C 58 -9.54 26.09 33.73
CA GLU C 58 -8.65 27.19 34.08
C GLU C 58 -8.11 27.79 32.79
N TYR C 59 -8.02 29.11 32.75
CA TYR C 59 -7.57 29.80 31.54
C TYR C 59 -6.89 31.10 31.96
N ASP C 60 -5.56 31.07 32.03
CA ASP C 60 -4.76 32.25 32.36
C ASP C 60 -3.83 32.55 31.19
N VAL C 61 -3.95 33.76 30.63
CA VAL C 61 -3.11 34.19 29.52
C VAL C 61 -2.55 35.57 29.84
N ASN C 62 -1.40 35.86 29.24
CA ASN C 62 -0.76 37.16 29.39
C ASN C 62 -0.38 37.75 28.04
N ASP C 63 -0.11 36.89 27.06
CA ASP C 63 0.30 37.32 25.73
C ASP C 63 -0.27 36.36 24.71
N GLU C 64 -0.11 36.70 23.43
CA GLU C 64 -0.60 35.84 22.36
C GLU C 64 0.12 34.51 22.35
N PHE C 65 -0.61 33.45 22.01
CA PHE C 65 -0.09 32.10 22.01
C PHE C 65 -0.21 31.52 20.60
N LYS C 66 0.89 30.98 20.09
CA LYS C 66 0.95 30.46 18.73
C LYS C 66 1.65 29.10 18.69
N PHE C 67 1.21 28.18 19.55
CA PHE C 67 1.75 26.82 19.50
C PHE C 67 1.53 26.22 18.12
N GLY C 68 2.63 26.04 17.40
CA GLY C 68 2.55 25.37 16.12
C GLY C 68 2.31 23.89 16.31
N PHE C 69 2.06 23.21 15.21
CA PHE C 69 1.78 21.78 15.28
C PHE C 69 1.90 21.17 13.89
N ASN C 70 1.95 19.85 13.87
CA ASN C 70 1.70 19.07 12.67
C ASN C 70 0.35 18.37 12.84
N THR C 71 -0.52 18.50 11.83
CA THR C 71 -1.85 17.93 11.93
C THR C 71 -1.79 16.46 12.33
N GLN C 72 -0.98 15.69 11.62
CA GLN C 72 -0.84 14.27 11.96
C GLN C 72 -0.27 14.11 13.37
N TYR C 73 0.75 14.91 13.70
CA TYR C 73 1.33 14.84 15.04
C TYR C 73 0.31 15.28 16.09
N LEU C 74 -0.46 16.32 15.80
CA LEU C 74 -1.46 16.78 16.77
C LEU C 74 -2.49 15.69 17.04
N MET C 75 -2.94 15.01 15.98
CA MET C 75 -3.86 13.89 16.17
C MET C 75 -3.19 12.78 16.97
N LYS C 76 -1.91 12.50 16.71
CA LYS C 76 -1.22 11.44 17.42
C LYS C 76 -1.13 11.74 18.91
N ILE C 77 -0.86 13.00 19.26
CA ILE C 77 -0.65 13.35 20.66
C ILE C 77 -1.97 13.65 21.34
N LEU C 78 -3.08 13.42 20.65
CA LEU C 78 -4.41 13.59 21.23
C LEU C 78 -5.23 12.31 21.08
N LYS C 79 -4.57 11.16 21.00
CA LYS C 79 -5.24 9.89 20.87
C LYS C 79 -5.11 9.03 22.11
N VAL C 80 -4.55 9.58 23.20
CA VAL C 80 -4.35 8.79 24.40
C VAL C 80 -5.59 8.76 25.28
N ALA C 81 -6.27 9.90 25.44
CA ALA C 81 -7.43 10.01 26.32
C ALA C 81 -8.65 9.44 25.61
N LYS C 82 -9.42 8.62 26.32
CA LYS C 82 -10.58 7.94 25.75
C LYS C 82 -11.89 8.34 26.40
N ARG C 83 -12.01 8.20 27.73
CA ARG C 83 -13.32 8.32 28.35
C ARG C 83 -13.71 9.77 28.62
N LYS C 84 -13.02 10.42 29.56
CA LYS C 84 -13.31 11.82 29.89
C LYS C 84 -12.05 12.60 30.24
N GLU C 85 -10.87 12.03 30.04
CA GLU C 85 -9.65 12.57 30.63
C GLU C 85 -9.42 14.01 30.19
N ALA C 86 -9.11 14.86 31.15
CA ALA C 86 -8.87 16.28 30.88
C ALA C 86 -7.45 16.47 30.37
N ILE C 87 -7.11 17.73 30.08
CA ILE C 87 -5.81 18.09 29.51
C ILE C 87 -5.27 19.30 30.26
N GLU C 88 -3.95 19.45 30.24
CA GLU C 88 -3.26 20.56 30.90
C GLU C 88 -2.20 21.08 29.94
N ILE C 89 -2.45 22.24 29.34
CA ILE C 89 -1.56 22.82 28.34
C ILE C 89 -0.99 24.11 28.90
N ALA C 90 0.33 24.18 28.97
CA ALA C 90 1.04 25.36 29.45
C ALA C 90 2.53 25.14 29.18
N SER C 91 3.30 26.21 29.40
CA SER C 91 4.76 26.18 29.29
C SER C 91 5.29 27.46 29.93
N GLU C 92 6.59 27.68 29.80
CA GLU C 92 7.19 28.90 30.33
C GLU C 92 7.95 29.63 29.23
N SER C 93 8.50 28.88 28.28
CA SER C 93 9.30 29.43 27.21
C SER C 93 8.65 29.15 25.86
N PRO C 94 8.69 30.11 24.95
CA PRO C 94 8.07 29.93 23.62
C PRO C 94 8.92 29.09 22.68
N ASP C 95 9.34 27.92 23.14
CA ASP C 95 10.12 27.02 22.31
C ASP C 95 9.48 25.64 22.31
N SER C 96 8.77 25.31 23.37
CA SER C 96 8.05 24.04 23.46
C SER C 96 6.94 24.20 24.48
N VAL C 97 5.78 23.62 24.17
CA VAL C 97 4.58 23.75 25.00
C VAL C 97 4.32 22.39 25.63
N ILE C 98 4.25 22.37 26.97
CA ILE C 98 4.03 21.12 27.70
C ILE C 98 2.55 20.79 27.61
N ILE C 99 2.23 19.66 26.97
CA ILE C 99 0.87 19.20 26.80
C ILE C 99 0.67 18.04 27.77
N ASN C 100 -0.01 18.31 28.87
CA ASN C 100 -0.23 17.31 29.91
C ASN C 100 -1.65 16.77 29.82
N ILE C 101 -1.77 15.47 29.71
CA ILE C 101 -3.07 14.80 29.67
C ILE C 101 -3.44 14.41 31.09
N ILE C 102 -4.51 15.02 31.62
CA ILE C 102 -4.94 14.72 32.98
C ILE C 102 -5.52 13.32 33.04
N GLY C 103 -5.33 12.66 34.18
CA GLY C 103 -5.97 11.39 34.44
C GLY C 103 -5.02 10.23 34.20
N SER C 104 -5.38 9.08 34.80
CA SER C 104 -4.58 7.86 34.73
C SER C 104 -3.14 8.15 35.13
N THR C 105 -2.22 8.01 34.18
CA THR C 105 -0.83 8.33 34.43
C THR C 105 -0.57 9.82 34.24
N ASN C 106 0.20 10.39 35.15
CA ASN C 106 0.61 11.79 35.02
C ASN C 106 1.49 11.90 33.78
N ARG C 107 0.94 12.45 32.69
CA ARG C 107 1.59 12.36 31.38
C ARG C 107 1.59 13.73 30.72
N GLU C 108 2.78 14.26 30.47
CA GLU C 108 2.96 15.52 29.76
C GLU C 108 4.04 15.33 28.69
N PHE C 109 3.88 16.01 27.57
CA PHE C 109 4.79 15.85 26.44
C PHE C 109 5.41 17.19 26.08
N ASN C 110 6.52 17.12 25.35
CA ASN C 110 7.21 18.30 24.86
C ASN C 110 7.21 18.28 23.34
N VAL C 111 6.66 19.32 22.73
CA VAL C 111 6.45 19.37 21.29
C VAL C 111 6.96 20.72 20.77
N ARG C 112 7.72 20.68 19.69
CA ARG C 112 8.29 21.88 19.12
C ARG C 112 7.24 22.67 18.36
N ASN C 113 7.33 23.99 18.44
CA ASN C 113 6.46 24.90 17.69
C ASN C 113 7.00 24.99 16.27
N LEU C 114 6.49 24.14 15.39
CA LEU C 114 6.87 24.19 13.97
C LEU C 114 6.15 25.40 13.36
N GLU C 115 6.70 26.57 13.63
CA GLU C 115 6.03 27.82 13.25
C GLU C 115 5.87 27.92 11.75
N VAL C 116 4.68 28.35 11.33
CA VAL C 116 4.37 28.55 9.92
C VAL C 116 3.68 29.91 9.79
N SER C 117 3.64 30.40 8.55
CA SER C 117 3.03 31.69 8.24
C SER C 117 1.90 31.51 7.24
N GLU C 118 0.84 32.29 7.42
CA GLU C 118 -0.31 32.24 6.53
C GLU C 118 -1.01 33.59 6.54
N GLN C 119 -1.79 33.84 5.50
CA GLN C 119 -2.54 35.08 5.36
C GLN C 119 -3.78 35.05 6.23
N GLU C 120 -4.39 36.22 6.39
CA GLU C 120 -5.61 36.37 7.17
C GLU C 120 -6.84 36.09 6.30
N ILE C 121 -7.94 35.78 6.97
CA ILE C 121 -9.21 35.46 6.30
C ILE C 121 -10.24 36.48 6.74
N PRO C 122 -10.95 37.12 5.82
CA PRO C 122 -11.99 38.08 6.23
C PRO C 122 -13.17 37.38 6.87
N GLU C 123 -13.95 38.16 7.62
CA GLU C 123 -15.11 37.65 8.35
C GLU C 123 -16.30 37.56 7.39
N ILE C 124 -16.24 36.54 6.52
CA ILE C 124 -17.23 36.24 5.48
C ILE C 124 -17.90 37.49 4.93
N ASN C 125 -18.87 38.03 5.67
CA ASN C 125 -19.68 39.18 5.23
C ASN C 125 -20.34 38.90 3.88
N LEU C 126 -20.82 37.67 3.69
CA LEU C 126 -21.49 37.26 2.47
C LEU C 126 -22.79 36.55 2.82
N GLN C 127 -23.86 36.89 2.10
CA GLN C 127 -25.16 36.27 2.30
C GLN C 127 -25.40 35.22 1.23
N PHE C 128 -26.17 34.20 1.59
CA PHE C 128 -26.50 33.10 0.69
C PHE C 128 -28.01 32.99 0.56
N ASP C 129 -28.43 32.13 -0.36
CA ASP C 129 -29.84 32.01 -0.70
C ASP C 129 -30.58 31.03 0.20
N ILE C 130 -29.94 29.93 0.60
CA ILE C 130 -30.59 28.90 1.40
C ILE C 130 -29.73 28.63 2.64
N SER C 131 -30.38 28.61 3.80
CA SER C 131 -29.77 28.14 5.04
C SER C 131 -30.73 27.10 5.62
N ALA C 132 -30.59 25.86 5.13
CA ALA C 132 -31.51 24.79 5.51
C ALA C 132 -31.08 24.19 6.84
N THR C 133 -31.83 23.17 7.28
CA THR C 133 -31.51 22.48 8.53
C THR C 133 -32.09 21.09 8.46
N ILE C 134 -31.23 20.07 8.51
CA ILE C 134 -31.62 18.68 8.37
C ILE C 134 -31.07 17.91 9.56
N SER C 135 -31.27 16.60 9.55
CA SER C 135 -30.63 15.73 10.52
C SER C 135 -29.17 15.58 10.16
N SER C 136 -28.28 16.00 11.07
CA SER C 136 -26.85 15.96 10.78
C SER C 136 -26.38 14.55 10.52
N ASP C 137 -26.81 13.59 11.33
CA ASP C 137 -26.48 12.19 11.07
C ASP C 137 -27.06 11.74 9.75
N GLY C 138 -28.30 12.15 9.45
CA GLY C 138 -28.88 11.83 8.16
C GLY C 138 -28.19 12.52 7.00
N PHE C 139 -27.83 13.80 7.18
CA PHE C 139 -27.17 14.55 6.11
C PHE C 139 -25.76 14.02 5.85
N LYS C 140 -25.05 13.68 6.92
CA LYS C 140 -23.75 13.03 6.74
C LYS C 140 -23.91 11.70 6.04
N SER C 141 -24.93 10.93 6.40
CA SER C 141 -25.18 9.67 5.70
C SER C 141 -25.50 9.92 4.24
N ALA C 142 -26.16 11.03 3.92
CA ALA C 142 -26.47 11.33 2.53
C ALA C 142 -25.21 11.70 1.75
N ILE C 143 -24.31 12.47 2.37
CA ILE C 143 -23.04 12.81 1.72
C ILE C 143 -22.21 11.55 1.50
N SER C 144 -22.25 10.61 2.44
CA SER C 144 -21.56 9.35 2.27
C SER C 144 -22.27 8.38 1.34
N GLU C 145 -23.56 8.57 1.09
CA GLU C 145 -24.36 7.63 0.31
C GLU C 145 -24.43 8.02 -1.17
N VAL C 146 -24.88 9.24 -1.46
CA VAL C 146 -25.05 9.66 -2.85
C VAL C 146 -23.72 9.68 -3.58
N SER C 147 -22.60 9.79 -2.88
CA SER C 147 -21.27 9.77 -3.47
C SER C 147 -20.52 8.55 -2.94
N THR C 148 -20.75 7.40 -3.57
CA THR C 148 -20.06 6.18 -3.18
C THR C 148 -19.39 5.55 -4.39
N VAL C 149 -19.97 5.74 -5.56
CA VAL C 149 -19.37 5.31 -6.81
C VAL C 149 -19.03 6.49 -7.71
N THR C 150 -19.87 7.52 -7.71
CA THR C 150 -19.65 8.69 -8.54
C THR C 150 -18.45 9.49 -8.04
N ASP C 151 -18.09 10.52 -8.81
CA ASP C 151 -17.05 11.46 -8.44
C ASP C 151 -17.51 12.91 -8.56
N ASN C 152 -18.82 13.14 -8.65
CA ASN C 152 -19.36 14.48 -8.67
C ASN C 152 -20.81 14.42 -8.18
N VAL C 153 -21.20 15.42 -7.40
CA VAL C 153 -22.54 15.52 -6.84
C VAL C 153 -23.10 16.89 -7.16
N VAL C 154 -24.35 16.94 -7.62
CA VAL C 154 -25.03 18.16 -8.00
C VAL C 154 -26.08 18.47 -6.95
N VAL C 155 -26.10 19.71 -6.47
CA VAL C 155 -27.06 20.17 -5.47
C VAL C 155 -28.13 20.99 -6.18
N GLU C 156 -29.38 20.56 -6.04
CA GLU C 156 -30.50 21.22 -6.72
C GLU C 156 -31.73 21.14 -5.85
N GLY C 157 -32.28 22.30 -5.50
CA GLY C 157 -33.54 22.37 -4.79
C GLY C 157 -34.36 23.56 -5.27
N HIS C 158 -35.59 23.31 -5.75
CA HIS C 158 -36.32 24.38 -6.41
C HIS C 158 -37.03 25.30 -5.43
N GLU C 159 -38.04 24.77 -4.72
CA GLU C 159 -38.78 25.59 -3.76
C GLU C 159 -38.77 25.02 -2.35
N ASP C 160 -39.16 23.75 -2.18
CA ASP C 160 -39.40 23.20 -0.85
C ASP C 160 -38.67 21.88 -0.64
N ARG C 161 -37.59 21.65 -1.37
CA ARG C 161 -36.85 20.39 -1.26
C ARG C 161 -35.38 20.66 -1.47
N ILE C 162 -34.55 19.74 -0.98
CA ILE C 162 -33.11 19.80 -1.15
C ILE C 162 -32.64 18.46 -1.70
N LEU C 163 -31.96 18.48 -2.84
CA LEU C 163 -31.47 17.27 -3.50
C LEU C 163 -29.99 17.44 -3.80
N ILE C 164 -29.14 16.76 -3.03
CA ILE C 164 -27.71 16.69 -3.34
C ILE C 164 -27.53 15.47 -4.24
N LYS C 165 -27.79 15.66 -5.52
CA LYS C 165 -27.86 14.57 -6.47
C LYS C 165 -26.51 14.33 -7.12
N ALA C 166 -26.19 13.05 -7.32
CA ALA C 166 -24.99 12.65 -8.03
C ALA C 166 -25.40 11.71 -9.16
N GLU C 167 -25.03 12.07 -10.39
CA GLU C 167 -25.49 11.35 -11.57
C GLU C 167 -24.30 10.97 -12.45
N GLY C 168 -24.58 10.15 -13.45
CA GLY C 168 -23.57 9.66 -14.37
C GLY C 168 -23.72 8.18 -14.62
N GLU C 169 -24.12 7.44 -13.59
CA GLU C 169 -24.48 6.03 -13.70
C GLU C 169 -25.93 5.80 -13.32
N SER C 170 -26.36 6.29 -12.17
CA SER C 170 -27.75 6.22 -11.75
C SER C 170 -28.10 7.50 -11.01
N GLU C 171 -29.24 8.09 -11.36
CA GLU C 171 -29.68 9.34 -10.73
C GLU C 171 -30.37 9.00 -9.41
N VAL C 172 -29.55 8.76 -8.39
CA VAL C 172 -30.03 8.47 -7.05
C VAL C 172 -29.99 9.77 -6.25
N GLU C 173 -31.12 10.13 -5.64
CA GLU C 173 -31.24 11.38 -4.93
C GLU C 173 -31.91 11.15 -3.58
N VAL C 174 -31.59 12.02 -2.63
CA VAL C 174 -32.23 12.04 -1.31
C VAL C 174 -32.81 13.43 -1.11
N GLU C 175 -34.09 13.48 -0.76
CA GLU C 175 -34.78 14.76 -0.59
C GLU C 175 -35.22 14.92 0.87
N PHE C 176 -35.29 16.18 1.30
CA PHE C 176 -35.84 16.55 2.60
C PHE C 176 -36.81 17.70 2.32
N SER C 177 -38.05 17.35 1.98
CA SER C 177 -39.04 18.32 1.55
C SER C 177 -40.13 18.44 2.62
N LYS C 178 -40.48 19.68 2.97
CA LYS C 178 -41.47 19.98 3.99
C LYS C 178 -41.07 19.35 5.33
N ASP C 179 -42.01 19.20 6.24
CA ASP C 179 -41.73 18.64 7.56
C ASP C 179 -42.05 17.14 7.60
N THR C 180 -41.39 16.39 6.72
CA THR C 180 -41.48 14.95 6.71
C THR C 180 -40.38 14.28 7.53
N GLY C 181 -39.59 15.06 8.25
CA GLY C 181 -38.46 14.55 9.00
C GLY C 181 -37.21 15.36 8.71
N GLY C 182 -37.05 15.78 7.45
CA GLY C 182 -35.99 16.67 7.06
C GLY C 182 -36.47 18.11 6.92
N LEU C 183 -35.53 18.97 6.54
CA LEU C 183 -35.79 20.39 6.33
C LEU C 183 -36.43 21.02 7.57
N GLN C 184 -35.67 20.99 8.67
CA GLN C 184 -36.15 21.59 9.91
C GLN C 184 -36.22 23.11 9.83
N ASP C 185 -35.51 23.72 8.88
CA ASP C 185 -35.59 25.15 8.65
C ASP C 185 -35.24 25.42 7.19
N LEU C 186 -35.71 26.56 6.69
CA LEU C 186 -35.47 26.90 5.29
C LEU C 186 -35.74 28.38 5.07
N GLU C 187 -34.77 29.07 4.49
CA GLU C 187 -34.95 30.41 3.95
C GLU C 187 -34.80 30.33 2.44
N PHE C 188 -35.58 31.15 1.73
CA PHE C 188 -35.67 31.03 0.29
C PHE C 188 -35.44 32.37 -0.38
N SER C 189 -34.70 32.34 -1.48
CA SER C 189 -34.56 33.49 -2.36
C SER C 189 -34.69 33.14 -3.84
N LYS C 190 -34.43 31.90 -4.25
CA LYS C 190 -34.48 31.50 -5.66
C LYS C 190 -34.31 29.99 -5.72
N GLU C 191 -34.62 29.42 -6.89
CA GLU C 191 -34.38 28.00 -7.12
C GLU C 191 -32.88 27.74 -7.15
N SER C 192 -32.51 26.54 -6.73
CA SER C 192 -31.11 26.19 -6.53
C SER C 192 -30.66 25.16 -7.55
N LYS C 193 -29.42 25.31 -8.02
CA LYS C 193 -28.81 24.36 -8.94
C LYS C 193 -27.30 24.56 -8.86
N ASN C 194 -26.60 23.59 -8.29
CA ASN C 194 -25.15 23.66 -8.12
C ASN C 194 -24.61 22.26 -7.97
N SER C 195 -23.29 22.13 -7.99
CA SER C 195 -22.64 20.85 -7.84
C SER C 195 -21.52 20.94 -6.80
N TYR C 196 -21.25 19.81 -6.14
CA TYR C 196 -20.14 19.72 -5.20
C TYR C 196 -19.50 18.35 -5.32
N SER C 197 -18.20 18.32 -5.59
CA SER C 197 -17.52 17.09 -5.98
C SER C 197 -17.36 16.14 -4.79
N ALA C 198 -16.78 14.99 -5.09
CA ALA C 198 -16.59 13.89 -4.16
C ALA C 198 -15.18 13.96 -3.55
N GLU C 199 -14.75 12.84 -2.94
CA GLU C 199 -13.41 12.63 -2.40
C GLU C 199 -13.16 13.46 -1.15
N TYR C 200 -12.30 14.49 -1.23
CA TYR C 200 -12.01 15.22 -0.01
C TYR C 200 -13.10 16.22 0.35
N LEU C 201 -14.10 16.40 -0.51
CA LEU C 201 -15.34 17.05 -0.10
C LEU C 201 -16.28 16.08 0.60
N ASP C 202 -16.00 14.77 0.51
CA ASP C 202 -16.59 13.76 1.38
C ASP C 202 -15.80 13.60 2.67
N ASP C 203 -14.61 14.18 2.75
CA ASP C 203 -13.73 14.03 3.91
C ASP C 203 -14.00 15.07 4.99
N VAL C 204 -15.22 15.59 5.04
CA VAL C 204 -15.70 16.34 6.20
C VAL C 204 -16.54 15.44 7.09
N LEU C 205 -16.27 14.12 7.06
CA LEU C 205 -17.17 13.12 7.61
C LEU C 205 -17.41 13.31 9.11
N SER C 206 -16.39 13.08 9.93
CA SER C 206 -16.58 12.99 11.37
C SER C 206 -16.35 14.34 12.05
N LEU C 207 -17.06 15.35 11.58
CA LEU C 207 -17.09 16.67 12.20
C LEU C 207 -18.49 17.09 12.58
N THR C 208 -19.48 16.78 11.75
CA THR C 208 -20.84 17.24 11.97
C THR C 208 -21.47 16.63 13.22
N LYS C 209 -21.04 15.42 13.58
CA LYS C 209 -21.79 14.63 14.54
C LYS C 209 -21.80 15.22 15.95
N LEU C 210 -20.98 16.24 16.21
CA LEU C 210 -20.98 16.86 17.53
C LEU C 210 -22.33 17.48 17.86
N SER C 211 -22.93 18.15 16.89
CA SER C 211 -24.27 18.69 17.05
C SER C 211 -25.15 18.15 15.94
N ASP C 212 -26.30 17.59 16.31
CA ASP C 212 -27.20 16.97 15.34
C ASP C 212 -28.14 18.00 14.71
N TYR C 213 -27.55 19.09 14.21
CA TYR C 213 -28.32 20.13 13.50
C TYR C 213 -27.38 20.76 12.47
N VAL C 214 -27.43 20.24 11.24
CA VAL C 214 -26.63 20.82 10.16
C VAL C 214 -27.33 22.06 9.62
N LYS C 215 -26.54 22.88 8.92
CA LYS C 215 -27.09 24.09 8.29
C LYS C 215 -26.18 24.48 7.13
N ILE C 216 -26.61 24.15 5.91
CA ILE C 216 -25.83 24.49 4.72
C ILE C 216 -26.03 25.97 4.39
N SER C 217 -25.17 26.48 3.51
CA SER C 217 -25.29 27.86 3.04
C SER C 217 -25.07 27.91 1.54
N PHE C 218 -25.57 26.90 0.81
CA PHE C 218 -25.33 26.83 -0.62
C PHE C 218 -26.06 27.94 -1.36
N GLY C 219 -25.45 28.40 -2.45
CA GLY C 219 -26.04 29.45 -3.25
C GLY C 219 -25.42 29.48 -4.62
N ASN C 220 -26.14 30.09 -5.56
CA ASN C 220 -25.70 30.15 -6.94
C ASN C 220 -24.47 31.06 -7.07
N GLN C 221 -23.45 30.55 -7.76
CA GLN C 221 -22.21 31.28 -8.00
C GLN C 221 -21.58 31.74 -6.68
N LYS C 222 -21.69 30.89 -5.66
CA LYS C 222 -21.19 31.22 -4.33
C LYS C 222 -20.55 29.99 -3.71
N PRO C 223 -19.55 30.19 -2.85
CA PRO C 223 -18.91 29.04 -2.18
C PRO C 223 -19.82 28.45 -1.12
N LEU C 224 -19.49 27.22 -0.73
CA LEU C 224 -20.29 26.50 0.25
C LEU C 224 -19.93 26.95 1.68
N GLN C 225 -20.84 26.62 2.60
CA GLN C 225 -20.62 26.92 4.01
C GLN C 225 -21.59 26.09 4.83
N LEU C 226 -21.05 25.35 5.80
CA LEU C 226 -21.85 24.56 6.73
C LEU C 226 -21.91 25.29 8.07
N PHE C 227 -23.11 25.53 8.56
CA PHE C 227 -23.34 26.29 9.78
C PHE C 227 -23.72 25.35 10.91
N PHE C 228 -23.19 25.61 12.10
CA PHE C 228 -23.37 24.73 13.24
C PHE C 228 -23.57 25.55 14.51
N ASN C 229 -23.84 24.83 15.60
CA ASN C 229 -23.92 25.43 16.93
C ASN C 229 -23.84 24.32 17.96
N MET C 230 -22.86 24.40 18.84
CA MET C 230 -22.67 23.43 19.92
C MET C 230 -23.01 24.07 21.26
N GLU C 231 -22.80 23.31 22.33
CA GLU C 231 -22.99 23.83 23.67
C GLU C 231 -21.85 24.78 24.04
N GLY C 232 -22.13 25.68 24.98
CA GLY C 232 -21.13 26.65 25.39
C GLY C 232 -20.79 27.66 24.32
N GLY C 233 -21.72 27.94 23.41
CA GLY C 233 -21.48 28.91 22.36
C GLY C 233 -20.38 28.53 21.38
N GLY C 234 -20.27 27.24 21.06
CA GLY C 234 -19.26 26.79 20.12
C GLY C 234 -19.81 26.52 18.74
N LYS C 235 -19.56 27.42 17.79
CA LYS C 235 -20.02 27.27 16.42
C LYS C 235 -18.83 27.05 15.50
N VAL C 236 -18.95 26.10 14.58
CA VAL C 236 -17.92 25.82 13.60
C VAL C 236 -18.51 26.10 12.22
N THR C 237 -17.78 26.88 11.43
CA THR C 237 -18.23 27.29 10.10
C THR C 237 -17.30 26.73 9.05
N TYR C 238 -17.88 26.12 8.03
CA TYR C 238 -17.16 25.47 6.93
C TYR C 238 -17.11 26.39 5.72
N LEU C 239 -16.09 26.19 4.89
CA LEU C 239 -15.97 26.89 3.61
C LEU C 239 -15.63 25.87 2.54
N LEU C 240 -16.05 26.15 1.30
CA LEU C 240 -15.81 25.23 0.20
C LEU C 240 -16.04 25.95 -1.12
N ALA C 241 -15.05 25.88 -2.01
CA ALA C 241 -15.17 26.51 -3.32
C ALA C 241 -16.22 25.76 -4.17
N PRO C 242 -16.78 26.42 -5.18
CA PRO C 242 -17.79 25.76 -6.02
C PRO C 242 -17.23 24.53 -6.73
N LYS C 243 -18.11 23.54 -6.89
CA LYS C 243 -17.82 22.24 -7.52
C LYS C 243 -16.44 21.69 -7.19
N MET F 21 17.39 35.58 -7.33
CA MET F 21 16.43 34.78 -6.57
C MET F 21 15.15 34.61 -7.37
N GLU F 22 15.11 33.59 -8.24
CA GLU F 22 13.96 33.34 -9.10
C GLU F 22 14.09 31.97 -9.74
N PHE F 23 12.98 31.23 -9.77
CA PHE F 23 12.90 29.98 -10.52
C PHE F 23 12.42 30.20 -11.95
N LYS F 24 11.99 31.41 -12.29
CA LYS F 24 11.54 31.71 -13.64
C LYS F 24 12.64 31.45 -14.67
N VAL F 25 13.90 31.43 -14.23
CA VAL F 25 15.01 31.16 -15.15
C VAL F 25 14.87 29.76 -15.74
N ILE F 26 14.52 28.78 -14.92
CA ILE F 26 14.49 27.37 -15.34
C ILE F 26 13.30 27.15 -16.27
N ALA F 27 12.56 28.21 -16.55
CA ALA F 27 11.58 28.21 -17.63
C ALA F 27 12.06 29.03 -18.82
N GLU F 28 12.41 30.30 -18.58
CA GLU F 28 12.76 31.21 -19.66
C GLU F 28 14.06 30.77 -20.34
N TYR F 29 15.16 30.73 -19.59
CA TYR F 29 16.42 30.31 -20.19
C TYR F 29 16.43 28.84 -20.55
N PHE F 30 15.53 28.05 -19.95
CA PHE F 30 15.51 26.61 -20.19
C PHE F 30 14.51 26.22 -21.27
N ASP F 31 13.84 27.19 -21.88
CA ASP F 31 12.97 26.88 -23.02
C ASP F 31 13.75 26.58 -24.29
N LYS F 32 14.98 27.07 -24.40
CA LYS F 32 15.78 26.94 -25.61
C LYS F 32 16.70 25.72 -25.62
N LEU F 33 16.67 24.91 -24.57
CA LEU F 33 17.60 23.79 -24.45
C LEU F 33 17.02 22.49 -24.98
N GLU F 34 16.02 22.56 -25.85
CA GLU F 34 15.50 21.37 -26.50
C GLU F 34 15.26 21.57 -28.00
N LYS F 35 15.32 22.79 -28.51
CA LYS F 35 15.16 23.05 -29.93
C LYS F 35 16.49 23.30 -30.63
N ILE F 36 17.58 23.44 -29.90
CA ILE F 36 18.88 23.78 -30.46
C ILE F 36 19.87 22.68 -30.12
N SER F 37 19.39 21.44 -30.09
CA SER F 37 20.24 20.32 -29.67
C SER F 37 21.40 20.14 -30.64
N SER F 38 22.58 20.61 -30.24
CA SER F 38 23.76 20.55 -31.11
C SER F 38 25.03 20.15 -30.40
N ARG F 39 25.08 20.12 -29.07
CA ARG F 39 26.30 19.88 -28.30
C ARG F 39 27.36 20.93 -28.58
N LEU F 40 26.97 22.08 -29.12
CA LEU F 40 27.82 23.25 -29.23
C LEU F 40 27.27 24.47 -28.51
N GLN F 41 25.94 24.61 -28.43
CA GLN F 41 25.31 25.68 -27.67
C GLN F 41 24.67 25.21 -26.38
N LEU F 42 24.20 23.95 -26.34
CA LEU F 42 23.61 23.44 -25.10
C LEU F 42 24.65 23.37 -23.99
N THR F 43 25.90 23.02 -24.33
CA THR F 43 26.98 23.13 -23.36
C THR F 43 27.28 24.59 -23.06
N ALA F 44 27.24 25.45 -24.08
CA ALA F 44 27.43 26.88 -23.85
C ALA F 44 26.35 27.44 -22.95
N LEU F 45 25.09 27.08 -23.22
CA LEU F 45 24.00 27.51 -22.35
C LEU F 45 24.10 26.91 -20.95
N LEU F 46 24.50 25.65 -20.83
CA LEU F 46 24.74 25.03 -19.53
C LEU F 46 25.82 25.75 -18.76
N ALA F 47 26.78 26.38 -19.46
CA ALA F 47 27.74 27.23 -18.79
C ALA F 47 27.08 28.45 -18.15
N ASP F 48 26.09 29.04 -18.83
CA ASP F 48 25.44 30.24 -18.31
C ASP F 48 24.70 29.98 -17.01
N LEU F 49 24.31 28.73 -16.73
CA LEU F 49 23.67 28.42 -15.47
C LEU F 49 24.59 28.72 -14.30
N LEU F 50 25.86 28.34 -14.43
CA LEU F 50 26.84 28.55 -13.37
C LEU F 50 27.76 29.74 -13.66
N SER F 51 27.44 30.54 -14.68
CA SER F 51 28.28 31.67 -15.05
C SER F 51 28.37 32.68 -13.91
N LYS F 52 27.24 33.30 -13.56
CA LYS F 52 27.22 34.29 -12.48
C LYS F 52 25.83 34.27 -11.87
N SER F 53 25.71 33.61 -10.71
CA SER F 53 24.43 33.46 -10.03
C SER F 53 24.70 33.47 -8.53
N ASP F 54 23.69 33.05 -7.77
CA ASP F 54 23.78 33.07 -6.31
C ASP F 54 24.81 32.06 -5.81
N LYS F 55 25.02 32.05 -4.50
CA LYS F 55 26.06 31.22 -3.90
C LYS F 55 25.53 29.83 -3.54
N THR F 56 24.53 29.77 -2.66
CA THR F 56 23.99 28.50 -2.22
C THR F 56 22.90 27.97 -3.12
N ILE F 57 22.26 28.85 -3.91
CA ILE F 57 21.19 28.42 -4.80
C ILE F 57 21.74 27.53 -5.91
N ILE F 58 22.95 27.84 -6.40
CA ILE F 58 23.55 27.04 -7.46
C ILE F 58 23.70 25.59 -7.01
N ASP F 59 24.17 25.40 -5.78
CA ASP F 59 24.30 24.05 -5.22
C ASP F 59 22.95 23.35 -5.17
N LYS F 60 21.85 24.11 -5.19
CA LYS F 60 20.51 23.56 -5.20
C LYS F 60 19.95 23.40 -6.60
N VAL F 61 20.29 24.31 -7.52
CA VAL F 61 19.86 24.15 -8.91
C VAL F 61 20.59 23.00 -9.59
N VAL F 62 21.72 22.58 -9.03
CA VAL F 62 22.49 21.50 -9.64
C VAL F 62 21.64 20.24 -9.79
N TYR F 63 20.78 19.98 -8.81
CA TYR F 63 20.00 18.74 -8.83
C TYR F 63 18.92 18.71 -9.91
N ILE F 64 18.67 19.83 -10.59
CA ILE F 64 17.71 19.83 -11.69
C ILE F 64 18.19 18.93 -12.82
N ILE F 65 19.50 18.94 -13.10
CA ILE F 65 20.04 18.36 -14.32
C ILE F 65 20.37 16.90 -14.12
N GLN F 66 19.89 16.31 -13.03
CA GLN F 66 20.01 14.88 -12.83
C GLN F 66 18.67 14.22 -12.54
N GLY F 67 17.58 14.97 -12.55
CA GLY F 67 16.28 14.41 -12.25
C GLY F 67 16.15 13.87 -10.84
N LYS F 68 16.73 14.56 -9.87
CA LYS F 68 16.67 14.14 -8.48
C LYS F 68 16.49 15.36 -7.59
N LEU F 69 15.95 15.13 -6.40
CA LEU F 69 15.90 16.17 -5.38
C LEU F 69 17.20 16.29 -4.61
N TRP F 70 17.98 15.21 -4.57
CA TRP F 70 19.24 15.13 -3.85
C TRP F 70 19.86 13.76 -4.15
N PRO F 71 21.18 13.62 -3.97
CA PRO F 71 21.80 12.31 -4.18
C PRO F 71 21.17 11.27 -3.27
N ASP F 72 21.00 10.07 -3.80
CA ASP F 72 20.21 9.04 -3.15
C ASP F 72 21.01 8.19 -2.16
N PHE F 73 22.13 8.71 -1.66
CA PHE F 73 22.85 8.02 -0.60
C PHE F 73 22.68 8.67 0.77
N LEU F 74 22.29 9.94 0.83
CA LEU F 74 22.08 10.59 2.11
C LEU F 74 20.94 9.95 2.88
N GLY F 75 19.94 9.43 2.17
CA GLY F 75 18.79 8.82 2.81
C GLY F 75 17.60 9.74 2.83
N TYR F 76 16.67 9.54 1.91
CA TYR F 76 15.51 10.41 1.78
C TYR F 76 14.39 9.62 1.14
N PRO F 77 13.14 10.00 1.39
CA PRO F 77 12.01 9.33 0.73
C PRO F 77 11.95 9.67 -0.75
N GLU F 78 11.37 8.75 -1.52
CA GLU F 78 11.16 8.94 -2.94
C GLU F 78 9.80 9.60 -3.15
N LEU F 79 9.76 10.60 -4.03
CA LEU F 79 8.50 11.29 -4.32
C LEU F 79 7.47 10.29 -4.80
N GLY F 80 6.27 10.36 -4.20
CA GLY F 80 5.24 9.37 -4.46
C GLY F 80 4.28 9.76 -5.57
N ILE F 81 4.36 11.00 -6.03
CA ILE F 81 3.51 11.44 -7.12
C ILE F 81 4.05 10.88 -8.42
N GLY F 82 3.37 9.88 -8.97
CA GLY F 82 3.78 9.28 -10.23
C GLY F 82 3.04 9.85 -11.41
N GLU F 83 2.23 9.02 -12.07
CA GLU F 83 1.48 9.45 -13.25
C GLU F 83 0.00 9.63 -12.97
N LYS F 84 -0.69 8.59 -12.49
CA LYS F 84 -2.13 8.70 -12.27
C LYS F 84 -2.44 9.67 -11.14
N PHE F 85 -1.63 9.67 -10.08
CA PHE F 85 -1.77 10.69 -9.05
C PHE F 85 -1.53 12.07 -9.65
N LEU F 86 -0.53 12.19 -10.53
CA LEU F 86 -0.31 13.46 -11.21
C LEU F 86 -1.48 13.80 -12.12
N ILE F 87 -2.12 12.79 -12.70
CA ILE F 87 -3.31 13.03 -13.51
C ILE F 87 -4.41 13.65 -12.65
N LYS F 88 -4.66 13.05 -11.48
CA LYS F 88 -5.67 13.61 -10.60
C LYS F 88 -5.29 15.02 -10.14
N ALA F 89 -4.01 15.22 -9.84
CA ALA F 89 -3.55 16.52 -9.37
C ALA F 89 -3.76 17.60 -10.44
N ILE F 90 -3.39 17.30 -11.69
CA ILE F 90 -3.57 18.29 -12.73
C ILE F 90 -5.05 18.50 -13.02
N SER F 91 -5.86 17.45 -12.89
CA SER F 91 -7.30 17.63 -13.02
C SER F 91 -7.82 18.60 -11.98
N ILE F 92 -7.33 18.47 -10.74
CA ILE F 92 -7.69 19.43 -9.69
C ILE F 92 -7.21 20.82 -10.05
N ALA F 93 -5.99 20.92 -10.56
CA ALA F 93 -5.41 22.23 -10.86
C ALA F 93 -6.19 22.95 -11.95
N THR F 94 -6.59 22.24 -12.99
CA THR F 94 -7.31 22.83 -14.11
C THR F 94 -8.82 22.74 -13.94
N ASN F 95 -9.30 22.26 -12.79
CA ASN F 95 -10.72 22.20 -12.46
C ASN F 95 -11.48 21.28 -13.42
N THR F 96 -10.81 20.29 -13.98
CA THR F 96 -11.43 19.37 -14.92
C THR F 96 -11.61 17.99 -14.29
N ASP F 97 -12.26 17.11 -15.03
CA ASP F 97 -12.56 15.78 -14.55
C ASP F 97 -11.39 14.82 -14.80
N GLU F 98 -11.52 13.61 -14.28
CA GLU F 98 -10.46 12.63 -14.40
C GLU F 98 -10.24 12.21 -15.85
N ASN F 99 -11.33 11.94 -16.58
CA ASN F 99 -11.21 11.30 -17.88
C ASN F 99 -10.79 12.26 -18.99
N SER F 100 -11.07 13.56 -18.87
CA SER F 100 -10.78 14.48 -19.95
C SER F 100 -9.27 14.55 -20.21
N VAL F 101 -8.49 14.83 -19.16
CA VAL F 101 -7.04 14.86 -19.31
C VAL F 101 -6.47 13.48 -19.61
N GLU F 102 -7.12 12.42 -19.12
CA GLU F 102 -6.69 11.05 -19.44
C GLU F 102 -6.69 10.82 -20.95
N ASN F 103 -7.81 11.09 -21.60
CA ASN F 103 -7.89 10.89 -23.04
C ASN F 103 -7.03 11.90 -23.79
N LEU F 104 -7.01 13.16 -23.33
CA LEU F 104 -6.21 14.17 -24.02
C LEU F 104 -4.73 13.84 -23.97
N TYR F 105 -4.28 13.16 -22.93
CA TYR F 105 -2.89 12.74 -22.85
C TYR F 105 -2.64 11.42 -23.55
N LYS F 106 -3.61 10.51 -23.55
CA LYS F 106 -3.45 9.27 -24.30
C LYS F 106 -3.35 9.52 -25.79
N THR F 107 -4.17 10.44 -26.31
CA THR F 107 -4.09 10.78 -27.73
C THR F 107 -2.76 11.46 -28.05
N ILE F 108 -2.38 12.47 -27.27
CA ILE F 108 -1.10 13.13 -27.50
C ILE F 108 0.05 12.18 -27.23
N GLY F 109 -0.03 11.42 -26.16
CA GLY F 109 1.00 10.45 -25.82
C GLY F 109 2.13 10.96 -24.95
N ASP F 110 2.78 12.04 -25.35
CA ASP F 110 3.89 12.61 -24.60
C ASP F 110 3.34 13.39 -23.41
N LEU F 111 3.26 12.73 -22.27
CA LEU F 111 2.71 13.37 -21.08
C LEU F 111 3.67 14.43 -20.55
N GLY F 112 3.13 15.60 -20.23
CA GLY F 112 3.93 16.70 -19.76
C GLY F 112 3.75 17.93 -20.63
N GLU F 113 3.69 17.73 -21.94
CA GLU F 113 3.26 18.80 -22.84
C GLU F 113 1.75 18.75 -23.02
N VAL F 114 1.07 18.65 -21.88
CA VAL F 114 -0.39 18.67 -21.84
C VAL F 114 -0.79 19.88 -21.01
N ALA F 115 0.06 20.25 -20.05
CA ALA F 115 -0.28 21.31 -19.11
C ALA F 115 -0.36 22.67 -19.79
N ARG F 116 0.36 22.87 -20.89
CA ARG F 116 0.28 24.14 -21.60
C ARG F 116 -1.13 24.40 -22.10
N ARG F 117 -1.75 23.40 -22.71
CA ARG F 117 -3.15 23.51 -23.09
C ARG F 117 -4.08 23.39 -21.89
N LEU F 118 -3.68 22.66 -20.85
CA LEU F 118 -4.51 22.54 -19.67
C LEU F 118 -4.73 23.88 -19.01
N LYS F 119 -3.66 24.65 -18.85
CA LYS F 119 -3.75 26.03 -18.36
C LYS F 119 -3.92 26.99 -19.53
N SER F 120 -4.87 26.69 -20.41
CA SER F 120 -5.24 27.63 -21.46
C SER F 120 -6.43 28.47 -21.06
N LYS F 121 -7.25 27.98 -20.14
CA LYS F 121 -8.35 28.75 -19.56
C LYS F 121 -7.85 29.30 -18.23
N GLN F 122 -7.18 30.45 -18.27
CA GLN F 122 -6.61 31.06 -17.07
C GLN F 122 -7.72 31.79 -16.32
N GLN F 123 -8.53 30.99 -15.62
CA GLN F 123 -9.64 31.53 -14.82
C GLN F 123 -9.89 30.58 -13.67
N SER F 124 -9.36 30.90 -12.49
CA SER F 124 -9.55 30.06 -11.31
C SER F 124 -9.43 30.96 -10.09
N THR F 125 -10.57 31.35 -9.51
CA THR F 125 -10.60 32.19 -8.32
C THR F 125 -10.81 31.37 -7.06
N GLY F 126 -11.90 30.59 -7.01
CA GLY F 126 -12.19 29.80 -5.84
C GLY F 126 -12.39 30.68 -4.62
N ILE F 127 -11.59 30.43 -3.58
CA ILE F 127 -11.63 31.25 -2.37
C ILE F 127 -10.28 31.91 -2.18
N LEU F 128 -10.15 32.71 -1.11
CA LEU F 128 -8.91 33.36 -0.71
C LEU F 128 -8.50 34.47 -1.68
N GLY F 129 -9.27 34.67 -2.74
CA GLY F 129 -8.92 35.69 -3.72
C GLY F 129 -10.12 36.44 -4.29
N PHE F 130 -11.31 36.17 -3.76
CA PHE F 130 -12.53 36.74 -4.31
C PHE F 130 -13.29 37.64 -3.35
N LEU F 131 -12.93 37.66 -2.06
CA LEU F 131 -13.72 38.35 -1.06
C LEU F 131 -13.16 39.74 -0.72
N GLY F 132 -11.92 39.80 -0.24
CA GLY F 132 -11.37 41.08 0.17
C GLY F 132 -10.04 41.47 -0.46
N THR F 133 -9.25 40.47 -0.87
CA THR F 133 -7.91 40.72 -1.37
C THR F 133 -7.65 39.83 -2.58
N THR F 134 -7.07 40.42 -3.63
CA THR F 134 -6.65 39.69 -4.82
C THR F 134 -5.17 39.94 -5.06
N SER F 135 -4.40 38.86 -5.22
CA SER F 135 -2.97 38.97 -5.45
C SER F 135 -2.48 37.73 -6.17
N LYS F 136 -1.33 37.87 -6.82
CA LYS F 136 -0.70 36.77 -7.54
C LYS F 136 0.78 37.08 -7.69
N GLU F 137 1.61 36.05 -7.59
CA GLU F 137 3.06 36.22 -7.63
C GLU F 137 3.69 34.95 -8.19
N SER F 138 5.01 34.89 -8.13
CA SER F 138 5.80 33.78 -8.64
C SER F 138 6.58 33.14 -7.49
N LEU F 139 7.46 32.22 -7.84
CA LEU F 139 8.30 31.57 -6.84
C LEU F 139 9.77 31.65 -7.22
N THR F 140 10.63 30.95 -6.47
CA THR F 140 12.06 30.94 -6.72
C THR F 140 12.57 29.52 -6.53
N VAL F 141 13.88 29.34 -6.75
CA VAL F 141 14.47 28.00 -6.66
C VAL F 141 14.39 27.48 -5.24
N ASP F 142 14.77 28.31 -4.27
CA ASP F 142 14.78 27.86 -2.88
C ASP F 142 13.38 27.60 -2.34
N GLU F 143 12.35 28.12 -2.99
CA GLU F 143 10.98 27.79 -2.62
C GLU F 143 10.56 26.44 -3.16
N VAL F 144 10.82 26.20 -4.45
CA VAL F 144 10.45 24.91 -5.05
C VAL F 144 11.21 23.78 -4.38
N TYR F 145 12.50 23.97 -4.14
CA TYR F 145 13.29 22.93 -3.50
C TYR F 145 12.77 22.62 -2.11
N SER F 146 12.43 23.67 -1.34
CA SER F 146 11.93 23.46 0.01
C SER F 146 10.58 22.74 -0.01
N THR F 147 9.70 23.14 -0.92
CA THR F 147 8.39 22.48 -1.02
C THR F 147 8.57 21.02 -1.40
N LEU F 148 9.49 20.73 -2.33
CA LEU F 148 9.73 19.34 -2.71
C LEU F 148 10.29 18.55 -1.54
N SER F 149 11.21 19.15 -0.77
CA SER F 149 11.76 18.46 0.39
C SER F 149 10.67 18.14 1.40
N LYS F 150 9.75 19.09 1.62
CA LYS F 150 8.67 18.83 2.58
C LYS F 150 7.69 17.80 2.06
N VAL F 151 7.36 17.86 0.76
CA VAL F 151 6.38 16.94 0.20
C VAL F 151 6.94 15.52 0.11
N ALA F 152 8.26 15.37 0.04
CA ALA F 152 8.85 14.04 0.06
C ALA F 152 8.63 13.36 1.40
N LEU F 153 8.83 14.10 2.50
CA LEU F 153 8.87 13.48 3.82
C LEU F 153 7.48 13.26 4.40
N THR F 154 6.49 14.04 3.98
CA THR F 154 5.15 13.93 4.55
C THR F 154 4.53 12.59 4.17
N THR F 155 4.12 11.82 5.17
CA THR F 155 3.52 10.52 4.93
C THR F 155 2.67 10.13 6.13
N GLY F 156 1.80 9.14 5.92
CA GLY F 156 0.92 8.66 6.96
C GLY F 156 -0.50 8.45 6.50
N GLU F 157 -1.47 8.58 7.41
CA GLU F 157 -2.87 8.43 7.04
C GLU F 157 -3.33 9.56 6.15
N GLY F 158 -2.96 10.80 6.48
CA GLY F 158 -3.27 11.92 5.63
C GLY F 158 -2.23 12.10 4.55
N SER F 159 -2.26 11.22 3.55
CA SER F 159 -1.24 11.20 2.51
C SER F 159 -1.77 11.55 1.13
N ARG F 160 -2.84 10.89 0.68
CA ARG F 160 -3.28 11.05 -0.70
C ARG F 160 -3.70 12.49 -1.00
N ASP F 161 -4.49 13.09 -0.11
CA ASP F 161 -4.96 14.43 -0.36
C ASP F 161 -3.94 15.51 -0.03
N LEU F 162 -2.87 15.16 0.69
CA LEU F 162 -1.84 16.12 1.04
C LEU F 162 -0.70 16.15 0.03
N LYS F 163 -0.26 14.98 -0.47
CA LYS F 163 0.76 14.96 -1.51
C LYS F 163 0.25 15.61 -2.79
N ILE F 164 -1.00 15.32 -3.16
CA ILE F 164 -1.58 15.91 -4.37
C ILE F 164 -1.73 17.41 -4.20
N ARG F 165 -2.05 17.86 -2.97
CA ARG F 165 -2.40 19.25 -2.74
C ARG F 165 -1.26 20.19 -3.10
N LEU F 166 -0.03 19.84 -2.71
CA LEU F 166 1.09 20.74 -2.96
C LEU F 166 1.38 20.85 -4.45
N LEU F 167 1.37 19.72 -5.16
CA LEU F 167 1.58 19.78 -6.60
C LEU F 167 0.50 20.61 -7.27
N ALA F 168 -0.75 20.42 -6.87
CA ALA F 168 -1.83 21.19 -7.47
C ALA F 168 -1.68 22.67 -7.18
N GLY F 169 -1.34 23.02 -5.93
CA GLY F 169 -1.21 24.42 -5.57
C GLY F 169 -0.07 25.10 -6.30
N LEU F 170 1.08 24.44 -6.38
CA LEU F 170 2.19 25.01 -7.14
C LEU F 170 1.82 25.13 -8.61
N LEU F 171 1.14 24.14 -9.16
CA LEU F 171 0.68 24.21 -10.54
C LEU F 171 -0.29 25.39 -10.71
N LYS F 172 -1.18 25.60 -9.75
CA LYS F 172 -2.06 26.77 -9.80
C LYS F 172 -1.28 28.07 -9.68
N LYS F 173 -0.09 28.03 -9.08
CA LYS F 173 0.78 29.20 -9.01
C LYS F 173 1.92 29.13 -10.02
N ALA F 174 1.81 28.25 -11.01
CA ALA F 174 2.85 28.10 -12.02
C ALA F 174 2.57 29.03 -13.20
N ASP F 175 3.32 28.84 -14.27
CA ASP F 175 3.22 29.64 -15.50
C ASP F 175 3.11 28.69 -16.69
N PRO F 176 2.59 29.18 -17.82
CA PRO F 176 2.44 28.28 -18.98
C PRO F 176 3.73 27.60 -19.39
N LEU F 177 4.84 28.32 -19.39
CA LEU F 177 6.12 27.71 -19.72
C LEU F 177 6.66 26.87 -18.56
N GLU F 178 6.39 27.28 -17.32
CA GLU F 178 6.73 26.43 -16.18
C GLU F 178 5.99 25.11 -16.27
N ALA F 179 4.71 25.15 -16.61
CA ALA F 179 3.93 23.94 -16.76
C ALA F 179 4.26 23.30 -18.10
N LYS F 180 5.56 23.15 -18.35
CA LYS F 180 6.08 22.38 -19.47
C LYS F 180 7.16 21.48 -18.92
N PHE F 181 7.77 21.92 -17.82
CA PHE F 181 8.82 21.18 -17.14
C PHE F 181 8.47 20.78 -15.72
N LEU F 182 7.54 21.48 -15.06
CA LEU F 182 7.17 21.10 -13.70
C LEU F 182 6.51 19.73 -13.67
N VAL F 183 5.78 19.39 -14.71
CA VAL F 183 5.18 18.07 -14.79
C VAL F 183 6.25 17.00 -14.93
N ARG F 184 7.19 17.20 -15.85
CA ARG F 184 8.23 16.21 -16.09
C ARG F 184 9.17 16.06 -14.90
N PHE F 185 9.44 17.14 -14.17
CA PHE F 185 10.26 17.05 -12.97
C PHE F 185 9.70 16.01 -12.02
N VAL F 186 8.38 16.03 -11.81
CA VAL F 186 7.75 14.98 -11.04
C VAL F 186 7.82 13.65 -11.79
N GLU F 187 7.68 13.69 -13.11
CA GLU F 187 7.70 12.45 -13.88
C GLU F 187 9.03 11.73 -13.76
N GLY F 188 10.14 12.46 -13.83
CA GLY F 188 11.44 11.83 -13.79
C GLY F 188 12.51 12.54 -14.60
N ARG F 189 13.13 11.79 -15.52
CA ARG F 189 14.26 12.31 -16.27
C ARG F 189 13.86 13.54 -17.09
N LEU F 190 14.70 14.57 -17.03
CA LEU F 190 14.46 15.78 -17.80
C LEU F 190 14.68 15.50 -19.29
N ARG F 191 13.64 15.67 -20.09
CA ARG F 191 13.72 15.45 -21.54
C ARG F 191 14.27 16.73 -22.17
N VAL F 192 15.59 16.87 -22.08
CA VAL F 192 16.27 18.10 -22.48
C VAL F 192 17.32 17.85 -23.54
N GLY F 193 18.11 16.81 -23.38
CA GLY F 193 19.28 16.61 -24.22
C GLY F 193 20.56 16.81 -23.44
N ILE F 194 20.44 16.94 -22.12
CA ILE F 194 21.57 17.19 -21.23
C ILE F 194 21.50 16.21 -20.07
N GLY F 195 22.63 15.57 -19.77
CA GLY F 195 22.74 14.67 -18.66
C GLY F 195 23.66 15.18 -17.57
N ASP F 196 23.94 14.30 -16.60
CA ASP F 196 24.80 14.67 -15.48
C ASP F 196 26.23 14.95 -15.95
N ALA F 197 26.75 14.12 -16.85
CA ALA F 197 28.13 14.26 -17.29
C ALA F 197 28.40 15.61 -17.94
N THR F 198 27.36 16.22 -18.53
CA THR F 198 27.53 17.54 -19.14
C THR F 198 27.67 18.63 -18.09
N VAL F 199 27.03 18.46 -16.93
CA VAL F 199 27.24 19.40 -15.83
C VAL F 199 28.71 19.43 -15.42
N LEU F 200 29.41 18.30 -15.57
CA LEU F 200 30.81 18.23 -15.19
C LEU F 200 31.67 19.16 -16.03
N ASP F 201 31.38 19.28 -17.33
CA ASP F 201 32.08 20.24 -18.16
C ASP F 201 31.46 21.63 -18.09
N ALA F 202 30.22 21.75 -17.62
CA ALA F 202 29.59 23.06 -17.51
C ALA F 202 30.36 23.98 -16.58
N MET F 203 30.55 23.55 -15.33
CA MET F 203 31.34 24.34 -14.40
C MET F 203 32.79 24.46 -14.87
N ALA F 204 33.29 23.43 -15.55
CA ALA F 204 34.66 23.47 -16.05
C ALA F 204 34.85 24.63 -17.01
N ILE F 205 33.89 24.84 -17.91
CA ILE F 205 34.00 25.96 -18.86
C ILE F 205 33.40 27.24 -18.31
N ALA F 206 32.74 27.20 -17.16
CA ALA F 206 32.17 28.42 -16.58
C ALA F 206 33.13 29.09 -15.60
N PHE F 207 33.53 28.38 -14.54
CA PHE F 207 34.34 29.00 -13.50
C PHE F 207 35.82 28.99 -13.88
N GLY F 208 36.34 27.82 -14.23
CA GLY F 208 37.78 27.68 -14.43
C GLY F 208 38.24 27.69 -15.87
N GLY F 209 37.66 28.57 -16.69
CA GLY F 209 38.10 28.69 -18.05
C GLY F 209 37.36 27.79 -19.03
N GLY F 210 37.95 26.64 -19.35
CA GLY F 210 37.35 25.74 -20.31
C GLY F 210 37.52 24.27 -19.98
N GLN F 211 37.79 23.46 -21.01
CA GLN F 211 37.92 22.01 -20.85
C GLN F 211 39.26 21.59 -20.26
N SER F 212 40.21 22.52 -20.11
CA SER F 212 41.52 22.15 -19.58
C SER F 212 41.42 21.58 -18.18
N ALA F 213 40.61 22.20 -17.33
CA ALA F 213 40.39 21.73 -15.97
C ALA F 213 39.20 20.78 -15.87
N SER F 214 38.60 20.41 -17.01
CA SER F 214 37.48 19.49 -16.98
C SER F 214 37.91 18.14 -16.44
N GLU F 215 39.11 17.69 -16.81
CA GLU F 215 39.63 16.44 -16.26
C GLU F 215 39.77 16.52 -14.75
N ILE F 216 40.18 17.68 -14.23
CA ILE F 216 40.35 17.82 -12.79
C ILE F 216 38.99 17.83 -12.10
N ILE F 217 38.00 18.51 -12.68
CA ILE F 217 36.66 18.51 -12.11
C ILE F 217 36.10 17.09 -12.09
N GLU F 218 36.27 16.35 -13.18
CA GLU F 218 35.82 14.96 -13.21
C GLU F 218 36.54 14.12 -12.17
N ARG F 219 37.85 14.33 -12.03
CA ARG F 219 38.63 13.57 -11.06
C ARG F 219 38.12 13.83 -9.65
N ALA F 220 37.81 15.09 -9.34
CA ALA F 220 37.26 15.42 -8.03
C ALA F 220 35.87 14.82 -7.85
N TYR F 221 35.08 14.78 -8.92
CA TYR F 221 33.73 14.25 -8.83
C TYR F 221 33.71 12.73 -8.71
N ASN F 222 34.76 12.04 -9.18
CA ASN F 222 34.69 10.58 -9.29
C ASN F 222 34.49 9.92 -7.93
N LEU F 223 35.35 10.22 -6.97
CA LEU F 223 35.42 9.44 -5.74
C LEU F 223 34.29 9.74 -4.77
N ARG F 224 33.59 10.86 -4.93
CA ARG F 224 32.48 11.23 -4.04
C ARG F 224 31.23 11.40 -4.90
N ALA F 225 30.17 10.69 -4.53
CA ALA F 225 28.98 10.56 -5.37
C ALA F 225 28.03 11.74 -5.28
N ASP F 226 28.29 12.70 -4.39
CA ASP F 226 27.38 13.81 -4.24
C ASP F 226 27.48 14.77 -5.42
N LEU F 227 26.50 15.67 -5.51
CA LEU F 227 26.53 16.74 -6.49
C LEU F 227 26.25 18.11 -5.91
N GLY F 228 25.72 18.21 -4.69
CA GLY F 228 25.58 19.49 -4.04
C GLY F 228 26.78 19.83 -3.19
N ASN F 229 27.26 18.85 -2.41
CA ASN F 229 28.41 19.10 -1.55
C ASN F 229 29.67 19.38 -2.35
N ILE F 230 29.92 18.59 -3.40
CA ILE F 230 31.10 18.83 -4.23
C ILE F 230 31.01 20.19 -4.91
N ALA F 231 29.84 20.52 -5.45
CA ALA F 231 29.66 21.81 -6.11
C ALA F 231 29.89 22.96 -5.13
N LYS F 232 29.35 22.86 -3.92
CA LYS F 232 29.56 23.91 -2.93
C LYS F 232 31.03 24.02 -2.54
N ILE F 233 31.71 22.87 -2.41
CA ILE F 233 33.13 22.89 -2.08
C ILE F 233 33.90 23.62 -3.17
N ILE F 234 33.59 23.32 -4.43
CA ILE F 234 34.28 24.00 -5.52
C ILE F 234 33.94 25.48 -5.55
N VAL F 235 32.70 25.85 -5.25
CA VAL F 235 32.28 27.24 -5.33
C VAL F 235 32.95 28.07 -4.25
N GLU F 236 32.92 27.60 -3.01
CA GLU F 236 33.51 28.36 -1.91
C GLU F 236 35.02 28.52 -2.10
N LYS F 237 35.69 27.44 -2.51
CA LYS F 237 37.12 27.46 -2.75
C LYS F 237 37.39 27.84 -4.21
N GLY F 238 38.63 27.65 -4.65
CA GLY F 238 39.01 27.94 -6.02
C GLY F 238 39.08 26.69 -6.87
N ILE F 239 39.64 26.87 -8.08
CA ILE F 239 39.80 25.75 -8.99
C ILE F 239 40.81 24.75 -8.44
N GLU F 240 41.80 25.22 -7.69
CA GLU F 240 42.80 24.31 -7.13
C GLU F 240 42.21 23.38 -6.08
N ALA F 241 40.97 23.61 -5.64
CA ALA F 241 40.33 22.72 -4.69
C ALA F 241 40.13 21.32 -5.25
N LEU F 242 40.24 21.16 -6.56
CA LEU F 242 40.11 19.86 -7.20
C LEU F 242 41.35 18.99 -7.04
N LYS F 243 42.29 19.38 -6.19
CA LYS F 243 43.55 18.66 -6.06
C LYS F 243 43.56 17.74 -4.84
N THR F 244 43.34 18.29 -3.65
CA THR F 244 43.42 17.52 -2.41
C THR F 244 42.13 16.72 -2.25
N LEU F 245 42.09 15.57 -2.92
CA LEU F 245 40.91 14.72 -2.92
C LEU F 245 41.31 13.28 -2.63
N LYS F 246 40.65 12.67 -1.64
CA LYS F 246 40.83 11.28 -1.28
C LYS F 246 39.45 10.65 -1.10
N PRO F 247 39.34 9.35 -1.30
CA PRO F 247 38.07 8.67 -1.01
C PRO F 247 37.82 8.57 0.49
N GLN F 248 36.92 9.41 1.00
CA GLN F 248 36.49 9.33 2.39
C GLN F 248 35.40 8.27 2.51
N VAL F 249 35.47 7.47 3.57
CA VAL F 249 34.52 6.37 3.69
C VAL F 249 33.11 6.92 3.83
N GLY F 250 32.13 6.14 3.39
CA GLY F 250 30.76 6.60 3.33
C GLY F 250 30.34 6.94 1.91
N ILE F 251 30.29 8.22 1.59
CA ILE F 251 29.96 8.71 0.25
C ILE F 251 30.81 7.95 -0.77
N PRO F 252 30.19 7.12 -1.60
CA PRO F 252 30.95 6.22 -2.48
C PRO F 252 31.43 6.92 -3.74
N ILE F 253 32.00 6.12 -4.63
CA ILE F 253 32.55 6.57 -5.91
C ILE F 253 31.71 5.98 -7.03
N ARG F 254 31.42 6.80 -8.05
CA ARG F 254 30.60 6.33 -9.17
C ARG F 254 31.27 5.15 -9.85
N PRO F 255 30.59 4.02 -10.00
CA PRO F 255 31.21 2.87 -10.64
C PRO F 255 31.37 3.09 -12.14
N MET F 256 32.32 2.37 -12.72
CA MET F 256 32.57 2.43 -14.15
C MET F 256 31.91 1.26 -14.86
N LEU F 257 31.70 1.43 -16.16
CA LEU F 257 31.02 0.43 -16.97
C LEU F 257 31.68 0.38 -18.34
N ALA F 258 31.25 -0.57 -19.16
CA ALA F 258 31.77 -0.73 -20.51
C ALA F 258 30.62 -1.14 -21.42
N GLU F 259 30.96 -1.60 -22.61
CA GLU F 259 29.98 -1.95 -23.64
C GLU F 259 30.10 -3.44 -23.96
N ARG F 260 29.17 -3.93 -24.79
CA ARG F 260 29.15 -5.32 -25.22
C ARG F 260 29.60 -5.39 -26.68
N LEU F 261 30.54 -6.28 -26.96
CA LEU F 261 31.12 -6.43 -28.28
C LEU F 261 30.94 -7.86 -28.77
N SER F 262 30.80 -8.01 -30.08
CA SER F 262 30.64 -9.33 -30.70
C SER F 262 31.90 -9.82 -31.38
N ASN F 263 32.99 -9.06 -31.36
CA ASN F 263 34.21 -9.48 -32.04
C ASN F 263 34.95 -10.50 -31.18
N PRO F 264 35.19 -11.71 -31.69
CA PRO F 264 35.89 -12.72 -30.87
C PRO F 264 37.29 -12.32 -30.45
N GLU F 265 38.04 -11.61 -31.29
CA GLU F 265 39.45 -11.31 -31.00
C GLU F 265 39.76 -9.87 -31.42
N GLU F 266 39.68 -8.95 -30.45
CA GLU F 266 40.09 -7.57 -30.68
C GLU F 266 40.84 -7.00 -29.47
N ILE F 267 41.28 -7.86 -28.56
CA ILE F 267 41.87 -7.42 -27.29
C ILE F 267 43.33 -7.83 -27.17
N LEU F 268 43.68 -9.01 -27.67
CA LEU F 268 45.06 -9.50 -27.52
C LEU F 268 46.05 -8.59 -28.23
N LYS F 269 45.72 -8.16 -29.44
CA LYS F 269 46.63 -7.29 -30.20
C LYS F 269 46.82 -5.93 -29.54
N LYS F 270 45.95 -5.56 -28.60
CA LYS F 270 46.06 -4.29 -27.89
C LYS F 270 46.57 -4.45 -26.47
N MET F 271 46.55 -5.66 -25.91
CA MET F 271 46.90 -5.88 -24.52
C MET F 271 48.04 -6.90 -24.43
N GLY F 272 48.32 -7.33 -23.21
CA GLY F 272 49.42 -8.25 -22.95
C GLY F 272 49.13 -9.67 -23.42
N GLY F 273 49.90 -10.60 -22.86
CA GLY F 273 49.81 -12.00 -23.26
C GLY F 273 48.59 -12.72 -22.73
N ASN F 274 47.41 -12.29 -23.20
CA ASN F 274 46.12 -12.92 -22.90
C ASN F 274 45.68 -12.67 -21.46
N ALA F 275 46.56 -12.08 -20.66
CA ALA F 275 46.31 -11.69 -19.27
C ALA F 275 45.46 -12.70 -18.49
N ILE F 276 44.47 -12.19 -17.75
CA ILE F 276 43.61 -13.00 -16.90
C ILE F 276 42.17 -12.62 -17.19
N VAL F 277 41.27 -13.56 -16.93
CA VAL F 277 39.83 -13.34 -17.06
C VAL F 277 39.19 -13.75 -15.74
N ASP F 278 38.26 -12.92 -15.26
CA ASP F 278 37.65 -13.15 -13.95
C ASP F 278 36.12 -13.23 -14.05
N TYR F 279 35.61 -13.69 -15.19
CA TYR F 279 34.19 -13.91 -15.40
C TYR F 279 33.40 -12.61 -15.28
N LYS F 280 32.07 -12.71 -15.37
CA LYS F 280 31.20 -11.55 -15.22
C LYS F 280 29.84 -12.04 -14.77
N TYR F 281 29.45 -11.69 -13.55
CA TYR F 281 28.16 -12.07 -13.00
C TYR F 281 27.24 -10.87 -12.91
N ASP F 282 25.99 -11.13 -12.55
CA ASP F 282 24.98 -10.11 -12.33
C ASP F 282 24.60 -10.12 -10.85
N GLY F 283 23.60 -9.34 -10.49
CA GLY F 283 23.19 -9.33 -9.11
C GLY F 283 23.34 -8.02 -8.35
N GLU F 284 23.12 -6.90 -9.01
CA GLU F 284 23.12 -5.60 -8.34
C GLU F 284 24.49 -5.32 -7.68
N ARG F 285 25.47 -5.15 -8.57
CA ARG F 285 26.82 -4.71 -8.20
C ARG F 285 26.77 -3.64 -7.11
N ALA F 286 27.52 -3.86 -6.03
CA ALA F 286 27.44 -3.02 -4.85
C ALA F 286 28.83 -2.73 -4.30
N GLN F 287 29.00 -1.53 -3.75
CA GLN F 287 30.26 -1.08 -3.18
C GLN F 287 30.20 -1.22 -1.66
N ILE F 288 30.92 -2.20 -1.12
CA ILE F 288 31.02 -2.36 0.32
C ILE F 288 31.84 -1.21 0.89
N HIS F 289 31.50 -0.80 2.11
CA HIS F 289 32.23 0.24 2.82
C HIS F 289 32.55 -0.23 4.23
N LYS F 290 33.52 0.44 4.86
CA LYS F 290 33.85 0.17 6.25
C LYS F 290 34.59 1.36 6.83
N LYS F 291 34.01 1.97 7.87
CA LYS F 291 34.65 3.07 8.59
C LYS F 291 34.61 2.76 10.08
N GLU F 292 35.76 2.82 10.74
CA GLU F 292 35.87 2.51 12.16
C GLU F 292 35.23 1.16 12.47
N ASP F 293 33.98 1.19 12.92
CA ASP F 293 33.20 -0.03 13.15
C ASP F 293 31.90 -0.03 12.35
N LYS F 294 31.69 0.94 11.48
CA LYS F 294 30.49 1.03 10.66
C LYS F 294 30.79 0.54 9.25
N ILE F 295 29.75 0.04 8.58
CA ILE F 295 29.87 -0.50 7.24
C ILE F 295 28.63 -0.15 6.45
N PHE F 296 28.82 0.17 5.17
CA PHE F 296 27.74 0.53 4.26
C PHE F 296 27.78 -0.37 3.02
N ILE F 297 26.60 -0.61 2.45
CA ILE F 297 26.43 -1.58 1.37
C ILE F 297 25.84 -0.92 0.13
N PHE F 298 26.25 0.32 -0.14
CA PHE F 298 25.80 1.06 -1.32
C PHE F 298 25.82 0.22 -2.59
N SER F 299 24.84 0.46 -3.49
CA SER F 299 24.59 -0.34 -4.68
C SER F 299 24.89 0.47 -5.95
N ARG F 300 24.48 -0.08 -7.10
CA ARG F 300 24.80 0.51 -8.39
C ARG F 300 24.30 1.96 -8.48
N ARG F 301 23.02 2.18 -8.18
CA ARG F 301 22.41 3.49 -8.39
C ARG F 301 22.64 4.45 -7.23
N LEU F 302 23.60 4.16 -6.34
CA LEU F 302 23.91 5.01 -5.20
C LEU F 302 22.70 5.20 -4.30
N GLU F 303 22.26 4.09 -3.70
CA GLU F 303 21.15 4.10 -2.76
C GLU F 303 21.51 3.24 -1.54
N ASN F 304 21.15 3.73 -0.36
CA ASN F 304 21.42 2.97 0.87
C ASN F 304 20.61 1.69 0.87
N ILE F 305 21.30 0.55 0.81
CA ILE F 305 20.61 -0.73 0.90
C ILE F 305 21.27 -1.54 2.01
N THR F 306 21.85 -0.85 2.98
CA THR F 306 22.47 -1.56 4.10
C THR F 306 21.45 -2.33 4.92
N SER F 307 20.33 -1.69 5.27
CA SER F 307 19.31 -2.33 6.07
C SER F 307 18.69 -3.53 5.36
N GLN F 308 18.37 -3.39 4.07
CA GLN F 308 17.75 -4.48 3.34
C GLN F 308 18.68 -5.66 3.18
N TYR F 309 19.96 -5.51 3.48
CA TYR F 309 20.94 -6.60 3.44
C TYR F 309 21.65 -6.65 4.78
N PRO F 310 20.99 -7.16 5.82
CA PRO F 310 21.66 -7.34 7.11
C PRO F 310 22.48 -8.62 7.20
N ASP F 311 22.41 -9.47 6.18
CA ASP F 311 23.19 -10.71 6.16
C ASP F 311 24.57 -10.54 5.55
N VAL F 312 24.84 -9.41 4.91
CA VAL F 312 26.16 -9.16 4.34
C VAL F 312 27.04 -8.31 5.24
N VAL F 313 26.45 -7.49 6.12
CA VAL F 313 27.24 -6.69 7.03
C VAL F 313 28.03 -7.58 7.98
N ASP F 314 27.44 -8.71 8.40
CA ASP F 314 28.16 -9.69 9.19
C ASP F 314 29.14 -10.50 8.36
N TYR F 315 29.02 -10.49 7.03
CA TYR F 315 29.98 -11.18 6.19
C TYR F 315 31.25 -10.36 5.98
N VAL F 316 31.17 -9.04 6.12
CA VAL F 316 32.30 -8.18 5.79
C VAL F 316 33.08 -7.79 7.03
N SER F 317 32.42 -7.23 8.04
CA SER F 317 33.11 -6.77 9.24
C SER F 317 33.65 -7.92 10.09
N LYS F 318 33.20 -9.14 9.85
CA LYS F 318 33.63 -10.30 10.63
C LYS F 318 34.47 -11.28 9.83
N TYR F 319 34.64 -11.07 8.52
CA TYR F 319 35.43 -11.98 7.70
C TYR F 319 36.40 -11.26 6.77
N ILE F 320 36.36 -9.94 6.71
CA ILE F 320 37.34 -9.16 5.96
C ILE F 320 38.19 -8.43 6.98
N GLU F 321 39.39 -8.93 7.24
CA GLU F 321 40.26 -8.42 8.29
C GLU F 321 40.94 -7.12 7.86
N GLY F 322 40.10 -6.13 7.55
CA GLY F 322 40.56 -4.79 7.24
C GLY F 322 40.21 -3.80 8.34
N LYS F 323 40.59 -2.54 8.11
CA LYS F 323 40.28 -1.47 9.04
C LYS F 323 39.33 -0.45 8.43
N GLU F 324 39.70 0.15 7.30
CA GLU F 324 38.85 1.13 6.63
C GLU F 324 39.08 0.98 5.13
N PHE F 325 38.18 0.28 4.44
CA PHE F 325 38.35 0.03 3.02
C PHE F 325 37.02 0.26 2.30
N ILE F 326 37.14 0.67 1.04
CA ILE F 326 36.00 0.82 0.14
C ILE F 326 36.30 -0.01 -1.10
N ILE F 327 35.43 -0.97 -1.40
CA ILE F 327 35.66 -1.94 -2.46
C ILE F 327 34.44 -1.97 -3.37
N GLU F 328 34.49 -2.85 -4.37
CA GLU F 328 33.41 -3.00 -5.35
C GLU F 328 33.16 -4.48 -5.60
N GLY F 329 31.89 -4.84 -5.71
CA GLY F 329 31.54 -6.23 -5.93
C GLY F 329 30.09 -6.37 -6.30
N GLU F 330 29.66 -7.62 -6.47
CA GLU F 330 28.31 -7.95 -6.89
C GLU F 330 27.69 -8.93 -5.91
N ILE F 331 26.41 -8.73 -5.60
CA ILE F 331 25.71 -9.55 -4.62
C ILE F 331 24.65 -10.40 -5.32
N VAL F 332 25.04 -11.61 -5.73
CA VAL F 332 24.17 -12.48 -6.52
C VAL F 332 23.41 -13.40 -5.58
N ALA F 333 22.13 -13.61 -5.86
CA ALA F 333 21.32 -14.52 -5.09
C ALA F 333 21.82 -15.95 -5.26
N ILE F 334 21.60 -16.78 -4.23
CA ILE F 334 22.11 -18.15 -4.19
C ILE F 334 20.94 -19.11 -4.00
N ASP F 335 20.99 -20.23 -4.71
CA ASP F 335 19.96 -21.23 -4.61
C ASP F 335 19.93 -21.82 -3.20
N PRO F 336 18.75 -22.15 -2.67
CA PRO F 336 18.67 -22.67 -1.30
C PRO F 336 19.22 -24.07 -1.13
N GLU F 337 19.53 -24.78 -2.21
CA GLU F 337 20.04 -26.14 -2.12
C GLU F 337 21.53 -26.20 -2.38
N SER F 338 22.00 -25.63 -3.49
CA SER F 338 23.41 -25.62 -3.84
C SER F 338 23.79 -24.24 -4.37
N GLY F 339 25.06 -24.08 -4.72
CA GLY F 339 25.52 -22.83 -5.26
C GLY F 339 25.57 -22.82 -6.77
N GLU F 340 24.53 -22.28 -7.40
CA GLU F 340 24.49 -22.15 -8.85
C GLU F 340 23.90 -20.80 -9.27
N MET F 341 23.92 -19.80 -8.39
CA MET F 341 23.41 -18.47 -8.65
C MET F 341 21.92 -18.49 -8.98
N ARG F 342 21.37 -17.32 -9.30
CA ARG F 342 19.93 -17.19 -9.53
C ARG F 342 19.70 -15.94 -10.36
N PRO F 343 18.55 -15.84 -11.05
CA PRO F 343 18.22 -14.59 -11.74
C PRO F 343 18.07 -13.46 -10.74
N PHE F 344 18.41 -12.25 -11.19
CA PHE F 344 18.23 -11.09 -10.34
C PHE F 344 16.76 -10.85 -10.01
N GLN F 345 15.84 -11.40 -10.82
CA GLN F 345 14.42 -11.32 -10.50
C GLN F 345 14.13 -11.99 -9.17
N GLU F 346 14.70 -13.18 -8.94
CA GLU F 346 14.58 -13.81 -7.64
C GLU F 346 15.31 -13.03 -6.55
N LEU F 347 16.44 -12.40 -6.91
CA LEU F 347 17.16 -11.56 -5.96
C LEU F 347 16.32 -10.38 -5.51
N MET F 348 15.33 -9.98 -6.31
CA MET F 348 14.50 -8.82 -5.96
C MET F 348 13.75 -9.02 -4.65
N HIS F 349 13.59 -10.26 -4.19
CA HIS F 349 12.88 -10.51 -2.93
C HIS F 349 13.57 -9.88 -1.73
N ARG F 350 14.84 -9.48 -1.85
CA ARG F 350 15.60 -8.94 -0.74
C ARG F 350 15.47 -7.42 -0.63
N LYS F 351 14.37 -6.86 -1.12
CA LYS F 351 14.11 -5.44 -1.00
C LYS F 351 13.08 -5.11 0.08
N ARG F 352 12.74 -6.09 0.92
CA ARG F 352 11.76 -5.87 1.97
C ARG F 352 12.37 -5.07 3.12
N LYS F 353 11.50 -4.37 3.84
CA LYS F 353 11.92 -3.57 4.99
C LYS F 353 11.29 -4.02 6.30
N SER F 354 10.27 -4.86 6.28
CA SER F 354 9.56 -5.25 7.48
C SER F 354 9.83 -6.70 7.87
N ASP F 355 9.54 -7.65 6.98
CA ASP F 355 9.80 -9.05 7.26
C ASP F 355 11.17 -9.47 6.76
N ILE F 356 12.18 -8.70 7.15
CA ILE F 356 13.52 -8.88 6.58
C ILE F 356 14.12 -10.19 7.05
N TYR F 357 14.05 -10.47 8.35
CA TYR F 357 14.71 -11.65 8.91
C TYR F 357 14.05 -12.95 8.47
N GLU F 358 12.86 -12.91 7.87
CA GLU F 358 12.19 -14.12 7.44
C GLU F 358 12.67 -14.58 6.07
N ALA F 359 12.85 -13.64 5.13
CA ALA F 359 13.28 -14.00 3.80
C ALA F 359 14.70 -14.55 3.77
N ILE F 360 15.49 -14.29 4.81
CA ILE F 360 16.88 -14.73 4.83
C ILE F 360 16.96 -16.25 4.79
N LYS F 361 16.10 -16.92 5.56
CA LYS F 361 16.13 -18.37 5.62
C LYS F 361 15.74 -19.03 4.31
N GLU F 362 15.03 -18.31 3.44
CA GLU F 362 14.56 -18.90 2.18
C GLU F 362 15.54 -18.70 1.04
N TYR F 363 16.10 -17.50 0.90
CA TYR F 363 16.97 -17.18 -0.22
C TYR F 363 18.38 -16.87 0.29
N PRO F 364 19.31 -17.83 0.22
CA PRO F 364 20.70 -17.54 0.58
C PRO F 364 21.38 -16.67 -0.47
N VAL F 365 22.52 -16.10 -0.08
CA VAL F 365 23.25 -15.16 -0.92
C VAL F 365 24.74 -15.44 -0.83
N ASN F 366 25.49 -14.96 -1.81
CA ASN F 366 26.94 -15.01 -1.80
C ASN F 366 27.48 -13.86 -2.63
N VAL F 367 28.30 -13.02 -2.02
CA VAL F 367 28.85 -11.84 -2.68
C VAL F 367 30.19 -12.20 -3.31
N PHE F 368 30.56 -11.48 -4.36
CA PHE F 368 31.88 -11.56 -4.96
C PHE F 368 32.49 -10.16 -5.02
N LEU F 369 33.81 -10.09 -4.93
CA LEU F 369 34.53 -8.82 -4.90
C LEU F 369 35.51 -8.77 -6.06
N PHE F 370 35.39 -7.74 -6.90
CA PHE F 370 36.28 -7.53 -8.03
C PHE F 370 37.32 -6.46 -7.75
N ASP F 371 36.90 -5.29 -7.28
CA ASP F 371 37.76 -4.13 -7.14
C ASP F 371 38.11 -3.88 -5.69
N LEU F 372 39.25 -3.23 -5.47
CA LEU F 372 39.75 -2.94 -4.14
C LEU F 372 40.59 -1.66 -4.27
N MET F 373 40.01 -0.53 -3.91
CA MET F 373 40.57 0.75 -4.28
C MET F 373 41.00 1.63 -3.11
N TYR F 374 40.90 1.18 -1.87
CA TYR F 374 41.24 2.04 -0.75
C TYR F 374 41.60 1.20 0.46
N TYR F 375 42.80 1.40 0.99
CA TYR F 375 43.22 0.79 2.24
C TYR F 375 44.39 1.58 2.80
N GLU F 376 44.68 1.35 4.08
CA GLU F 376 45.79 2.00 4.76
C GLU F 376 45.72 3.52 4.68
N ASP F 377 44.51 4.05 4.56
CA ASP F 377 44.23 5.49 4.48
C ASP F 377 44.94 6.18 3.31
N VAL F 378 45.44 5.40 2.35
CA VAL F 378 46.14 5.95 1.19
C VAL F 378 45.36 5.56 -0.07
N ASP F 379 45.27 6.49 -1.01
CA ASP F 379 44.47 6.27 -2.21
C ASP F 379 45.07 5.17 -3.08
N TYR F 380 44.20 4.51 -3.84
CA TYR F 380 44.64 3.49 -4.77
C TYR F 380 43.89 3.55 -6.10
N THR F 381 43.30 4.71 -6.41
CA THR F 381 42.48 4.81 -7.63
C THR F 381 43.32 4.62 -8.88
N THR F 382 44.52 5.20 -8.92
CA THR F 382 45.38 5.14 -10.10
C THR F 382 46.58 4.27 -9.76
N LYS F 383 46.42 2.95 -9.95
CA LYS F 383 47.48 1.99 -9.73
C LYS F 383 47.28 0.84 -10.70
N PRO F 384 48.34 0.10 -11.02
CA PRO F 384 48.20 -1.04 -11.94
C PRO F 384 47.35 -2.15 -11.33
N LEU F 385 46.81 -2.98 -12.21
CA LEU F 385 45.91 -4.05 -11.79
C LEU F 385 46.68 -5.27 -11.30
N GLU F 386 47.63 -5.06 -10.42
CA GLU F 386 48.32 -6.13 -9.72
C GLU F 386 48.29 -5.96 -8.21
N ALA F 387 48.38 -4.73 -7.72
CA ALA F 387 48.13 -4.42 -6.33
C ALA F 387 46.68 -4.03 -6.09
N ARG F 388 45.85 -4.08 -7.12
CA ARG F 388 44.42 -3.84 -7.00
C ARG F 388 43.61 -5.13 -7.19
N ARG F 389 43.88 -5.88 -8.25
CA ARG F 389 43.18 -7.13 -8.48
C ARG F 389 43.44 -8.14 -7.38
N LYS F 390 44.69 -8.23 -6.93
CA LYS F 390 45.10 -9.17 -5.88
C LYS F 390 45.85 -8.37 -4.83
N LEU F 391 45.14 -7.81 -3.86
CA LEU F 391 45.75 -6.97 -2.83
C LEU F 391 45.66 -7.57 -1.44
N LEU F 392 44.45 -7.83 -0.95
CA LEU F 392 44.26 -8.34 0.41
C LEU F 392 43.98 -9.85 0.40
N GLU F 393 44.96 -10.60 -0.10
CA GLU F 393 44.80 -12.05 -0.16
C GLU F 393 44.92 -12.72 1.20
N SER F 394 45.68 -12.14 2.12
CA SER F 394 45.75 -12.63 3.49
C SER F 394 44.63 -12.08 4.36
N ILE F 395 43.77 -11.22 3.80
CA ILE F 395 42.67 -10.63 4.54
C ILE F 395 41.35 -11.28 4.21
N VAL F 396 41.02 -11.39 2.93
CA VAL F 396 39.79 -12.03 2.49
C VAL F 396 40.13 -13.52 2.32
N LYS F 397 40.06 -14.26 3.43
CA LYS F 397 40.39 -15.68 3.50
C LYS F 397 39.23 -16.53 3.00
N PRO F 398 39.50 -17.74 2.50
CA PRO F 398 38.41 -18.59 2.00
C PRO F 398 37.51 -19.07 3.13
N ASN F 399 36.21 -19.06 2.86
CA ASN F 399 35.20 -19.50 3.81
C ASN F 399 34.01 -20.05 3.03
N ASP F 400 32.98 -20.47 3.77
CA ASP F 400 31.74 -20.94 3.18
C ASP F 400 30.86 -19.80 2.70
N TYR F 401 31.42 -18.59 2.58
CA TYR F 401 30.67 -17.38 2.29
C TYR F 401 31.53 -16.57 1.33
N VAL F 402 31.26 -15.26 1.29
CA VAL F 402 31.75 -14.33 0.26
C VAL F 402 33.19 -14.63 -0.13
N LYS F 403 33.42 -14.79 -1.43
CA LYS F 403 34.72 -15.09 -2.00
C LYS F 403 35.05 -14.07 -3.09
N ILE F 404 36.15 -14.29 -3.77
CA ILE F 404 36.54 -13.48 -4.92
C ILE F 404 36.31 -14.31 -6.18
N ALA F 405 35.88 -13.66 -7.25
CA ALA F 405 35.53 -14.36 -8.48
C ALA F 405 36.73 -15.13 -9.01
N HIS F 406 36.47 -16.35 -9.50
CA HIS F 406 37.53 -17.23 -9.96
C HIS F 406 38.20 -16.63 -11.19
N HIS F 407 39.52 -16.49 -11.15
CA HIS F 407 40.30 -15.95 -12.25
C HIS F 407 41.51 -16.84 -12.50
N ILE F 408 41.81 -17.07 -13.78
CA ILE F 408 42.97 -17.86 -14.18
C ILE F 408 43.66 -17.12 -15.33
N GLN F 409 44.98 -17.04 -15.25
CA GLN F 409 45.75 -16.32 -16.27
C GLN F 409 45.70 -17.05 -17.59
N ALA F 410 45.18 -16.39 -18.63
CA ALA F 410 45.14 -17.00 -19.95
C ALA F 410 46.52 -17.02 -20.57
N ASN F 411 46.93 -18.19 -21.06
CA ASN F 411 48.29 -18.34 -21.58
C ASN F 411 48.39 -17.88 -23.03
N ASN F 412 47.63 -18.50 -23.93
CA ASN F 412 47.75 -18.25 -25.36
C ASN F 412 46.40 -17.83 -25.92
N VAL F 413 46.37 -17.65 -27.25
CA VAL F 413 45.17 -17.17 -27.92
C VAL F 413 44.03 -18.17 -27.78
N GLU F 414 44.33 -19.45 -27.98
CA GLU F 414 43.30 -20.48 -27.93
C GLU F 414 42.69 -20.64 -26.54
N ASP F 415 43.32 -20.09 -25.51
CA ASP F 415 42.81 -20.18 -24.14
C ASP F 415 41.76 -19.13 -23.84
N LEU F 416 41.44 -18.25 -24.79
CA LEU F 416 40.39 -17.27 -24.61
C LEU F 416 38.99 -17.87 -24.68
N LYS F 417 38.87 -19.13 -25.10
CA LYS F 417 37.57 -19.77 -25.25
C LYS F 417 37.48 -21.11 -24.54
N SER F 418 38.59 -21.64 -24.02
CA SER F 418 38.56 -22.94 -23.35
C SER F 418 37.78 -22.90 -22.04
N PHE F 419 37.94 -21.85 -21.25
CA PHE F 419 37.24 -21.72 -19.98
C PHE F 419 35.77 -21.37 -20.15
N PHE F 420 35.32 -21.06 -21.38
CA PHE F 420 33.92 -20.75 -21.61
C PHE F 420 33.03 -21.93 -21.25
N TYR F 421 33.45 -23.14 -21.60
CA TYR F 421 32.64 -24.33 -21.34
C TYR F 421 32.41 -24.53 -19.85
N ARG F 422 33.42 -24.28 -19.02
CA ARG F 422 33.27 -24.40 -17.58
C ARG F 422 32.53 -23.23 -16.96
N ALA F 423 32.75 -22.01 -17.46
CA ALA F 423 32.14 -20.84 -16.83
C ALA F 423 30.70 -20.59 -17.27
N ILE F 424 30.26 -21.21 -18.38
CA ILE F 424 28.87 -21.04 -18.79
C ILE F 424 27.92 -21.78 -17.85
N SER F 425 28.42 -22.81 -17.17
CA SER F 425 27.56 -23.58 -16.26
C SER F 425 27.06 -22.72 -15.10
N GLU F 426 27.83 -21.72 -14.69
CA GLU F 426 27.40 -20.85 -13.61
C GLU F 426 26.14 -20.08 -13.98
N GLY F 427 26.07 -19.59 -15.22
CA GLY F 427 24.92 -18.84 -15.68
C GLY F 427 25.19 -17.38 -15.97
N GLY F 428 26.39 -16.87 -15.74
CA GLY F 428 26.70 -15.49 -16.07
C GLY F 428 27.07 -15.25 -17.52
N GLU F 429 27.20 -16.31 -18.31
CA GLU F 429 27.55 -16.24 -19.72
C GLU F 429 28.88 -15.53 -19.94
N GLY F 430 28.82 -14.24 -20.28
CA GLY F 430 30.01 -13.54 -20.71
C GLY F 430 31.01 -13.30 -19.59
N VAL F 431 32.23 -12.94 -19.99
CA VAL F 431 33.33 -12.66 -19.09
C VAL F 431 33.93 -11.32 -19.47
N MET F 432 34.86 -10.85 -18.64
CA MET F 432 35.58 -9.61 -18.88
C MET F 432 37.04 -9.93 -19.18
N VAL F 433 37.75 -8.93 -19.72
CA VAL F 433 39.17 -9.06 -20.01
C VAL F 433 39.90 -7.96 -19.23
N LYS F 434 40.74 -8.38 -18.29
CA LYS F 434 41.57 -7.45 -17.55
C LYS F 434 42.77 -7.04 -18.40
N ALA F 435 42.92 -5.75 -18.61
CA ALA F 435 43.98 -5.20 -19.44
C ALA F 435 45.07 -4.64 -18.54
N ILE F 436 46.28 -5.16 -18.69
CA ILE F 436 47.40 -4.65 -17.91
C ILE F 436 48.01 -3.43 -18.61
N GLY F 437 48.82 -2.69 -17.85
CA GLY F 437 49.47 -1.52 -18.38
C GLY F 437 49.10 -0.24 -17.66
N LYS F 438 50.03 0.72 -17.62
CA LYS F 438 49.76 1.98 -16.94
C LYS F 438 48.59 2.73 -17.58
N ASP F 439 48.39 2.55 -18.88
CA ASP F 439 47.25 3.17 -19.54
C ASP F 439 45.93 2.55 -19.09
N ALA F 440 45.97 1.39 -18.46
CA ALA F 440 44.76 0.68 -18.03
C ALA F 440 44.74 0.62 -16.50
N ILE F 441 44.07 1.59 -15.88
CA ILE F 441 43.88 1.62 -14.44
C ILE F 441 42.39 1.71 -14.17
N TYR F 442 42.01 1.92 -12.92
CA TYR F 442 40.59 1.94 -12.55
C TYR F 442 40.05 3.36 -12.44
N GLN F 443 40.50 4.27 -13.29
CA GLN F 443 39.98 5.63 -13.31
C GLN F 443 38.51 5.62 -13.72
N ALA F 444 37.63 5.94 -12.79
CA ALA F 444 36.19 5.87 -13.04
C ALA F 444 35.66 7.22 -13.54
N GLY F 445 34.40 7.20 -13.97
CA GLY F 445 33.71 8.39 -14.43
C GLY F 445 33.15 8.29 -15.83
N ALA F 446 33.80 7.54 -16.72
CA ALA F 446 33.38 7.42 -18.11
C ALA F 446 33.28 5.95 -18.49
N ARG F 447 32.17 5.59 -19.12
CA ARG F 447 31.92 4.22 -19.57
C ARG F 447 32.46 4.07 -20.97
N GLY F 448 33.60 3.37 -21.10
CA GLY F 448 34.21 3.20 -22.40
C GLY F 448 35.30 2.16 -22.48
N TRP F 449 36.24 2.37 -23.40
CA TRP F 449 37.32 1.42 -23.67
C TRP F 449 38.37 1.53 -22.57
N LEU F 450 38.05 0.90 -21.43
CA LEU F 450 38.99 0.82 -20.32
C LEU F 450 39.46 -0.60 -20.07
N TRP F 451 38.52 -1.53 -19.85
CA TRP F 451 38.83 -2.95 -19.78
C TRP F 451 37.60 -3.70 -20.27
N ILE F 452 37.82 -4.66 -21.17
CA ILE F 452 36.74 -5.19 -21.99
C ILE F 452 35.76 -5.94 -21.09
N LYS F 453 34.53 -5.43 -20.99
CA LYS F 453 33.44 -6.14 -20.32
C LYS F 453 32.62 -6.84 -21.40
N LEU F 454 33.25 -7.85 -22.01
CA LEU F 454 32.63 -8.58 -23.10
C LEU F 454 31.45 -9.41 -22.58
N LYS F 455 30.73 -10.04 -23.52
CA LYS F 455 29.68 -10.98 -23.18
C LYS F 455 29.74 -12.23 -24.03
N ARG F 456 30.90 -12.55 -24.61
CA ARG F 456 31.05 -13.67 -25.54
C ARG F 456 30.04 -13.57 -26.67
N ASP F 457 29.04 -14.46 -26.64
CA ASP F 457 27.92 -14.40 -27.56
C ASP F 457 26.60 -14.24 -26.84
N TYR F 458 26.61 -14.12 -25.51
CA TYR F 458 25.46 -13.96 -24.62
C TYR F 458 24.39 -14.99 -24.98
N GLN F 459 23.13 -14.69 -24.69
CA GLN F 459 22.02 -15.58 -24.98
C GLN F 459 20.87 -14.75 -25.55
N SER F 460 20.38 -15.13 -26.72
CA SER F 460 19.32 -14.42 -27.41
C SER F 460 18.00 -15.18 -27.24
N GLU F 461 16.93 -14.58 -27.75
CA GLU F 461 15.61 -15.17 -27.67
C GLU F 461 15.39 -16.10 -28.86
N MET F 462 14.16 -16.60 -29.00
CA MET F 462 13.81 -17.51 -30.08
C MET F 462 13.11 -16.73 -31.20
N ALA F 463 12.85 -17.41 -32.31
CA ALA F 463 12.23 -16.81 -33.48
C ALA F 463 11.06 -17.67 -33.95
N ASP F 464 9.91 -17.02 -34.14
CA ASP F 464 8.71 -17.69 -34.63
C ASP F 464 7.97 -16.73 -35.55
N THR F 465 7.65 -17.17 -36.75
CA THR F 465 7.01 -16.33 -37.76
C THR F 465 5.52 -16.65 -37.84
N VAL F 466 4.69 -15.62 -37.62
CA VAL F 466 3.24 -15.73 -37.72
C VAL F 466 2.70 -14.49 -38.41
N ASP F 467 1.47 -14.59 -38.90
CA ASP F 467 0.78 -13.48 -39.55
C ASP F 467 -0.39 -13.05 -38.68
N LEU F 468 -0.48 -11.75 -38.40
CA LEU F 468 -1.50 -11.21 -37.51
C LEU F 468 -2.19 -10.03 -38.19
N VAL F 469 -3.42 -9.76 -37.73
CA VAL F 469 -4.27 -8.73 -38.32
C VAL F 469 -4.28 -7.51 -37.43
N VAL F 470 -4.14 -6.33 -38.03
CA VAL F 470 -4.17 -5.08 -37.28
C VAL F 470 -5.62 -4.74 -36.97
N VAL F 471 -5.92 -4.56 -35.67
CA VAL F 471 -7.26 -4.22 -35.24
C VAL F 471 -7.32 -2.92 -34.45
N GLY F 472 -6.19 -2.33 -34.12
CA GLY F 472 -6.19 -1.09 -33.34
C GLY F 472 -4.80 -0.48 -33.33
N GLY F 473 -4.73 0.69 -32.70
CA GLY F 473 -3.47 1.41 -32.62
C GLY F 473 -3.38 2.25 -31.37
N PHE F 474 -2.14 2.54 -30.98
CA PHE F 474 -1.87 3.36 -29.81
C PHE F 474 -0.87 4.45 -30.17
N TYR F 475 -1.14 5.67 -29.73
CA TYR F 475 -0.18 6.75 -29.86
C TYR F 475 0.99 6.53 -28.90
N GLY F 476 2.20 6.78 -29.38
CA GLY F 476 3.39 6.61 -28.58
C GLY F 476 3.64 7.78 -27.66
N LYS F 477 4.72 7.68 -26.89
CA LYS F 477 5.13 8.72 -25.96
C LYS F 477 6.50 9.24 -26.36
N GLY F 478 6.78 10.48 -25.96
CA GLY F 478 8.06 11.09 -26.23
C GLY F 478 8.00 12.11 -27.35
N LYS F 479 9.18 12.64 -27.67
CA LYS F 479 9.30 13.67 -28.69
C LYS F 479 8.82 13.18 -30.05
N ARG F 480 8.91 11.87 -30.30
CA ARG F 480 8.41 11.27 -31.53
C ARG F 480 7.13 10.47 -31.32
N GLY F 481 6.44 10.68 -30.20
CA GLY F 481 5.25 9.94 -29.88
C GLY F 481 3.96 10.45 -30.46
N GLY F 482 4.01 11.52 -31.26
CA GLY F 482 2.78 12.08 -31.80
C GLY F 482 2.05 11.11 -32.72
N LYS F 483 2.79 10.34 -33.49
CA LYS F 483 2.20 9.38 -34.42
C LYS F 483 1.75 8.12 -33.68
N ILE F 484 0.95 7.31 -34.38
CA ILE F 484 0.45 6.04 -33.83
C ILE F 484 1.49 4.99 -34.18
N SER F 485 2.51 4.87 -33.32
CA SER F 485 3.60 3.93 -33.54
C SER F 485 3.41 2.63 -32.76
N SER F 486 2.25 2.44 -32.15
CA SER F 486 1.95 1.23 -31.40
C SER F 486 0.62 0.66 -31.87
N LEU F 487 0.56 -0.66 -31.99
CA LEU F 487 -0.61 -1.34 -32.54
C LEU F 487 -0.97 -2.54 -31.68
N LEU F 488 -2.22 -2.95 -31.78
CA LEU F 488 -2.72 -4.15 -31.13
C LEU F 488 -3.07 -5.17 -32.21
N MET F 489 -2.52 -6.37 -32.09
CA MET F 489 -2.73 -7.43 -33.08
C MET F 489 -3.71 -8.46 -32.53
N ALA F 490 -4.53 -9.01 -33.43
CA ALA F 490 -5.54 -9.99 -33.06
C ALA F 490 -5.48 -11.17 -34.03
N ALA F 491 -5.97 -12.32 -33.55
CA ALA F 491 -5.95 -13.55 -34.33
C ALA F 491 -7.37 -13.98 -34.65
N TYR F 492 -7.55 -14.54 -35.85
CA TYR F 492 -8.86 -14.99 -36.30
C TYR F 492 -9.17 -16.37 -35.70
N ASN F 493 -10.39 -16.52 -35.19
CA ASN F 493 -10.84 -17.77 -34.59
C ASN F 493 -11.96 -18.36 -35.45
N PRO F 494 -11.69 -19.38 -36.26
CA PRO F 494 -12.76 -19.95 -37.10
C PRO F 494 -13.92 -20.51 -36.30
N LYS F 495 -13.68 -21.03 -35.10
CA LYS F 495 -14.75 -21.64 -34.32
C LYS F 495 -15.83 -20.64 -33.94
N THR F 496 -15.43 -19.45 -33.51
CA THR F 496 -16.37 -18.42 -33.06
C THR F 496 -16.51 -17.26 -34.03
N ASP F 497 -15.75 -17.25 -35.13
CA ASP F 497 -15.77 -16.16 -36.10
C ASP F 497 -15.53 -14.82 -35.42
N SER F 498 -14.57 -14.79 -34.50
CA SER F 498 -14.25 -13.59 -33.74
C SER F 498 -12.74 -13.42 -33.68
N PHE F 499 -12.32 -12.17 -33.49
CA PHE F 499 -10.91 -11.82 -33.39
C PHE F 499 -10.55 -11.54 -31.94
N GLU F 500 -9.48 -12.18 -31.47
CA GLU F 500 -9.00 -12.03 -30.10
C GLU F 500 -7.56 -11.56 -30.12
N SER F 501 -7.26 -10.54 -29.30
CA SER F 501 -5.91 -9.99 -29.27
C SER F 501 -4.93 -11.02 -28.73
N VAL F 502 -3.73 -11.04 -29.33
CA VAL F 502 -2.71 -12.01 -28.95
C VAL F 502 -1.46 -11.29 -28.43
N CYS F 503 -1.24 -10.07 -28.90
CA CYS F 503 -0.06 -9.31 -28.49
C CYS F 503 -0.25 -7.86 -28.87
N LYS F 504 0.54 -7.00 -28.22
CA LYS F 504 0.58 -5.57 -28.51
C LYS F 504 1.95 -5.25 -29.09
N VAL F 505 1.95 -4.62 -30.26
CA VAL F 505 3.17 -4.32 -31.00
C VAL F 505 3.39 -2.82 -31.00
N ALA F 506 4.59 -2.40 -30.61
CA ALA F 506 4.96 -1.00 -30.61
C ALA F 506 6.28 -0.69 -31.32
N SER F 507 7.08 -1.70 -31.64
CA SER F 507 8.36 -1.50 -32.32
C SER F 507 8.51 -2.50 -33.45
N GLY F 508 9.28 -2.11 -34.46
CA GLY F 508 9.53 -2.98 -35.59
C GLY F 508 9.21 -2.35 -36.93
N PHE F 509 8.75 -1.11 -36.91
CA PHE F 509 8.36 -0.40 -38.12
C PHE F 509 9.40 0.64 -38.50
N SER F 510 9.71 0.72 -39.80
CA SER F 510 10.63 1.72 -40.29
C SER F 510 9.94 3.09 -40.30
N ASP F 511 10.70 4.12 -40.70
CA ASP F 511 10.15 5.47 -40.73
C ASP F 511 9.02 5.58 -41.74
N GLU F 512 9.22 5.05 -42.94
CA GLU F 512 8.19 5.11 -43.97
C GLU F 512 6.96 4.30 -43.57
N GLN F 513 7.16 3.12 -42.99
CA GLN F 513 6.04 2.31 -42.53
C GLN F 513 5.26 3.03 -41.44
N LEU F 514 5.96 3.64 -40.49
CA LEU F 514 5.30 4.37 -39.42
C LEU F 514 4.51 5.55 -39.98
N ASP F 515 5.09 6.28 -40.93
CA ASP F 515 4.38 7.42 -41.54
C ASP F 515 3.14 6.96 -42.27
N GLU F 516 3.23 5.85 -43.03
CA GLU F 516 2.08 5.36 -43.77
C GLU F 516 1.03 4.73 -42.87
N LEU F 517 1.42 4.29 -41.67
CA LEU F 517 0.46 3.67 -40.76
C LEU F 517 -0.68 4.62 -40.39
N GLN F 518 -0.35 5.89 -40.13
CA GLN F 518 -1.37 6.85 -39.73
C GLN F 518 -2.39 7.05 -40.85
N LYS F 519 -1.92 7.24 -42.08
CA LYS F 519 -2.83 7.41 -43.20
C LYS F 519 -3.65 6.14 -43.45
N LYS F 520 -3.01 4.97 -43.35
CA LYS F 520 -3.73 3.72 -43.55
C LYS F 520 -4.83 3.53 -42.52
N LEU F 521 -4.55 3.85 -41.25
CA LEU F 521 -5.57 3.76 -40.23
C LEU F 521 -6.67 4.81 -40.41
N MET F 522 -6.31 6.03 -40.82
CA MET F 522 -7.32 7.06 -41.04
C MET F 522 -8.26 6.69 -42.18
N GLU F 523 -7.74 6.07 -43.22
CA GLU F 523 -8.59 5.64 -44.33
C GLU F 523 -9.61 4.59 -43.90
N ILE F 524 -9.34 3.86 -42.82
CA ILE F 524 -10.26 2.85 -42.30
C ILE F 524 -10.62 3.14 -40.85
N LYS F 525 -10.53 4.40 -40.43
CA LYS F 525 -10.83 4.76 -39.05
C LYS F 525 -12.33 4.64 -38.79
N ARG F 526 -12.67 4.01 -37.66
CA ARG F 526 -14.06 3.88 -37.22
C ARG F 526 -14.15 4.27 -35.75
N ASP F 527 -15.31 4.83 -35.39
CA ASP F 527 -15.49 5.32 -34.03
C ASP F 527 -15.68 4.17 -33.03
N VAL F 528 -16.45 3.16 -33.41
CA VAL F 528 -16.85 2.11 -32.49
C VAL F 528 -16.11 0.81 -32.84
N LYS F 529 -16.00 -0.05 -31.84
CA LYS F 529 -15.31 -1.32 -32.01
C LYS F 529 -16.08 -2.23 -32.96
N HIS F 530 -15.34 -2.93 -33.81
CA HIS F 530 -15.94 -3.91 -34.70
C HIS F 530 -16.49 -5.07 -33.87
N PRO F 531 -17.71 -5.55 -34.19
CA PRO F 531 -18.32 -6.60 -33.36
C PRO F 531 -17.57 -7.92 -33.37
N ARG F 532 -16.74 -8.18 -34.38
CA ARG F 532 -16.06 -9.45 -34.53
C ARG F 532 -14.66 -9.45 -33.92
N VAL F 533 -14.27 -8.37 -33.24
CA VAL F 533 -12.99 -8.31 -32.54
C VAL F 533 -13.26 -7.95 -31.08
N ASN F 534 -12.67 -8.70 -30.17
CA ASN F 534 -12.85 -8.50 -28.74
C ASN F 534 -11.49 -8.49 -28.05
N SER F 535 -11.31 -7.54 -27.14
CA SER F 535 -10.07 -7.42 -26.40
C SER F 535 -10.33 -6.63 -25.13
N LYS F 536 -9.61 -7.00 -24.06
CA LYS F 536 -9.76 -6.32 -22.78
C LYS F 536 -9.01 -4.99 -22.72
N MET F 537 -8.10 -4.74 -23.67
CA MET F 537 -7.35 -3.49 -23.70
C MET F 537 -8.10 -2.47 -24.54
N GLU F 538 -8.08 -1.21 -24.09
CA GLU F 538 -8.79 -0.15 -24.78
C GLU F 538 -7.80 0.67 -25.60
N PRO F 539 -7.82 0.59 -26.93
CA PRO F 539 -6.94 1.42 -27.74
C PRO F 539 -7.45 2.85 -27.82
N ASP F 540 -6.57 3.74 -28.28
CA ASP F 540 -6.95 5.14 -28.46
C ASP F 540 -8.02 5.28 -29.51
N ILE F 541 -7.91 4.54 -30.62
CA ILE F 541 -8.90 4.54 -31.68
C ILE F 541 -9.19 3.10 -32.08
N TRP F 542 -10.29 2.92 -32.81
CA TRP F 542 -10.70 1.62 -33.33
C TRP F 542 -10.48 1.58 -34.83
N VAL F 543 -9.87 0.50 -35.31
CA VAL F 543 -9.45 0.38 -36.71
C VAL F 543 -10.12 -0.85 -37.31
N GLU F 544 -10.68 -0.68 -38.50
CA GLU F 544 -11.27 -1.81 -39.21
C GLU F 544 -10.20 -2.82 -39.59
N PRO F 545 -10.41 -4.11 -39.36
CA PRO F 545 -9.41 -5.11 -39.77
C PRO F 545 -9.38 -5.25 -41.29
N VAL F 546 -8.33 -4.71 -41.91
CA VAL F 546 -8.22 -4.70 -43.37
C VAL F 546 -6.91 -5.34 -43.79
N TYR F 547 -5.81 -4.89 -43.19
CA TYR F 547 -4.47 -5.33 -43.57
C TYR F 547 -3.92 -6.34 -42.57
N VAL F 548 -3.06 -7.21 -43.07
CA VAL F 548 -2.45 -8.28 -42.27
C VAL F 548 -0.94 -8.10 -42.32
N ALA F 549 -0.30 -8.19 -41.16
CA ALA F 549 1.14 -8.01 -41.04
C ALA F 549 1.77 -9.21 -40.35
N GLU F 550 3.03 -9.49 -40.71
CA GLU F 550 3.78 -10.57 -40.10
C GLU F 550 4.58 -10.05 -38.91
N ILE F 551 4.43 -10.72 -37.77
CA ILE F 551 5.10 -10.33 -36.54
C ILE F 551 5.89 -11.53 -36.03
N ILE F 552 7.15 -11.30 -35.66
CA ILE F 552 8.01 -12.35 -35.11
C ILE F 552 8.13 -12.13 -33.61
N GLY F 553 8.21 -13.23 -32.87
CA GLY F 553 8.31 -13.16 -31.42
C GLY F 553 9.30 -14.15 -30.85
N SER F 554 9.38 -14.22 -29.53
CA SER F 554 10.31 -15.12 -28.83
C SER F 554 9.60 -16.37 -28.33
N GLU F 555 8.56 -16.18 -27.50
CA GLU F 555 7.86 -17.31 -26.91
C GLU F 555 6.44 -16.88 -26.54
N ILE F 556 5.59 -17.87 -26.33
CA ILE F 556 4.20 -17.63 -25.94
C ILE F 556 4.13 -17.60 -24.43
N THR F 557 3.65 -16.49 -23.87
CA THR F 557 3.54 -16.31 -22.44
C THR F 557 2.09 -16.03 -22.06
N ILE F 558 1.71 -16.46 -20.87
CA ILE F 558 0.35 -16.28 -20.38
C ILE F 558 0.18 -14.86 -19.87
N SER F 559 -0.83 -14.16 -20.38
CA SER F 559 -1.10 -12.78 -19.97
C SER F 559 -2.60 -12.55 -19.86
N PRO F 560 -3.10 -12.12 -18.69
CA PRO F 560 -4.54 -11.89 -18.55
C PRO F 560 -5.08 -10.78 -19.44
N LEU F 561 -4.21 -9.89 -19.94
CA LEU F 561 -4.67 -8.78 -20.78
C LEU F 561 -5.28 -9.29 -22.09
N HIS F 562 -4.69 -10.31 -22.69
CA HIS F 562 -5.14 -10.83 -23.98
C HIS F 562 -6.16 -11.95 -23.77
N THR F 563 -7.15 -11.98 -24.65
CA THR F 563 -8.24 -12.95 -24.57
C THR F 563 -8.00 -14.20 -25.41
N CYS F 564 -6.83 -14.32 -26.04
CA CYS F 564 -6.54 -15.50 -26.85
C CYS F 564 -6.41 -16.73 -25.96
N CYS F 565 -7.11 -17.81 -26.35
CA CYS F 565 -7.13 -19.06 -25.58
C CYS F 565 -7.51 -18.81 -24.13
N GLN F 566 -8.60 -18.05 -23.94
CA GLN F 566 -9.05 -17.69 -22.60
C GLN F 566 -9.52 -18.93 -21.85
N ASP F 567 -9.03 -19.09 -20.62
CA ASP F 567 -9.37 -20.18 -19.71
C ASP F 567 -8.97 -21.55 -20.23
N VAL F 568 -8.30 -21.61 -21.40
CA VAL F 568 -7.86 -22.90 -21.93
C VAL F 568 -6.73 -23.47 -21.11
N VAL F 569 -5.76 -22.64 -20.76
CA VAL F 569 -4.60 -23.06 -19.97
C VAL F 569 -4.71 -22.59 -18.53
N GLU F 570 -4.93 -21.29 -18.32
CA GLU F 570 -5.07 -20.71 -17.00
C GLU F 570 -6.35 -19.90 -16.93
N LYS F 571 -7.06 -20.02 -15.81
CA LYS F 571 -8.32 -19.32 -15.64
C LYS F 571 -8.07 -17.82 -15.52
N ASP F 572 -8.97 -17.03 -16.12
CA ASP F 572 -8.90 -15.57 -16.11
C ASP F 572 -7.58 -15.07 -16.71
N ALA F 573 -7.09 -15.76 -17.75
CA ALA F 573 -5.83 -15.39 -18.37
C ALA F 573 -5.82 -15.93 -19.80
N GLY F 574 -4.90 -15.39 -20.61
CA GLY F 574 -4.78 -15.79 -21.99
C GLY F 574 -3.33 -15.80 -22.43
N LEU F 575 -3.10 -16.46 -23.57
CA LEU F 575 -1.76 -16.55 -24.13
C LEU F 575 -1.37 -15.24 -24.82
N SER F 576 -0.08 -14.93 -24.76
CA SER F 576 0.45 -13.73 -25.39
C SER F 576 1.84 -14.02 -25.94
N ILE F 577 2.21 -13.30 -26.99
CA ILE F 577 3.50 -13.46 -27.65
C ILE F 577 4.50 -12.51 -27.01
N ARG F 578 5.62 -13.06 -26.56
CA ARG F 578 6.66 -12.27 -25.91
C ARG F 578 7.59 -11.66 -26.95
N PHE F 579 8.01 -10.40 -26.69
CA PHE F 579 8.94 -9.66 -27.55
C PHE F 579 8.39 -9.51 -28.97
N PRO F 580 7.36 -8.70 -29.18
CA PRO F 580 6.83 -8.53 -30.54
C PRO F 580 7.77 -7.70 -31.41
N ARG F 581 7.95 -8.15 -32.65
CA ARG F 581 8.78 -7.43 -33.62
C ARG F 581 8.15 -7.55 -34.99
N PHE F 582 7.95 -6.42 -35.65
CA PHE F 582 7.38 -6.41 -36.99
C PHE F 582 8.41 -6.85 -38.02
N ILE F 583 7.95 -7.55 -39.06
CA ILE F 583 8.83 -8.01 -40.13
C ILE F 583 8.35 -7.46 -41.47
N ARG F 584 7.15 -7.85 -41.87
CA ARG F 584 6.65 -7.49 -43.20
C ARG F 584 5.14 -7.60 -43.20
N TRP F 585 4.52 -6.98 -44.21
CA TRP F 585 3.08 -7.04 -44.41
C TRP F 585 2.71 -8.23 -45.27
N ARG F 586 1.48 -8.71 -45.11
CA ARG F 586 0.94 -9.83 -45.87
C ARG F 586 -0.29 -9.34 -46.61
N ASP F 587 -0.08 -8.78 -47.80
CA ASP F 587 -1.18 -8.27 -48.61
C ASP F 587 -1.97 -9.37 -49.30
N ASP F 588 -1.38 -10.56 -49.48
CA ASP F 588 -2.03 -11.65 -50.17
C ASP F 588 -2.77 -12.60 -49.23
N LYS F 589 -2.78 -12.33 -47.94
CA LYS F 589 -3.44 -13.17 -46.95
C LYS F 589 -4.60 -12.41 -46.34
N SER F 590 -5.79 -13.00 -46.39
CA SER F 590 -6.97 -12.42 -45.75
C SER F 590 -6.88 -12.58 -44.25
N PRO F 591 -7.62 -11.77 -43.48
CA PRO F 591 -7.63 -11.96 -42.02
C PRO F 591 -8.06 -13.36 -41.60
N GLU F 592 -9.01 -13.96 -42.32
CA GLU F 592 -9.42 -15.33 -42.02
C GLU F 592 -8.29 -16.32 -42.21
N ASP F 593 -7.26 -15.97 -42.98
CA ASP F 593 -6.10 -16.81 -43.16
C ASP F 593 -5.03 -16.58 -42.10
N ALA F 594 -5.29 -15.71 -41.12
CA ALA F 594 -4.30 -15.44 -40.08
C ALA F 594 -4.17 -16.64 -39.15
N THR F 595 -3.19 -16.55 -38.25
CA THR F 595 -2.95 -17.62 -37.29
C THR F 595 -4.16 -17.79 -36.37
N THR F 596 -4.52 -19.05 -36.12
CA THR F 596 -5.70 -19.37 -35.34
C THR F 596 -5.33 -19.71 -33.89
N THR F 597 -6.33 -19.62 -33.02
CA THR F 597 -6.14 -19.93 -31.61
C THR F 597 -5.74 -21.39 -31.42
N ASP F 598 -6.30 -22.29 -32.22
CA ASP F 598 -5.92 -23.70 -32.13
C ASP F 598 -4.45 -23.90 -32.48
N GLU F 599 -3.97 -23.23 -33.53
CA GLU F 599 -2.56 -23.32 -33.88
C GLU F 599 -1.68 -22.71 -32.81
N ILE F 600 -2.11 -21.59 -32.22
CA ILE F 600 -1.36 -20.98 -31.12
C ILE F 600 -1.25 -21.94 -29.95
N LEU F 601 -2.36 -22.58 -29.59
CA LEU F 601 -2.34 -23.54 -28.48
C LEU F 601 -1.44 -24.73 -28.80
N GLU F 602 -1.50 -25.24 -30.04
CA GLU F 602 -0.66 -26.36 -30.42
C GLU F 602 0.82 -25.99 -30.35
N MET F 603 1.17 -24.78 -30.79
CA MET F 603 2.55 -24.32 -30.67
C MET F 603 2.96 -24.18 -29.22
N TYR F 604 2.04 -23.69 -28.37
CA TYR F 604 2.34 -23.56 -26.95
C TYR F 604 2.58 -24.91 -26.29
N ASN F 605 1.81 -25.92 -26.70
CA ASN F 605 1.96 -27.25 -26.12
C ASN F 605 3.33 -27.85 -26.43
N LYS F 606 3.83 -27.63 -27.65
CA LYS F 606 5.11 -28.20 -28.06
C LYS F 606 6.29 -27.55 -27.35
N GLN F 607 6.11 -26.37 -26.76
CA GLN F 607 7.20 -25.72 -26.04
C GLN F 607 7.54 -26.50 -24.78
N PRO F 608 8.82 -26.50 -24.38
CA PRO F 608 9.20 -27.21 -23.15
C PRO F 608 8.51 -26.64 -21.93
N LYS F 609 8.15 -27.53 -20.99
CA LYS F 609 7.48 -27.09 -19.77
C LYS F 609 8.39 -26.21 -18.93
N LYS F 610 9.67 -26.56 -18.83
CA LYS F 610 10.61 -25.79 -18.04
C LYS F 610 11.15 -24.59 -18.83
MN MN G . 15.31 5.76 -7.28
MN MN H . 4.24 9.22 -7.44
MN MN I . 8.52 9.26 -12.45
#